data_5T3X
#
_entry.id   5T3X
#
_cell.length_a   217.509
_cell.length_b   217.509
_cell.length_c   156.009
_cell.angle_alpha   90.00
_cell.angle_beta   90.00
_cell.angle_gamma   120.00
#
_symmetry.space_group_name_H-M   'H 3'
#
loop_
_entity.id
_entity.type
_entity.pdbx_description
1 polymer 'Envelope glycoprotein gp160'
2 polymer 'Envelope glycoprotein gp160'
3 polymer '10-1074 Heavy Chain'
4 polymer '10-1074 Light Chain'
5 polymer 'IOMA Heavy Chain'
6 polymer 'IOMA Light Chain'
7 branched alpha-L-fucopyranose-(1-6)-2-acetamido-2-deoxy-beta-D-glucopyranose
8 branched beta-D-mannopyranose-(1-4)-2-acetamido-2-deoxy-beta-D-glucopyranose-(1-4)-[alpha-L-fucopyranose-(1-6)]2-acetamido-2-deoxy-beta-D-glucopyranose
9 branched 2-acetamido-2-deoxy-beta-D-glucopyranose-(1-4)-[alpha-L-fucopyranose-(1-6)]2-acetamido-2-deoxy-beta-D-glucopyranose
10 branched beta-D-mannopyranose-(1-4)-2-acetamido-2-deoxy-beta-D-glucopyranose-(1-4)-2-acetamido-2-deoxy-beta-D-glucopyranose
11 branched beta-D-galactopyranose-(1-4)-2-acetamido-2-deoxy-beta-D-glucopyranose-(1-4)-[2-acetamido-2-deoxy-beta-D-glucopyranose-(1-2)]alpha-D-mannopyranose-(1-3)-[beta-D-galactopyranose-(1-4)-2-acetamido-2-deoxy-beta-D-glucopyranose-(1-2)-[beta-D-galactopyranose-(1-4)-2-acetamido-2-deoxy-beta-D-glucopyranose-(1-4)]alpha-D-mannopyranose-(1-6)]beta-D-mannopyranose-(1-4)-2-acetamido-2-deoxy-beta-D-glucopyranose-(1-4)-[alpha-L-fucopyranose-(1-6)]2-acetamido-2-deoxy-beta-D-glucopyranose
12 branched beta-D-galactopyranose-(1-4)-2-acetamido-2-deoxy-beta-D-glucopyranose-(1-2)-alpha-D-mannopyranose-(1-3)-[beta-D-galactopyranose-(1-4)-2-acetamido-2-deoxy-beta-D-glucopyranose-(1-2)-alpha-D-mannopyranose-(1-6)]beta-D-mannopyranose-(1-4)-2-acetamido-2-deoxy-beta-D-glucopyranose-(1-4)-[alpha-L-fucopyranose-(1-6)]2-acetamido-2-deoxy-beta-D-glucopyranose
13 branched 'N-acetyl-alpha-neuraminic acid-(2-6)-beta-D-galactopyranose-(1-4)-2-acetamido-2-deoxy-beta-D-glucopyranose-(1-2)-alpha-D-mannopyranose-(1-3)-[2-acetamido-2-deoxy-beta-D-glucopyranose-(1-2)-alpha-D-mannopyranose-(1-6)]beta-D-mannopyranose-(1-4)-2-acetamido-2-deoxy-beta-D-glucopyranose-(1-4)-2-acetamido-2-deoxy-beta-D-glucopyranose'
14 branched 2-acetamido-2-deoxy-beta-D-glucopyranose-(1-4)-2-acetamido-2-deoxy-beta-D-glucopyranose
15 branched alpha-D-mannopyranose-(1-2)-alpha-D-mannopyranose-(1-3)-[alpha-D-mannopyranose-(1-6)-alpha-D-mannopyranose-(1-6)]beta-D-mannopyranose-(1-4)-2-acetamido-2-deoxy-beta-D-glucopyranose-(1-4)-2-acetamido-2-deoxy-beta-D-glucopyranose
16 branched 'N-acetyl-alpha-neuraminic acid-(2-6)-beta-D-galactopyranose-(1-4)-2-acetamido-2-deoxy-beta-D-glucopyranose-(1-2)-[2-acetamido-2-deoxy-beta-D-glucopyranose-(1-4)]alpha-D-mannopyranose-(1-3)-[N-acetyl-alpha-neuraminic acid-(2-6)-beta-D-galactopyranose-(1-4)-2-acetamido-2-deoxy-beta-D-glucopyranose-(1-2)-[beta-D-galactopyranose-(1-4)-2-acetamido-2-deoxy-beta-D-glucopyranose-(1-4)]alpha-D-mannopyranose-(1-6)][2-acetamido-2-deoxy-beta-D-glucopyranose-(1-4)]beta-D-mannopyranose-(1-4)-2-acetamido-2-deoxy-beta-D-glucopyranose-(1-4)-[alpha-L-fucopyranose-(1-6)]2-acetamido-2-deoxy-beta-D-glucopyranose'
17 branched 2-acetamido-2-deoxy-beta-D-glucopyranose-(1-2)-alpha-D-mannopyranose-(1-3)-[2-acetamido-2-deoxy-beta-D-glucopyranose-(1-2)-alpha-D-mannopyranose-(1-6)]beta-D-mannopyranose-(1-4)-2-acetamido-2-deoxy-beta-D-glucopyranose-(1-4)-2-acetamido-2-deoxy-beta-D-glucopyranose
18 branched alpha-D-mannopyranose-(1-2)-alpha-D-mannopyranose-(1-2)-alpha-D-mannopyranose-(1-3)-[alpha-D-mannopyranose-(1-2)-alpha-D-mannopyranose-(1-6)-[alpha-D-mannopyranose-(1-3)]alpha-D-mannopyranose-(1-6)]beta-D-mannopyranose-(1-4)-2-acetamido-2-deoxy-beta-D-glucopyranose-(1-4)-2-acetamido-2-deoxy-beta-D-glucopyranose
19 branched alpha-D-mannopyranose-(1-3)-[alpha-D-mannopyranose-(1-6)]alpha-D-mannopyranose-(1-6)-[alpha-D-mannopyranose-(1-3)]beta-D-mannopyranose-(1-4)-2-acetamido-2-deoxy-beta-D-glucopyranose-(1-4)-2-acetamido-2-deoxy-beta-D-glucopyranose
20 branched alpha-D-mannopyranose-(1-3)-[alpha-D-mannopyranose-(1-6)]beta-D-mannopyranose-(1-4)-2-acetamido-2-deoxy-beta-D-glucopyranose-(1-4)-2-acetamido-2-deoxy-beta-D-glucopyranose
21 branched alpha-D-mannopyranose-(1-3)-[alpha-D-mannopyranose-(1-6)]beta-D-mannopyranose-(1-4)-2-acetamido-2-deoxy-beta-D-glucopyranose-(1-4)-[alpha-L-fucopyranose-(1-6)]2-acetamido-2-deoxy-beta-D-glucopyranose
22 branched alpha-D-mannopyranose-(1-3)-alpha-D-mannopyranose-(1-6)-beta-D-mannopyranose-(1-4)-2-acetamido-2-deoxy-beta-D-glucopyranose-(1-4)-2-acetamido-2-deoxy-beta-D-glucopyranose
23 non-polymer 2-acetamido-2-deoxy-beta-D-glucopyranose
#
loop_
_entity_poly.entity_id
_entity_poly.type
_entity_poly.pdbx_seq_one_letter_code
_entity_poly.pdbx_strand_id
1 'polypeptide(L)'
;AVGIGAVFLGFLGAAGSTMGAASMTLTVQARNLLSGIVQQQSNLLRAPEAQQHLLKLTVWGIKQLQARVLAVERYLRDQQ
LLGIWGCSGKLICCTNVPWNSSWSNRNLSEIWDNMTWLQWDKEISNYTQIIYGLLEESQNQQEKNEQDLLALD
;
B
2 'polypeptide(L)'
;AENLWVTVYYGVPVWKDAETTLFCASDAKAYETEKHNVWATHACVPTDPNPQEIHLENVTEEFNMWKNNMVEQMHTDIIS
LWDQSLKPCVKLTPLCVTLQCTNVTNNITDDMRGELKNCSFNMTTELRDKKQKVYSLFYRLDVVQINENQGNRSNNSNKE
YRLINCNTSAITQACPKVSFEPIPIHYCAPAGFAILKCKDKKFNGTGPCPSVSTVQCTHGIKPVVSTQLLLNGSLAEEEV
MIRSENITNNAKNILVQFNTPVQINCTRPNNNTRKSIRIGPGQAFYATGDIIGDIRQAHCNVSKATWNETLGKVVKQLRK
HFGNNTIIRFANSSGGDLEVTTHSFNCGGEFFYCNTSGLFNSTWISNTSVQGSNSTGSNDSITLPCRIKQIINMWQRIGQ
AMYAPPIQGVIRCVSNITGLILTRDGGSTNSTTETFRPGGGDMRDNWRSELYKYKVVKIEPLGVAPTRCKRRVVGRRRRR
R
;
G
3 'polypeptide(L)'
;QVQLQESGPGLVKPSETLSVTCSVSGDSMNNYYWTWIRQSPGKGLEWIGYISDRESATYNPSLNSRVVISRDTSKNQLSL
KLNSVTPADTAVYYCATARRGQRIYGVVSFGEFFYYYSMDVWGKGTTVTVSSASTKGPSVFPLAPSSKSTSGGTAALGCL
VKDYFPEPVTVSWNSGALTSGVHTFPAVLQSSGLYSLSSVVTVPSSSLGTQTYICNVNHKPSNTKVDKRVEPKSCDKT
;
H
4 'polypeptide(L)'
;SYVRPLSVALGETARISCGRQALGSRAVQWYQHRPGQAPILLIYNNQDRPSGIPERFSGTPDINFGTRATLTISGVEAGD
EADYYCHMWDSRSGFSWSFGGATRLTVLGQPKAAPSVTLFPPSSEELQANKATLVCLISDFYPGAVTVAWKADSSPVKAG
VETTTPSKQSNNKYAASSYLSLTPEQWKSHRSYSCQVTHEGSTVEKTVAPTECS
;
L
5 'polypeptide(L)'
;EVQLVESGAQVKKPGASVTVSCTASGYKFTGYHMHWVRQAPGRGLEWMGWINPFRGAVKYPQNFRGRVSMTRDTSMEIFY
MELSRLTSDDTAVYYCAREMFDSSADWSPWRGMVAWGQGTLVTVSSASTKGPSVFPLAPSSKSTSGGTAALGCLVKDYFP
EPVTVSWNSGALTSGVHTFPAVLQSSGLYSLSSVVTVPSSSLGTQTYICNVNHKPSNTKVDKRVEPKSCDKT
;
D
6 'polypeptide(L)'
;QSALTQPASVSGSPGQSITISCAGSSRDVGGFDLVSWYQQHPGKAPKLIIYEVNKRPSGISSRFSASKSGNTASLTISGL
QEEDEAHYYCYSYADGVAFGGGTKLTVLGQPKAAPSVTLFPPSSEELQANKATLVCLISDFYPGAVTVAWKADSSPVKAG
VETTTPSKQSNNKYAASSYLSLTPEQWKSHRSYSCQVTHEGSTVEKTVAPTECS
;
E
#
loop_
_chem_comp.id
_chem_comp.type
_chem_comp.name
_chem_comp.formula
BMA D-saccharide, beta linking beta-D-mannopyranose 'C6 H12 O6'
FUC L-saccharide, alpha linking alpha-L-fucopyranose 'C6 H12 O5'
GAL D-saccharide, beta linking beta-D-galactopyranose 'C6 H12 O6'
MAN D-saccharide, alpha linking alpha-D-mannopyranose 'C6 H12 O6'
NAG D-saccharide, beta linking 2-acetamido-2-deoxy-beta-D-glucopyranose 'C8 H15 N O6'
SIA D-saccharide, alpha linking 'N-acetyl-alpha-neuraminic acid' 'C11 H19 N O9'
#
# COMPACT_ATOMS: atom_id res chain seq x y z
N VAL A 7 11.00 23.81 -60.73
CA VAL A 7 10.23 23.32 -59.60
C VAL A 7 10.99 22.21 -58.87
N PHE A 8 11.15 22.36 -57.57
CA PHE A 8 11.84 21.39 -56.74
C PHE A 8 10.88 20.91 -55.64
N LEU A 9 10.45 19.66 -55.73
CA LEU A 9 9.55 19.07 -54.74
C LEU A 9 10.28 18.26 -53.69
N GLY A 10 11.60 18.15 -53.76
CA GLY A 10 12.37 17.45 -52.76
C GLY A 10 12.50 15.97 -53.03
N PHE A 11 13.00 15.28 -52.01
CA PHE A 11 13.26 13.85 -52.11
C PHE A 11 11.95 13.07 -52.10
N LEU A 12 11.81 12.12 -53.04
CA LEU A 12 10.66 11.23 -53.13
C LEU A 12 9.34 11.98 -53.32
N GLY A 13 9.40 13.16 -53.95
CA GLY A 13 8.20 13.97 -54.08
C GLY A 13 7.18 13.39 -55.04
N ALA A 14 7.65 12.77 -56.12
CA ALA A 14 6.80 12.33 -57.21
C ALA A 14 6.36 10.87 -57.07
N ALA A 15 6.64 10.23 -55.94
CA ALA A 15 6.29 8.84 -55.69
C ALA A 15 4.86 8.50 -56.08
N GLY A 16 3.90 9.06 -55.36
CA GLY A 16 2.50 8.85 -55.71
C GLY A 16 2.12 9.44 -57.05
N SER A 17 2.90 10.38 -57.56
CA SER A 17 2.67 10.87 -58.90
C SER A 17 3.00 9.79 -59.91
N THR A 18 2.45 9.94 -61.12
CA THR A 18 2.68 8.96 -62.17
C THR A 18 4.15 8.95 -62.56
N MET A 19 4.59 7.80 -63.07
CA MET A 19 6.01 7.63 -63.40
C MET A 19 6.49 8.66 -64.41
N GLY A 20 5.68 8.93 -65.44
CA GLY A 20 6.05 9.97 -66.39
C GLY A 20 6.31 11.30 -65.72
N ALA A 21 5.54 11.61 -64.69
CA ALA A 21 5.79 12.79 -63.88
C ALA A 21 6.90 12.59 -62.85
N ALA A 22 7.31 11.34 -62.60
CA ALA A 22 8.32 11.04 -61.60
C ALA A 22 9.73 11.01 -62.15
N SER A 23 9.89 11.07 -63.47
CA SER A 23 11.21 11.10 -64.09
C SER A 23 11.89 12.45 -64.00
N MET A 24 11.20 13.48 -63.47
CA MET A 24 11.81 14.79 -63.33
C MET A 24 12.60 14.96 -62.05
N THR A 25 12.42 14.08 -61.06
CA THR A 25 13.11 14.17 -59.78
C THR A 25 14.34 13.28 -59.68
N LEU A 26 14.72 12.60 -60.76
CA LEU A 26 15.80 11.61 -60.69
C LEU A 26 17.08 12.21 -60.13
N THR A 27 17.38 13.47 -60.45
CA THR A 27 18.58 14.12 -59.93
C THR A 27 18.45 14.46 -58.45
N VAL A 28 17.25 14.40 -57.88
CA VAL A 28 17.04 14.68 -56.47
C VAL A 28 17.27 13.41 -55.68
N GLN A 29 16.45 12.39 -55.96
CA GLN A 29 16.54 11.11 -55.25
C GLN A 29 17.90 10.44 -55.40
N ALA A 30 18.64 10.71 -56.47
CA ALA A 30 20.00 10.19 -56.63
C ALA A 30 21.06 11.08 -56.00
N ARG A 31 20.74 12.34 -55.69
CA ARG A 31 21.73 13.24 -55.12
C ARG A 31 21.89 13.01 -53.61
N ASN A 32 20.79 12.86 -52.89
CA ASN A 32 20.83 12.60 -51.45
C ASN A 32 20.88 11.12 -51.13
N LEU A 33 20.94 10.25 -52.15
CA LEU A 33 20.96 8.82 -51.90
C LEU A 33 22.24 8.39 -51.20
N LEU A 34 23.36 9.06 -51.47
CA LEU A 34 24.59 8.81 -50.74
C LEU A 34 24.79 9.77 -49.57
N SER A 35 23.98 10.84 -49.48
CA SER A 35 24.08 11.83 -48.41
C SER A 35 25.52 12.31 -48.22
N GLY A 36 26.21 12.57 -49.33
CA GLY A 36 27.58 13.05 -49.28
C GLY A 36 28.56 12.03 -48.73
N THR A 58 33.92 1.63 -27.11
CA THR A 58 32.82 2.50 -26.71
C THR A 58 31.47 1.92 -27.11
N VAL A 59 30.43 2.26 -26.34
CA VAL A 59 29.09 1.75 -26.57
C VAL A 59 28.19 2.93 -26.91
N TRP A 60 27.09 2.60 -27.62
CA TRP A 60 26.08 3.56 -28.06
C TRP A 60 26.61 4.48 -29.15
N GLY A 61 27.94 4.51 -29.33
CA GLY A 61 28.52 5.08 -30.53
C GLY A 61 28.55 4.12 -31.69
N ILE A 62 28.52 2.82 -31.39
CA ILE A 62 28.36 1.81 -32.44
C ILE A 62 26.99 1.90 -33.07
N LYS A 63 26.00 2.44 -32.34
CA LYS A 63 24.63 2.50 -32.83
C LYS A 63 24.54 3.26 -34.14
N GLN A 64 25.18 4.43 -34.21
CA GLN A 64 25.08 5.28 -35.39
C GLN A 64 25.98 4.84 -36.53
N LEU A 65 27.06 4.10 -36.24
CA LEU A 65 28.09 3.87 -37.25
C LEU A 65 27.65 2.82 -38.28
N GLN A 66 27.08 1.71 -37.82
CA GLN A 66 26.69 0.64 -38.74
C GLN A 66 25.54 1.04 -39.67
N ALA A 67 24.81 2.10 -39.33
CA ALA A 67 23.66 2.49 -40.14
C ALA A 67 24.09 3.07 -41.48
N ARG A 68 25.03 4.01 -41.46
CA ARG A 68 25.43 4.72 -42.68
C ARG A 68 26.26 3.87 -43.63
N VAL A 69 26.61 2.64 -43.25
CA VAL A 69 27.38 1.77 -44.14
C VAL A 69 26.49 1.20 -45.24
N LEU A 70 25.24 0.87 -44.91
CA LEU A 70 24.34 0.21 -45.85
C LEU A 70 23.98 1.09 -47.05
N ALA A 71 24.28 2.39 -46.99
CA ALA A 71 23.94 3.27 -48.11
C ALA A 71 24.84 3.01 -49.31
N VAL A 72 26.15 2.95 -49.09
CA VAL A 72 27.07 2.78 -50.21
C VAL A 72 26.95 1.38 -50.80
N GLU A 73 26.56 0.39 -49.99
CA GLU A 73 26.29 -0.94 -50.55
C GLU A 73 25.06 -0.92 -51.44
N ARG A 74 23.99 -0.27 -50.96
CA ARG A 74 22.80 -0.12 -51.79
C ARG A 74 23.07 0.78 -52.99
N TYR A 75 23.95 1.78 -52.83
CA TYR A 75 24.27 2.67 -53.94
C TYR A 75 25.13 1.96 -54.99
N LEU A 76 26.21 1.31 -54.54
CA LEU A 76 27.12 0.68 -55.49
C LEU A 76 26.53 -0.58 -56.11
N ARG A 77 25.62 -1.26 -55.41
CA ARG A 77 24.93 -2.40 -56.02
C ARG A 77 24.14 -1.95 -57.24
N ASP A 78 23.46 -0.82 -57.14
CA ASP A 78 22.82 -0.23 -58.32
C ASP A 78 23.87 0.15 -59.36
N GLN A 79 24.95 0.79 -58.92
CA GLN A 79 26.05 1.11 -59.83
C GLN A 79 26.62 -0.14 -60.47
N GLN A 80 26.67 -1.25 -59.71
CA GLN A 80 27.08 -2.52 -60.29
C GLN A 80 26.07 -3.00 -61.31
N LEU A 81 24.79 -3.02 -60.94
CA LEU A 81 23.75 -3.39 -61.89
C LEU A 81 23.71 -2.42 -63.07
N LEU A 82 23.72 -1.11 -62.78
CA LEU A 82 23.76 -0.12 -63.85
C LEU A 82 24.99 -0.28 -64.73
N GLY A 83 26.10 -0.69 -64.13
CA GLY A 83 27.34 -0.93 -64.84
C GLY A 83 27.34 -2.16 -65.70
N ILE A 84 26.91 -3.30 -65.15
CA ILE A 84 26.86 -4.54 -65.92
C ILE A 84 25.81 -4.48 -67.02
N TRP A 85 24.83 -3.59 -66.90
CA TRP A 85 23.87 -3.38 -67.96
C TRP A 85 24.45 -2.33 -68.92
N GLY A 86 23.64 -1.88 -69.87
CA GLY A 86 24.14 -0.97 -70.88
C GLY A 86 24.06 0.48 -70.47
N CYS A 87 24.02 0.76 -69.17
CA CYS A 87 23.75 2.10 -68.70
C CYS A 87 24.99 2.70 -68.08
N SER A 88 25.27 2.45 -66.80
CA SER A 88 26.34 3.08 -66.04
C SER A 88 26.19 4.60 -66.02
N GLY A 89 25.35 5.14 -66.91
CA GLY A 89 24.99 6.54 -66.84
C GLY A 89 23.81 6.74 -65.91
N LYS A 90 23.84 7.84 -65.18
CA LYS A 90 22.88 8.01 -64.10
C LYS A 90 21.56 8.56 -64.62
N LEU A 91 20.51 8.25 -63.85
CA LEU A 91 19.16 8.80 -63.91
C LEU A 91 18.27 8.27 -65.02
N ILE A 92 18.83 7.72 -66.10
CA ILE A 92 18.02 7.21 -67.21
C ILE A 92 18.85 6.20 -67.99
N CYS A 93 18.17 5.38 -68.80
CA CYS A 93 18.80 4.36 -69.62
C CYS A 93 17.73 3.65 -70.44
N CYS A 94 18.18 2.96 -71.48
CA CYS A 94 17.35 2.07 -72.30
C CYS A 94 18.12 0.78 -72.55
N THR A 95 17.53 -0.12 -73.33
CA THR A 95 18.17 -1.40 -73.58
C THR A 95 17.67 -1.96 -74.91
N ASN A 96 18.41 -2.95 -75.41
CA ASN A 96 18.01 -3.71 -76.60
C ASN A 96 17.17 -4.93 -76.25
N VAL A 97 16.79 -5.09 -74.99
CA VAL A 97 15.94 -6.20 -74.56
C VAL A 97 14.49 -5.79 -74.77
N PRO A 98 13.70 -6.55 -75.52
CA PRO A 98 12.30 -6.19 -75.73
C PRO A 98 11.47 -6.43 -74.48
N TRP A 99 10.29 -5.80 -74.46
CA TRP A 99 9.36 -5.97 -73.36
C TRP A 99 8.38 -7.09 -73.72
N ASN A 100 8.50 -8.21 -73.01
CA ASN A 100 7.54 -9.30 -73.15
C ASN A 100 6.16 -8.81 -72.75
N SER A 101 5.18 -9.02 -73.63
CA SER A 101 3.81 -8.66 -73.28
C SER A 101 3.31 -9.41 -72.06
N SER A 102 3.92 -10.57 -71.76
CA SER A 102 3.64 -11.26 -70.50
C SER A 102 4.05 -10.43 -69.30
N TRP A 103 4.85 -9.39 -69.49
CA TRP A 103 5.18 -8.47 -68.40
C TRP A 103 4.19 -7.32 -68.49
N SER A 104 3.20 -7.32 -67.58
CA SER A 104 2.22 -6.24 -67.44
C SER A 104 1.77 -5.69 -68.78
N ASN A 105 0.99 -6.45 -69.55
CA ASN A 105 0.65 -5.98 -70.89
C ASN A 105 -0.24 -4.75 -70.77
N ARG A 106 0.25 -3.62 -71.28
CA ARG A 106 -0.39 -2.33 -71.10
C ARG A 106 0.08 -1.42 -72.23
N ASN A 107 -0.74 -0.42 -72.52
CA ASN A 107 -0.33 0.64 -73.44
C ASN A 107 0.61 1.61 -72.73
N LEU A 108 1.36 2.38 -73.54
CA LEU A 108 2.31 3.33 -73.00
C LEU A 108 1.64 4.32 -72.05
N SER A 109 0.40 4.72 -72.36
CA SER A 109 -0.32 5.64 -71.49
C SER A 109 -0.88 4.94 -70.26
N GLU A 110 -1.18 3.64 -70.36
CA GLU A 110 -1.65 2.87 -69.22
C GLU A 110 -0.56 2.63 -68.18
N ILE A 111 0.67 3.04 -68.48
CA ILE A 111 1.83 2.73 -67.65
C ILE A 111 2.39 4.01 -67.05
N TRP A 112 2.99 4.85 -67.89
CA TRP A 112 3.62 6.07 -67.39
C TRP A 112 2.58 7.09 -66.94
N ASP A 113 1.55 7.29 -67.74
CA ASP A 113 0.55 8.30 -67.44
C ASP A 113 -0.48 7.81 -66.43
N ASN A 114 -0.84 6.53 -66.47
CA ASN A 114 -1.92 6.00 -65.62
C ASN A 114 -1.42 5.30 -64.36
N MET A 115 -0.11 5.16 -64.17
CA MET A 115 0.37 4.37 -63.04
C MET A 115 1.53 5.07 -62.35
N THR A 116 1.49 5.08 -61.01
CA THR A 116 2.57 5.54 -60.17
C THR A 116 3.67 4.51 -60.09
N TRP A 117 4.88 4.97 -59.75
CA TRP A 117 6.00 4.04 -59.58
C TRP A 117 5.71 3.00 -58.50
N LEU A 118 4.90 3.36 -57.50
CA LEU A 118 4.51 2.39 -56.49
C LEU A 118 3.59 1.32 -57.08
N GLN A 119 2.52 1.75 -57.77
CA GLN A 119 1.62 0.80 -58.42
C GLN A 119 2.32 0.04 -59.52
N TRP A 120 3.30 0.66 -60.19
CA TRP A 120 3.95 0.03 -61.33
C TRP A 120 4.94 -1.04 -60.88
N ASP A 121 5.98 -0.65 -60.14
CA ASP A 121 6.98 -1.60 -59.66
C ASP A 121 6.34 -2.75 -58.90
N LYS A 122 5.13 -2.54 -58.37
CA LYS A 122 4.34 -3.65 -57.83
C LYS A 122 4.10 -4.72 -58.88
N GLU A 123 3.76 -4.31 -60.11
CA GLU A 123 3.49 -5.28 -61.17
C GLU A 123 4.77 -5.91 -61.71
N ILE A 124 5.84 -5.13 -61.85
CA ILE A 124 7.03 -5.58 -62.56
C ILE A 124 8.03 -6.30 -61.66
N SER A 125 7.84 -6.26 -60.34
CA SER A 125 8.71 -7.00 -59.43
C SER A 125 8.77 -8.48 -59.80
N ASN A 126 7.78 -8.96 -60.55
CA ASN A 126 7.76 -10.30 -61.12
C ASN A 126 9.00 -10.61 -61.94
N TYR A 127 9.13 -9.95 -63.09
CA TYR A 127 10.11 -10.27 -64.11
C TYR A 127 11.40 -9.47 -64.00
N THR A 128 11.56 -8.68 -62.93
CA THR A 128 12.70 -7.77 -62.82
C THR A 128 14.02 -8.47 -63.12
N GLN A 129 14.31 -9.56 -62.41
CA GLN A 129 15.57 -10.26 -62.65
C GLN A 129 15.57 -10.95 -64.00
N ILE A 130 14.42 -11.47 -64.44
CA ILE A 130 14.33 -11.99 -65.81
C ILE A 130 14.69 -10.90 -66.80
N ILE A 131 14.21 -9.68 -66.56
CA ILE A 131 14.65 -8.53 -67.36
C ILE A 131 16.13 -8.29 -67.15
N TYR A 132 16.58 -8.25 -65.89
CA TYR A 132 17.96 -7.90 -65.58
C TYR A 132 18.94 -8.88 -66.23
N GLY A 133 18.57 -10.15 -66.30
CA GLY A 133 19.46 -11.14 -66.88
C GLY A 133 19.85 -10.81 -68.31
N LEU A 134 18.90 -10.30 -69.10
CA LEU A 134 19.21 -9.94 -70.46
C LEU A 134 19.99 -8.62 -70.53
N LEU A 135 19.78 -7.73 -69.55
CA LEU A 135 20.51 -6.47 -69.56
C LEU A 135 22.00 -6.67 -69.29
N GLU A 136 22.32 -7.54 -68.33
CA GLU A 136 23.72 -7.76 -67.96
C GLU A 136 24.43 -8.70 -68.94
N GLU A 137 23.70 -9.68 -69.49
CA GLU A 137 24.29 -10.74 -70.30
C GLU A 137 24.01 -10.53 -71.79
N SER A 138 22.74 -10.55 -72.21
CA SER A 138 22.43 -10.36 -73.62
C SER A 138 22.90 -9.01 -74.14
N GLN A 139 23.19 -8.05 -73.27
CA GLN A 139 23.64 -6.75 -73.74
C GLN A 139 25.14 -6.56 -73.56
N ASN A 140 25.58 -6.24 -72.35
CA ASN A 140 26.97 -5.82 -72.17
C ASN A 140 27.94 -6.98 -72.14
N GLN A 141 27.46 -8.20 -71.94
CA GLN A 141 28.33 -9.35 -72.20
C GLN A 141 28.41 -9.64 -73.69
N GLN A 142 27.37 -9.26 -74.44
CA GLN A 142 27.31 -9.49 -75.89
C GLN A 142 27.71 -8.25 -76.68
N GLU A 143 26.93 -7.17 -76.55
CA GLU A 143 27.16 -5.98 -77.37
C GLU A 143 28.54 -5.39 -77.14
N LYS A 144 29.11 -5.56 -75.95
CA LYS A 144 30.44 -5.03 -75.69
C LYS A 144 31.53 -5.94 -76.24
N ASN A 145 31.27 -7.25 -76.34
CA ASN A 145 32.17 -8.12 -77.09
C ASN A 145 32.16 -7.76 -78.57
N GLU A 146 31.02 -7.26 -79.08
CA GLU A 146 30.98 -6.81 -80.47
C GLU A 146 31.93 -5.66 -80.72
N GLN A 147 32.24 -4.86 -79.69
CA GLN A 147 33.17 -3.75 -79.84
C GLN A 147 34.53 -4.21 -80.34
N ASP A 148 35.23 -5.00 -79.52
CA ASP A 148 36.60 -5.40 -79.86
C ASP A 148 36.68 -6.09 -81.21
N LEU A 149 35.71 -6.95 -81.52
CA LEU A 149 35.69 -7.62 -82.81
C LEU A 149 35.57 -6.61 -83.94
N LEU A 150 34.80 -5.55 -83.74
CA LEU A 150 34.77 -4.44 -84.68
C LEU A 150 35.92 -3.48 -84.51
N ALA A 151 36.53 -3.41 -83.32
CA ALA A 151 37.59 -2.45 -83.05
C ALA A 151 38.99 -3.04 -83.21
N LEU A 152 39.13 -4.31 -83.56
CA LEU A 152 40.46 -4.87 -83.77
C LEU A 152 41.04 -4.44 -85.10
N ASP A 153 40.20 -4.31 -86.13
CA ASP A 153 40.69 -3.93 -87.46
C ASP A 153 41.07 -2.45 -87.50
N ASN B 3 6.27 -1.53 -80.44
CA ASN B 3 6.77 -2.63 -79.62
C ASN B 3 7.61 -2.12 -78.46
N LEU B 4 7.22 -2.51 -77.26
CA LEU B 4 7.88 -2.02 -76.06
C LEU B 4 9.18 -2.76 -75.79
N TRP B 5 10.08 -2.08 -75.08
CA TRP B 5 11.36 -2.65 -74.66
C TRP B 5 11.47 -2.48 -73.15
N VAL B 6 12.61 -2.78 -72.55
CA VAL B 6 12.86 -2.48 -71.15
C VAL B 6 13.80 -1.28 -71.08
N THR B 7 13.56 -0.41 -70.11
CA THR B 7 14.35 0.80 -69.94
C THR B 7 14.61 1.02 -68.46
N VAL B 8 15.88 1.20 -68.10
CA VAL B 8 16.29 1.35 -66.71
C VAL B 8 16.30 2.83 -66.35
N TYR B 9 15.80 3.14 -65.16
CA TYR B 9 15.79 4.50 -64.63
C TYR B 9 16.34 4.47 -63.22
N TYR B 10 17.40 5.23 -62.99
CA TYR B 10 18.05 5.28 -61.69
C TYR B 10 17.52 6.47 -60.88
N GLY B 11 17.27 6.23 -59.59
CA GLY B 11 16.68 7.24 -58.75
C GLY B 11 15.20 7.45 -59.01
N VAL B 12 14.46 6.35 -59.12
CA VAL B 12 13.02 6.41 -59.27
C VAL B 12 12.39 6.45 -57.89
N PRO B 13 11.20 7.07 -57.74
CA PRO B 13 10.48 7.12 -56.46
C PRO B 13 9.82 5.79 -56.09
N VAL B 14 10.60 4.71 -56.17
CA VAL B 14 10.19 3.38 -55.75
C VAL B 14 10.89 3.06 -54.43
N TRP B 15 10.11 2.79 -53.40
CA TRP B 15 10.64 2.33 -52.13
C TRP B 15 9.96 1.04 -51.72
N LYS B 16 10.66 0.28 -50.89
CA LYS B 16 10.12 -0.93 -50.28
C LYS B 16 10.33 -0.85 -48.78
N ASP B 17 9.56 -1.64 -48.04
CA ASP B 17 9.57 -1.59 -46.59
C ASP B 17 10.64 -2.52 -46.04
N ALA B 18 11.55 -1.97 -45.25
CA ALA B 18 12.59 -2.74 -44.58
C ALA B 18 12.95 -2.04 -43.29
N GLU B 19 13.91 -2.61 -42.56
CA GLU B 19 14.31 -2.09 -41.26
C GLU B 19 15.80 -2.26 -41.07
N THR B 20 16.40 -1.34 -40.32
CA THR B 20 17.82 -1.35 -40.03
C THR B 20 18.05 -0.63 -38.71
N THR B 21 19.31 -0.36 -38.39
CA THR B 21 19.65 0.31 -37.15
C THR B 21 19.53 1.82 -37.31
N LEU B 22 18.87 2.46 -36.35
CA LEU B 22 18.70 3.91 -36.32
C LEU B 22 19.71 4.53 -35.37
N PHE B 23 19.65 5.86 -35.23
CA PHE B 23 20.58 6.55 -34.36
C PHE B 23 19.89 7.76 -33.73
N CYS B 24 20.36 8.13 -32.54
CA CYS B 24 19.75 9.11 -31.67
C CYS B 24 20.08 10.55 -32.11
N ALA B 25 19.21 11.48 -31.71
CA ALA B 25 19.54 12.90 -31.69
C ALA B 25 18.98 13.54 -30.42
N SER B 26 19.87 14.04 -29.57
CA SER B 26 19.54 14.63 -28.26
C SER B 26 19.47 16.16 -28.30
N ASP B 27 19.56 16.75 -29.48
CA ASP B 27 19.90 18.14 -29.81
C ASP B 27 21.27 18.48 -29.23
N ALA B 28 21.52 19.77 -28.94
CA ALA B 28 22.72 20.22 -28.24
C ALA B 28 22.47 20.75 -26.83
N LYS B 29 21.21 21.00 -26.45
CA LYS B 29 20.99 21.73 -25.21
C LYS B 29 21.05 20.81 -24.00
N ALA B 30 20.41 19.64 -24.10
CA ALA B 30 20.52 18.65 -23.04
C ALA B 30 21.84 17.89 -23.10
N TYR B 31 22.61 18.07 -24.18
CA TYR B 31 23.98 17.57 -24.19
C TYR B 31 24.84 18.34 -23.20
N GLU B 32 24.61 19.64 -23.07
CA GLU B 32 25.34 20.47 -22.12
C GLU B 32 25.03 20.12 -20.68
N THR B 33 24.01 19.29 -20.43
CA THR B 33 23.73 18.85 -19.06
C THR B 33 24.91 18.12 -18.48
N GLU B 34 25.66 17.39 -19.30
CA GLU B 34 26.96 16.79 -18.97
C GLU B 34 26.90 16.05 -17.63
N LYS B 35 27.62 16.54 -16.63
CA LYS B 35 27.66 15.94 -15.29
C LYS B 35 28.17 14.50 -15.36
N HIS B 36 29.11 14.26 -16.27
CA HIS B 36 29.66 12.92 -16.50
C HIS B 36 28.54 11.95 -16.90
N ASN B 37 28.06 12.14 -18.14
CA ASN B 37 27.01 11.32 -18.74
C ASN B 37 25.69 11.42 -17.97
N VAL B 38 25.04 12.57 -18.13
CA VAL B 38 23.68 12.69 -17.62
C VAL B 38 22.78 11.78 -18.45
N TRP B 39 22.16 10.80 -17.78
CA TRP B 39 21.27 9.83 -18.40
C TRP B 39 21.85 9.31 -19.71
N ALA B 40 21.13 9.53 -20.81
CA ALA B 40 21.52 9.04 -22.10
C ALA B 40 22.68 9.85 -22.64
N THR B 41 22.44 11.12 -22.94
CA THR B 41 23.28 11.85 -23.88
C THR B 41 24.74 11.80 -23.47
N HIS B 42 25.54 11.17 -24.32
CA HIS B 42 26.99 11.15 -24.20
C HIS B 42 27.60 11.34 -25.58
N ALA B 43 27.43 10.33 -26.43
CA ALA B 43 27.88 10.32 -27.81
C ALA B 43 26.78 10.71 -28.79
N CYS B 44 25.62 11.11 -28.30
CA CYS B 44 24.46 11.28 -29.17
C CYS B 44 24.70 12.37 -30.21
N VAL B 45 24.24 12.11 -31.43
CA VAL B 45 24.36 13.01 -32.57
C VAL B 45 23.43 14.20 -32.37
N PRO B 46 23.81 15.40 -32.81
CA PRO B 46 22.89 16.54 -32.68
C PRO B 46 21.69 16.43 -33.60
N THR B 47 20.62 17.11 -33.19
CA THR B 47 19.39 17.18 -33.98
C THR B 47 19.52 18.24 -35.07
N ASP B 48 18.77 18.04 -36.15
CA ASP B 48 18.72 19.00 -37.24
C ASP B 48 18.19 20.34 -36.72
N PRO B 49 18.88 21.45 -36.98
CA PRO B 49 18.34 22.76 -36.57
C PRO B 49 17.02 23.09 -37.24
N ASN B 50 16.83 22.64 -38.48
CA ASN B 50 15.57 22.80 -39.22
C ASN B 50 15.08 21.40 -39.54
N PRO B 51 14.27 20.80 -38.66
CA PRO B 51 13.84 19.41 -38.88
C PRO B 51 12.96 19.29 -40.11
N GLN B 52 13.59 19.29 -41.28
CA GLN B 52 12.86 19.32 -42.55
C GLN B 52 11.85 18.19 -42.63
N GLU B 53 10.60 18.57 -42.90
CA GLU B 53 9.49 17.63 -43.04
C GLU B 53 8.93 17.80 -44.44
N ILE B 54 9.11 16.79 -45.29
CA ILE B 54 8.69 16.84 -46.69
C ILE B 54 7.46 15.96 -46.84
N HIS B 55 6.42 16.52 -47.47
CA HIS B 55 5.18 15.79 -47.68
C HIS B 55 5.19 15.13 -49.05
N LEU B 56 4.64 13.92 -49.11
CA LEU B 56 4.54 13.16 -50.33
C LEU B 56 3.07 13.02 -50.72
N GLU B 57 2.79 13.17 -52.01
CA GLU B 57 1.43 13.25 -52.52
C GLU B 57 1.07 11.98 -53.28
N ASN B 58 -0.22 11.66 -53.27
CA ASN B 58 -0.77 10.47 -53.93
C ASN B 58 -0.18 9.18 -53.40
N VAL B 59 0.32 9.19 -52.16
CA VAL B 59 0.96 8.03 -51.55
C VAL B 59 0.04 7.51 -50.44
N THR B 60 -0.48 6.31 -50.62
CA THR B 60 -1.27 5.63 -49.60
C THR B 60 -0.38 4.59 -48.95
N GLU B 61 -0.02 4.82 -47.69
CA GLU B 61 0.90 3.96 -46.96
C GLU B 61 0.19 3.40 -45.73
N GLU B 62 0.34 2.09 -45.52
CA GLU B 62 -0.28 1.42 -44.39
C GLU B 62 0.67 1.42 -43.21
N PHE B 63 0.20 1.96 -42.08
CA PHE B 63 1.02 2.15 -40.89
C PHE B 63 0.62 1.17 -39.79
N ASN B 64 1.62 0.63 -39.10
CA ASN B 64 1.39 -0.20 -37.92
C ASN B 64 2.37 0.22 -36.84
N MET B 65 1.85 0.73 -35.73
CA MET B 65 2.69 1.10 -34.59
C MET B 65 3.03 -0.09 -33.70
N TRP B 66 2.23 -1.15 -33.74
CA TRP B 66 2.40 -2.28 -32.84
C TRP B 66 3.48 -3.25 -33.32
N LYS B 67 3.63 -3.40 -34.63
CA LYS B 67 4.72 -4.16 -35.21
C LYS B 67 5.92 -3.30 -35.56
N ASN B 68 5.87 -2.01 -35.24
CA ASN B 68 6.96 -1.10 -35.57
C ASN B 68 8.23 -1.51 -34.84
N ASN B 69 9.32 -1.67 -35.60
CA ASN B 69 10.56 -2.19 -35.06
C ASN B 69 11.35 -1.16 -34.28
N MET B 70 11.13 0.14 -34.54
CA MET B 70 11.90 1.18 -33.87
C MET B 70 11.74 1.11 -32.35
N VAL B 71 10.70 0.46 -31.86
CA VAL B 71 10.47 0.37 -30.42
C VAL B 71 11.48 -0.58 -29.78
N GLU B 72 11.64 -1.77 -30.34
CA GLU B 72 12.52 -2.77 -29.75
C GLU B 72 13.95 -2.27 -29.65
N GLN B 73 14.40 -1.51 -30.65
CA GLN B 73 15.70 -0.84 -30.56
C GLN B 73 15.73 0.08 -29.34
N MET B 74 14.85 1.09 -29.32
CA MET B 74 14.75 1.97 -28.16
C MET B 74 14.63 1.20 -26.86
N HIS B 75 13.96 0.05 -26.89
CA HIS B 75 13.84 -0.76 -25.69
C HIS B 75 15.20 -1.27 -25.22
N THR B 76 16.04 -1.74 -26.14
CA THR B 76 17.30 -2.33 -25.77
C THR B 76 18.36 -1.29 -25.44
N ASP B 77 18.41 -0.20 -26.20
CA ASP B 77 19.44 0.82 -26.00
C ASP B 77 19.39 1.39 -24.60
N ILE B 78 18.18 1.69 -24.11
CA ILE B 78 18.02 2.26 -22.78
C ILE B 78 18.57 1.31 -21.73
N ILE B 79 18.43 0.01 -21.96
CA ILE B 79 18.94 -0.96 -21.00
C ILE B 79 20.46 -1.07 -21.09
N SER B 80 21.00 -1.14 -22.31
CA SER B 80 22.44 -1.18 -22.47
C SER B 80 23.08 0.10 -21.94
N LEU B 81 22.59 1.25 -22.39
CA LEU B 81 23.07 2.53 -21.89
C LEU B 81 22.96 2.62 -20.38
N TRP B 82 21.95 1.97 -19.79
CA TRP B 82 21.82 1.91 -18.35
C TRP B 82 23.05 1.28 -17.72
N ASP B 83 23.39 0.06 -18.16
CA ASP B 83 24.58 -0.61 -17.63
C ASP B 83 25.86 0.15 -17.98
N GLN B 84 25.89 0.81 -19.15
CA GLN B 84 27.08 1.56 -19.52
C GLN B 84 27.39 2.65 -18.51
N SER B 85 26.37 3.12 -17.78
CA SER B 85 26.63 3.99 -16.64
C SER B 85 27.11 3.20 -15.44
N LEU B 86 26.44 2.08 -15.13
CA LEU B 86 26.69 1.36 -13.90
C LEU B 86 28.07 0.71 -13.88
N LYS B 87 28.61 0.35 -15.05
CA LYS B 87 29.87 -0.39 -15.08
C LYS B 87 31.04 0.45 -14.55
N PRO B 88 31.27 1.69 -15.00
CA PRO B 88 32.27 2.52 -14.31
C PRO B 88 31.84 2.95 -12.93
N CYS B 89 30.55 2.87 -12.62
CA CYS B 89 30.03 3.31 -11.32
C CYS B 89 30.44 2.34 -10.22
N VAL B 90 29.94 2.59 -9.02
CA VAL B 90 30.33 1.87 -7.82
C VAL B 90 29.48 0.61 -7.67
N LYS B 91 30.15 -0.54 -7.56
CA LYS B 91 29.48 -1.81 -7.33
C LYS B 91 29.20 -1.96 -5.84
N LEU B 92 27.94 -2.18 -5.50
CA LEU B 92 27.50 -2.32 -4.12
C LEU B 92 27.45 -3.77 -3.64
N THR B 93 27.95 -4.71 -4.45
CA THR B 93 27.96 -6.11 -4.03
C THR B 93 28.48 -6.35 -2.61
N PRO B 94 29.49 -5.61 -2.08
CA PRO B 94 29.84 -5.80 -0.66
C PRO B 94 28.76 -5.32 0.31
N LEU B 95 27.79 -4.53 -0.14
CA LEU B 95 26.78 -4.00 0.77
C LEU B 95 25.83 -5.06 1.30
N CYS B 96 25.90 -6.30 0.82
CA CYS B 96 25.02 -7.33 1.35
C CYS B 96 25.58 -7.77 2.69
N VAL B 97 24.86 -7.45 3.76
CA VAL B 97 25.39 -7.49 5.12
C VAL B 97 24.21 -7.61 6.07
N THR B 98 24.45 -8.21 7.23
CA THR B 98 23.44 -8.21 8.28
C THR B 98 23.26 -6.80 8.82
N LEU B 99 22.02 -6.32 8.85
CA LEU B 99 21.71 -4.94 9.23
C LEU B 99 20.89 -4.95 10.51
N GLN B 100 21.39 -4.25 11.53
CA GLN B 100 20.63 -4.02 12.76
C GLN B 100 19.90 -2.69 12.60
N CYS B 101 18.58 -2.75 12.47
CA CYS B 101 17.78 -1.58 12.16
C CYS B 101 16.69 -1.39 13.21
N THR B 102 16.15 -0.17 13.25
CA THR B 102 15.10 0.19 14.19
C THR B 102 13.98 0.90 13.46
N ASN B 103 12.75 0.75 13.95
CA ASN B 103 11.67 1.61 13.52
C ASN B 103 12.10 3.06 13.72
N VAL B 104 11.87 3.90 12.70
CA VAL B 104 12.42 5.26 12.72
C VAL B 104 11.79 6.06 13.85
N THR B 105 12.47 7.13 14.24
CA THR B 105 12.06 7.90 15.41
C THR B 105 10.88 8.80 15.06
N ASN B 106 9.75 8.56 15.71
CA ASN B 106 8.53 9.34 15.59
C ASN B 106 7.73 9.07 16.85
N ASN B 107 6.71 9.89 17.09
CA ASN B 107 5.87 9.68 18.27
C ASN B 107 4.63 8.94 17.81
N ILE B 108 4.65 7.61 17.98
CA ILE B 108 3.56 6.67 17.81
C ILE B 108 2.69 7.02 16.60
N THR B 109 1.36 6.95 16.75
CA THR B 109 0.38 7.31 15.73
C THR B 109 0.74 6.71 14.36
N ASP B 110 0.96 5.39 14.35
CA ASP B 110 1.37 4.70 13.13
C ASP B 110 0.22 3.88 12.54
N ASP B 111 -0.14 2.76 13.15
CA ASP B 111 -1.21 1.92 12.61
C ASP B 111 -2.58 2.56 12.83
N GLY B 114 6.46 3.76 10.39
CA GLY B 114 7.85 3.38 10.23
C GLY B 114 8.34 3.45 8.79
N GLU B 115 8.64 2.26 8.23
CA GLU B 115 9.08 2.10 6.85
C GLU B 115 10.47 2.68 6.61
N LEU B 116 10.95 3.50 7.54
CA LEU B 116 12.32 4.00 7.55
C LEU B 116 13.05 3.40 8.73
N LYS B 117 14.32 3.05 8.51
CA LYS B 117 15.06 2.29 9.50
C LYS B 117 16.38 2.99 9.80
N ASN B 118 16.74 3.04 11.08
CA ASN B 118 18.08 3.46 11.49
C ASN B 118 18.91 2.18 11.55
N CYS B 119 19.80 2.00 10.58
CA CYS B 119 20.43 0.71 10.32
C CYS B 119 21.91 0.80 10.64
N SER B 120 22.32 0.16 11.72
CA SER B 120 23.72 0.07 12.11
C SER B 120 24.28 -1.27 11.65
N PHE B 121 25.38 -1.23 10.91
CA PHE B 121 25.98 -2.45 10.39
C PHE B 121 27.49 -2.28 10.29
N ASN B 122 28.20 -3.40 10.36
CA ASN B 122 29.65 -3.42 10.29
C ASN B 122 30.08 -3.46 8.82
N MET B 123 30.84 -2.45 8.40
CA MET B 123 31.23 -2.26 7.00
C MET B 123 32.76 -2.20 6.90
N THR B 124 33.26 -1.97 5.69
CA THR B 124 34.69 -1.94 5.41
C THR B 124 35.10 -0.58 4.85
N THR B 125 36.39 -0.30 4.93
CA THR B 125 36.98 0.97 4.52
C THR B 125 37.88 0.77 3.30
N GLU B 126 38.52 1.86 2.90
CA GLU B 126 39.50 1.81 1.83
C GLU B 126 40.72 0.99 2.22
N LEU B 127 41.11 1.05 3.48
CA LEU B 127 42.19 0.21 4.00
C LEU B 127 41.62 -1.18 4.24
N ARG B 128 42.18 -2.19 3.57
CA ARG B 128 41.54 -3.49 3.51
C ARG B 128 41.45 -4.16 4.86
N ASP B 129 42.37 -3.83 5.77
CA ASP B 129 42.36 -4.47 7.09
C ASP B 129 41.30 -3.86 8.00
N LYS B 130 41.44 -2.58 8.33
CA LYS B 130 40.49 -1.92 9.22
C LYS B 130 39.09 -1.88 8.58
N LYS B 131 38.08 -1.81 9.44
CA LYS B 131 36.69 -1.87 8.98
C LYS B 131 35.89 -0.68 9.48
N GLN B 132 34.58 -0.69 9.24
CA GLN B 132 33.75 0.47 9.46
C GLN B 132 32.47 0.10 10.18
N LYS B 133 32.05 0.95 11.12
CA LYS B 133 30.76 0.83 11.80
C LYS B 133 29.97 2.10 11.49
N VAL B 134 28.87 1.95 10.74
CA VAL B 134 28.12 3.09 10.22
C VAL B 134 26.63 2.86 10.38
N TYR B 135 25.87 3.95 10.27
CA TYR B 135 24.42 3.89 10.29
C TYR B 135 23.86 4.63 9.07
N SER B 136 22.74 4.13 8.55
CA SER B 136 22.07 4.76 7.42
C SER B 136 20.58 4.47 7.51
N LEU B 137 19.80 5.26 6.78
CA LEU B 137 18.35 5.20 6.81
C LEU B 137 17.84 4.65 5.49
N PHE B 138 17.11 3.54 5.54
CA PHE B 138 16.67 2.87 4.32
C PHE B 138 15.16 2.70 4.30
N TYR B 139 14.60 2.78 3.09
CA TYR B 139 13.19 2.49 2.88
C TYR B 139 12.95 0.98 3.00
N ARG B 140 11.76 0.61 3.46
CA ARG B 140 11.48 -0.78 3.77
C ARG B 140 11.53 -1.68 2.54
N LEU B 141 11.43 -1.11 1.34
CA LEU B 141 11.34 -1.93 0.13
C LEU B 141 12.69 -2.44 -0.35
N ASP B 142 13.79 -1.86 0.12
CA ASP B 142 15.12 -2.28 -0.31
C ASP B 142 15.70 -3.38 0.56
N VAL B 143 15.08 -3.71 1.70
CA VAL B 143 15.63 -4.69 2.63
C VAL B 143 14.56 -5.72 2.95
N VAL B 144 14.97 -6.75 3.71
CA VAL B 144 14.05 -7.74 4.27
C VAL B 144 14.73 -8.33 5.50
N GLN B 145 13.92 -8.72 6.49
CA GLN B 145 14.48 -9.21 7.74
C GLN B 145 14.91 -10.67 7.58
N ILE B 146 15.50 -11.21 8.65
CA ILE B 146 15.96 -12.60 8.67
C ILE B 146 15.75 -13.13 10.08
N ASN B 147 15.24 -14.35 10.19
CA ASN B 147 15.01 -14.98 11.49
C ASN B 147 15.78 -16.28 11.61
N SER B 157 16.49 -9.71 22.27
CA SER B 157 17.27 -9.33 21.11
C SER B 157 16.42 -8.56 20.10
N ASN B 158 17.09 -7.81 19.23
CA ASN B 158 16.41 -6.97 18.24
C ASN B 158 16.52 -7.58 16.86
N LYS B 159 15.49 -7.32 16.04
CA LYS B 159 15.39 -7.94 14.73
C LYS B 159 16.54 -7.50 13.83
N GLU B 160 17.01 -8.41 12.98
CA GLU B 160 18.07 -8.17 12.03
C GLU B 160 17.53 -8.18 10.61
N TYR B 161 18.14 -7.38 9.75
CA TYR B 161 17.65 -7.19 8.39
C TYR B 161 18.78 -7.33 7.38
N ARG B 162 18.40 -7.56 6.12
CA ARG B 162 19.35 -7.71 5.04
C ARG B 162 18.72 -7.20 3.75
N LEU B 163 19.55 -6.88 2.77
CA LEU B 163 19.04 -6.31 1.53
C LEU B 163 18.22 -7.33 0.75
N ILE B 164 17.37 -6.81 -0.14
CA ILE B 164 16.43 -7.66 -0.85
C ILE B 164 17.10 -8.35 -2.04
N ASN B 165 18.12 -7.73 -2.65
CA ASN B 165 18.76 -8.27 -3.84
C ASN B 165 19.83 -9.30 -3.54
N CYS B 166 20.16 -9.51 -2.26
CA CYS B 166 21.34 -10.30 -1.91
C CYS B 166 21.23 -11.72 -2.44
N ASN B 167 20.04 -12.28 -2.44
CA ASN B 167 19.86 -13.62 -2.93
C ASN B 167 19.49 -13.69 -4.39
N THR B 168 19.51 -12.56 -5.09
CA THR B 168 19.15 -12.58 -6.50
C THR B 168 20.30 -12.16 -7.40
N SER B 169 20.60 -10.86 -7.41
CA SER B 169 21.45 -10.28 -8.45
C SER B 169 22.52 -9.38 -7.85
N ALA B 170 23.70 -9.42 -8.46
CA ALA B 170 24.79 -8.53 -8.07
C ALA B 170 24.36 -7.09 -8.20
N ILE B 171 24.52 -6.34 -7.12
CA ILE B 171 24.01 -4.97 -7.02
C ILE B 171 25.14 -4.00 -7.31
N THR B 172 24.86 -3.01 -8.14
CA THR B 172 25.74 -1.88 -8.36
C THR B 172 25.01 -0.61 -7.94
N GLN B 173 25.68 0.52 -8.08
CA GLN B 173 25.09 1.81 -7.77
C GLN B 173 25.45 2.78 -8.88
N ALA B 174 24.46 3.42 -9.49
CA ALA B 174 24.75 4.41 -10.52
C ALA B 174 25.40 5.61 -9.85
N CYS B 175 26.62 5.94 -10.28
CA CYS B 175 27.39 6.96 -9.60
C CYS B 175 26.66 8.31 -9.70
N PRO B 176 26.78 9.15 -8.67
CA PRO B 176 25.91 10.35 -8.60
C PRO B 176 26.15 11.33 -9.70
N LYS B 177 27.30 11.26 -10.38
CA LYS B 177 27.54 12.09 -11.54
C LYS B 177 26.48 11.82 -12.61
N VAL B 178 26.37 10.56 -13.05
CA VAL B 178 25.35 10.20 -14.02
C VAL B 178 23.98 10.43 -13.41
N SER B 179 23.10 11.08 -14.17
CA SER B 179 21.72 11.28 -13.73
C SER B 179 20.80 10.33 -14.46
N PHE B 180 19.54 10.32 -14.04
CA PHE B 180 18.48 9.56 -14.68
C PHE B 180 17.55 10.40 -15.54
N GLU B 181 17.79 11.70 -15.64
CA GLU B 181 16.84 12.65 -16.21
C GLU B 181 16.56 12.36 -17.68
N PRO B 182 15.31 12.07 -18.05
CA PRO B 182 15.01 11.80 -19.47
C PRO B 182 15.32 13.01 -20.35
N ILE B 183 16.09 12.77 -21.40
CA ILE B 183 16.56 13.80 -22.32
C ILE B 183 15.94 13.55 -23.69
N PRO B 184 15.24 14.51 -24.28
CA PRO B 184 14.59 14.27 -25.57
C PRO B 184 15.56 13.70 -26.60
N ILE B 185 15.12 12.64 -27.28
CA ILE B 185 15.93 11.91 -28.24
C ILE B 185 15.19 11.84 -29.56
N HIS B 186 15.88 12.20 -30.65
CA HIS B 186 15.32 12.14 -31.99
C HIS B 186 15.99 10.97 -32.72
N TYR B 187 15.23 9.92 -33.00
CA TYR B 187 15.77 8.79 -33.75
C TYR B 187 15.80 9.13 -35.23
N CYS B 188 16.93 8.80 -35.87
CA CYS B 188 17.18 9.18 -37.25
C CYS B 188 17.56 7.96 -38.08
N ALA B 189 17.42 8.09 -39.40
CA ALA B 189 17.68 7.02 -40.34
C ALA B 189 18.78 7.41 -41.31
N PRO B 190 19.52 6.43 -41.86
CA PRO B 190 20.60 6.76 -42.80
C PRO B 190 20.13 6.93 -44.23
N ALA B 191 21.07 7.12 -45.15
CA ALA B 191 20.75 7.26 -46.56
C ALA B 191 20.27 5.94 -47.14
N GLY B 192 19.52 6.04 -48.24
CA GLY B 192 18.82 4.89 -48.78
C GLY B 192 17.59 4.49 -48.01
N PHE B 193 17.38 5.07 -46.83
CA PHE B 193 16.21 4.87 -45.99
C PHE B 193 15.65 6.22 -45.60
N ALA B 194 14.57 6.22 -44.85
CA ALA B 194 13.97 7.45 -44.33
C ALA B 194 12.98 7.07 -43.25
N ILE B 195 12.37 8.09 -42.64
CA ILE B 195 11.34 7.91 -41.62
C ILE B 195 10.08 8.61 -42.11
N LEU B 196 8.93 8.00 -41.86
CA LEU B 196 7.64 8.52 -42.30
C LEU B 196 6.81 8.91 -41.09
N LYS B 197 6.24 10.11 -41.12
CA LYS B 197 5.41 10.63 -40.03
C LYS B 197 3.96 10.67 -40.48
N CYS B 198 3.09 10.00 -39.74
CA CYS B 198 1.67 9.97 -40.04
C CYS B 198 0.99 11.07 -39.26
N LYS B 199 0.56 12.12 -39.96
CA LYS B 199 0.10 13.35 -39.33
C LYS B 199 -1.41 13.49 -39.22
N ASP B 200 -2.18 12.54 -39.76
CA ASP B 200 -3.63 12.74 -39.80
C ASP B 200 -4.21 12.74 -38.39
N LYS B 201 -5.14 13.67 -38.15
CA LYS B 201 -5.54 14.00 -36.79
C LYS B 201 -6.16 12.80 -36.09
N LYS B 202 -7.23 12.25 -36.66
CA LYS B 202 -7.85 11.06 -36.07
C LYS B 202 -7.26 9.83 -36.73
N PHE B 203 -6.39 9.14 -36.00
CA PHE B 203 -5.61 8.02 -36.52
C PHE B 203 -5.53 6.97 -35.44
N ASN B 204 -5.97 5.76 -35.73
CA ASN B 204 -5.98 4.69 -34.73
C ASN B 204 -4.69 3.88 -34.72
N GLY B 205 -3.71 4.24 -35.55
CA GLY B 205 -2.42 3.59 -35.56
C GLY B 205 -2.31 2.39 -36.47
N THR B 206 -3.43 1.74 -36.81
CA THR B 206 -3.44 0.62 -37.72
C THR B 206 -4.03 1.04 -39.06
N GLY B 207 -4.08 0.09 -39.99
CA GLY B 207 -4.61 0.33 -41.31
C GLY B 207 -3.77 1.33 -42.10
N PRO B 208 -4.35 1.88 -43.16
CA PRO B 208 -3.62 2.88 -43.95
C PRO B 208 -3.62 4.24 -43.26
N CYS B 209 -2.60 5.03 -43.59
CA CYS B 209 -2.47 6.37 -43.05
C CYS B 209 -2.73 7.40 -44.15
N PRO B 210 -3.74 8.25 -43.99
CA PRO B 210 -4.02 9.24 -45.06
C PRO B 210 -2.92 10.26 -45.24
N SER B 211 -2.37 10.80 -44.15
CA SER B 211 -1.39 11.88 -44.22
C SER B 211 0.00 11.30 -44.01
N VAL B 212 0.79 11.25 -45.08
CA VAL B 212 2.11 10.62 -45.06
C VAL B 212 3.15 11.67 -45.40
N SER B 213 4.05 11.94 -44.46
CA SER B 213 5.16 12.87 -44.66
C SER B 213 6.44 12.21 -44.18
N THR B 214 7.54 12.46 -44.91
CA THR B 214 8.82 11.83 -44.61
C THR B 214 9.76 12.81 -43.91
N VAL B 215 10.47 12.29 -42.90
CA VAL B 215 11.49 13.05 -42.19
C VAL B 215 12.69 12.12 -42.00
N GLN B 216 13.85 12.71 -41.76
CA GLN B 216 15.04 11.95 -41.43
C GLN B 216 15.27 11.77 -39.94
N CYS B 217 14.47 12.44 -39.09
CA CYS B 217 14.59 12.31 -37.64
C CYS B 217 13.23 12.53 -36.99
N THR B 218 13.02 11.88 -35.85
CA THR B 218 11.78 12.08 -35.11
C THR B 218 11.80 13.43 -34.39
N HIS B 219 10.71 13.73 -33.69
CA HIS B 219 10.68 14.90 -32.82
C HIS B 219 11.42 14.57 -31.51
N GLY B 220 11.45 15.54 -30.60
CA GLY B 220 12.08 15.31 -29.32
C GLY B 220 11.33 14.27 -28.54
N ILE B 221 11.99 13.17 -28.21
CA ILE B 221 11.38 12.07 -27.45
C ILE B 221 12.22 11.85 -26.21
N LYS B 222 11.67 12.20 -25.05
CA LYS B 222 12.31 11.87 -23.80
C LYS B 222 12.10 10.38 -23.53
N PRO B 223 13.17 9.58 -23.48
CA PRO B 223 12.98 8.16 -23.11
C PRO B 223 12.58 8.06 -21.65
N VAL B 224 11.34 8.46 -21.37
CA VAL B 224 10.87 8.48 -19.99
C VAL B 224 10.77 7.04 -19.52
N VAL B 225 11.47 6.73 -18.43
CA VAL B 225 11.36 5.41 -17.82
C VAL B 225 10.27 5.53 -16.78
N SER B 226 9.10 4.97 -17.07
CA SER B 226 7.93 5.20 -16.24
C SER B 226 6.90 4.12 -16.53
N THR B 227 5.98 3.95 -15.58
CA THR B 227 4.91 2.98 -15.71
C THR B 227 3.58 3.61 -15.29
N GLN B 228 2.51 3.13 -15.93
CA GLN B 228 1.12 3.48 -15.63
C GLN B 228 0.74 4.87 -16.12
N LEU B 229 1.72 5.72 -16.41
CA LEU B 229 1.47 7.08 -16.85
C LEU B 229 2.62 7.52 -17.74
N LEU B 230 2.30 8.34 -18.73
CA LEU B 230 3.29 8.91 -19.64
C LEU B 230 3.41 10.40 -19.40
N LEU B 231 4.65 10.89 -19.34
CA LEU B 231 4.92 12.28 -19.02
C LEU B 231 5.74 12.93 -20.13
N ASN B 232 5.49 14.21 -20.36
CA ASN B 232 6.31 15.10 -21.17
C ASN B 232 6.26 14.82 -22.67
N GLY B 233 5.51 13.80 -23.11
CA GLY B 233 5.52 13.39 -24.50
C GLY B 233 4.64 14.24 -25.41
N SER B 234 4.25 13.63 -26.52
CA SER B 234 3.43 14.30 -27.55
C SER B 234 1.95 14.28 -27.20
N LEU B 235 1.24 15.30 -27.69
CA LEU B 235 -0.20 15.44 -27.50
C LEU B 235 -0.93 15.12 -28.80
N ALA B 236 -2.15 14.59 -28.67
CA ALA B 236 -3.00 14.28 -29.81
C ALA B 236 -3.69 15.56 -30.30
N GLU B 237 -4.59 15.42 -31.27
CA GLU B 237 -5.29 16.54 -31.86
C GLU B 237 -6.79 16.24 -31.92
N GLU B 238 -7.59 17.29 -31.81
CA GLU B 238 -9.06 17.22 -31.90
C GLU B 238 -9.54 16.28 -30.81
N GLU B 239 -10.32 15.24 -31.13
CA GLU B 239 -10.76 14.28 -30.13
C GLU B 239 -9.55 13.55 -29.54
N VAL B 240 -9.68 13.08 -28.31
CA VAL B 240 -8.64 12.25 -27.73
C VAL B 240 -8.66 10.90 -28.44
N MET B 241 -7.52 10.50 -28.99
CA MET B 241 -7.49 9.37 -29.91
C MET B 241 -7.36 8.06 -29.15
N ILE B 242 -8.07 7.04 -29.64
CA ILE B 242 -8.07 5.70 -29.04
C ILE B 242 -7.34 4.77 -30.00
N ARG B 243 -6.20 4.25 -29.57
CA ARG B 243 -5.37 3.38 -30.40
C ARG B 243 -5.16 2.04 -29.71
N SER B 244 -5.49 0.96 -30.40
CA SER B 244 -5.21 -0.39 -29.93
C SER B 244 -4.92 -1.27 -31.13
N GLU B 245 -3.98 -2.20 -30.97
CA GLU B 245 -3.72 -3.17 -32.02
C GLU B 245 -4.97 -3.97 -32.32
N ASN B 246 -5.51 -4.63 -31.30
CA ASN B 246 -6.78 -5.34 -31.43
C ASN B 246 -7.56 -5.10 -30.15
N ILE B 247 -8.77 -4.52 -30.28
CA ILE B 247 -9.56 -4.20 -29.09
C ILE B 247 -10.43 -5.37 -28.64
N THR B 248 -10.66 -6.36 -29.50
CA THR B 248 -11.43 -7.53 -29.08
C THR B 248 -10.67 -8.38 -28.08
N ASN B 249 -9.34 -8.29 -28.06
CA ASN B 249 -8.53 -8.96 -27.06
C ASN B 249 -8.33 -8.03 -25.88
N ASN B 250 -8.81 -8.46 -24.72
CA ASN B 250 -8.57 -7.71 -23.49
C ASN B 250 -7.10 -7.69 -23.13
N ALA B 251 -6.36 -8.75 -23.48
CA ALA B 251 -4.97 -8.88 -23.04
C ALA B 251 -4.07 -7.83 -23.70
N LYS B 252 -4.32 -7.52 -24.97
CA LYS B 252 -3.51 -6.52 -25.65
C LYS B 252 -3.73 -5.15 -25.03
N ASN B 253 -2.64 -4.44 -24.73
CA ASN B 253 -2.73 -3.13 -24.11
C ASN B 253 -3.31 -2.12 -25.09
N ILE B 254 -3.97 -1.11 -24.54
CA ILE B 254 -4.60 -0.04 -25.31
C ILE B 254 -3.98 1.29 -24.90
N LEU B 255 -3.58 2.08 -25.87
CA LEU B 255 -2.90 3.35 -25.63
C LEU B 255 -3.78 4.52 -26.04
N VAL B 256 -3.68 5.62 -25.28
CA VAL B 256 -4.45 6.83 -25.52
C VAL B 256 -3.49 8.00 -25.64
N GLN B 257 -3.96 9.07 -26.28
CA GLN B 257 -3.17 10.28 -26.45
C GLN B 257 -4.05 11.50 -26.21
N PHE B 258 -3.58 12.40 -25.35
CA PHE B 258 -4.36 13.57 -24.97
C PHE B 258 -4.23 14.68 -25.99
N ASN B 259 -5.31 15.43 -26.18
CA ASN B 259 -5.20 16.75 -26.79
C ASN B 259 -4.92 17.83 -25.76
N THR B 260 -5.17 17.56 -24.48
CA THR B 260 -4.94 18.51 -23.40
C THR B 260 -3.92 17.96 -22.42
N PRO B 261 -2.77 18.61 -22.24
CA PRO B 261 -1.81 18.14 -21.24
C PRO B 261 -2.33 18.36 -19.82
N VAL B 262 -1.92 17.46 -18.92
CA VAL B 262 -2.38 17.47 -17.53
C VAL B 262 -1.19 17.75 -16.63
N GLN B 263 -1.41 18.62 -15.64
CA GLN B 263 -0.36 19.05 -14.72
C GLN B 263 -0.27 18.12 -13.53
N ILE B 264 0.95 17.87 -13.06
CA ILE B 264 1.18 17.13 -11.83
C ILE B 264 2.44 17.67 -11.16
N ASN B 265 2.39 17.82 -9.84
CA ASN B 265 3.52 18.28 -9.03
C ASN B 265 3.94 17.14 -8.12
N CYS B 266 5.09 16.54 -8.40
CA CYS B 266 5.60 15.44 -7.59
C CYS B 266 6.70 15.96 -6.68
N THR B 267 6.63 15.59 -5.40
CA THR B 267 7.56 16.07 -4.40
C THR B 267 8.01 14.93 -3.49
N ARG B 268 9.28 14.96 -3.08
CA ARG B 268 9.70 14.26 -1.89
C ARG B 268 9.91 15.31 -0.81
N PRO B 269 8.98 15.46 0.13
CA PRO B 269 9.06 16.59 1.08
C PRO B 269 10.15 16.43 2.11
N ASN B 270 10.65 15.22 2.33
CA ASN B 270 11.72 15.03 3.31
C ASN B 270 13.00 15.71 2.84
N ASN B 271 13.75 16.25 3.79
CA ASN B 271 15.01 16.94 3.49
C ASN B 271 16.10 15.93 3.84
N ASN B 272 16.67 15.32 2.80
CA ASN B 272 17.59 14.20 2.95
C ASN B 272 19.03 14.68 3.15
N THR B 273 19.81 13.82 3.80
CA THR B 273 21.26 13.96 3.87
C THR B 273 21.90 12.80 3.13
N ARG B 274 22.96 13.08 2.39
CA ARG B 274 23.70 12.05 1.66
C ARG B 274 25.03 11.81 2.38
N LYS B 275 25.18 10.63 2.99
CA LYS B 275 26.42 10.24 3.63
C LYS B 275 27.26 9.46 2.63
N SER B 276 28.39 10.03 2.25
CA SER B 276 29.34 9.39 1.34
C SER B 276 30.38 8.69 2.20
N ILE B 277 30.39 7.37 2.13
CA ILE B 277 31.26 6.54 2.94
C ILE B 277 32.26 5.85 2.03
N ARG B 278 33.51 5.73 2.49
CA ARG B 278 34.61 5.30 1.62
C ARG B 278 34.76 3.78 1.69
N ILE B 279 34.37 3.11 0.59
CA ILE B 279 34.62 1.69 0.38
C ILE B 279 35.82 1.45 -0.55
N GLY B 280 36.57 2.49 -0.88
CA GLY B 280 37.54 2.47 -1.96
C GLY B 280 38.80 1.65 -1.70
N PRO B 281 39.91 1.98 -2.38
CA PRO B 281 40.19 3.17 -3.18
C PRO B 281 39.43 3.29 -4.49
N GLY B 282 38.91 4.48 -4.75
CA GLY B 282 38.17 4.80 -5.95
C GLY B 282 36.70 4.43 -5.88
N GLN B 283 36.37 3.44 -5.05
CA GLN B 283 35.00 3.12 -4.69
C GLN B 283 34.53 3.98 -3.52
N ALA B 284 33.22 4.13 -3.40
CA ALA B 284 32.59 4.81 -2.28
C ALA B 284 31.08 4.65 -2.44
N PHE B 285 30.36 4.82 -1.33
CA PHE B 285 28.92 4.58 -1.29
C PHE B 285 28.23 5.78 -0.69
N TYR B 286 27.16 6.22 -1.35
CA TYR B 286 26.42 7.40 -0.93
C TYR B 286 25.17 6.93 -0.22
N ALA B 287 25.14 7.10 1.10
CA ALA B 287 24.06 6.61 1.94
C ALA B 287 23.05 7.71 2.18
N THR B 288 22.02 7.39 2.94
CA THR B 288 20.98 8.37 3.29
C THR B 288 21.17 8.79 4.74
N GLY B 289 21.23 10.10 4.97
CA GLY B 289 21.33 10.63 6.31
C GLY B 289 19.97 10.86 6.93
N ASP B 290 19.98 11.40 8.14
CA ASP B 290 18.75 11.62 8.87
C ASP B 290 18.00 12.82 8.32
N ILE B 291 16.68 12.69 8.24
CA ILE B 291 15.84 13.79 7.77
C ILE B 291 15.98 14.98 8.70
N ILE B 292 16.00 16.17 8.13
CA ILE B 292 16.17 17.40 8.90
C ILE B 292 14.80 18.03 9.07
N GLY B 293 14.29 18.00 10.29
CA GLY B 293 12.98 18.57 10.56
C GLY B 293 11.79 17.65 10.35
N ASP B 294 10.69 18.25 9.89
CA ASP B 294 9.42 17.56 9.76
C ASP B 294 9.58 16.26 8.97
N ILE B 295 8.94 15.21 9.46
CA ILE B 295 8.86 13.93 8.76
C ILE B 295 7.57 13.95 7.95
N ARG B 296 7.71 14.00 6.64
CA ARG B 296 6.61 13.92 5.69
C ARG B 296 6.86 12.75 4.75
N GLN B 297 5.98 12.58 3.77
CA GLN B 297 6.14 11.50 2.81
C GLN B 297 5.79 12.00 1.42
N ALA B 298 6.35 11.31 0.42
CA ALA B 298 6.22 11.75 -0.96
C ALA B 298 4.76 11.71 -1.40
N HIS B 299 4.47 12.50 -2.43
CA HIS B 299 3.09 12.69 -2.89
C HIS B 299 3.13 13.57 -4.14
N CYS B 300 2.03 13.53 -4.89
CA CYS B 300 1.87 14.32 -6.10
C CYS B 300 0.43 14.78 -6.20
N ASN B 301 0.24 16.03 -6.65
CA ASN B 301 -1.07 16.65 -6.71
C ASN B 301 -1.55 16.76 -8.15
N VAL B 302 -2.87 16.59 -8.34
CA VAL B 302 -3.49 16.65 -9.66
C VAL B 302 -4.85 17.33 -9.50
N SER B 303 -5.17 18.25 -10.43
CA SER B 303 -6.42 18.99 -10.36
C SER B 303 -7.60 18.06 -10.58
N LYS B 304 -8.59 18.15 -9.67
CA LYS B 304 -9.77 17.30 -9.77
C LYS B 304 -10.76 17.82 -10.83
N ALA B 305 -10.73 19.11 -11.12
CA ALA B 305 -11.71 19.70 -12.04
C ALA B 305 -11.43 19.26 -13.47
N THR B 306 -10.25 19.65 -14.00
CA THR B 306 -9.86 19.18 -15.33
C THR B 306 -9.83 17.66 -15.39
N TRP B 307 -9.63 16.99 -14.26
CA TRP B 307 -9.68 15.53 -14.24
C TRP B 307 -11.09 15.02 -14.54
N ASN B 308 -12.09 15.52 -13.79
CA ASN B 308 -13.46 15.11 -14.04
C ASN B 308 -13.89 15.41 -15.47
N GLU B 309 -13.50 16.58 -15.99
CA GLU B 309 -13.83 16.91 -17.38
C GLU B 309 -13.07 16.03 -18.35
N THR B 310 -11.84 15.64 -18.02
CA THR B 310 -11.09 14.72 -18.87
C THR B 310 -11.83 13.40 -19.02
N LEU B 311 -12.38 12.88 -17.93
CA LEU B 311 -13.09 11.60 -17.99
C LEU B 311 -14.41 11.75 -18.74
N GLY B 312 -15.00 12.95 -18.72
CA GLY B 312 -16.19 13.19 -19.50
C GLY B 312 -15.91 13.29 -20.99
N LYS B 313 -14.85 14.02 -21.36
CA LYS B 313 -14.44 14.08 -22.76
C LYS B 313 -13.96 12.73 -23.26
N VAL B 314 -13.39 11.90 -22.38
CA VAL B 314 -12.96 10.56 -22.77
C VAL B 314 -14.16 9.66 -22.97
N VAL B 315 -15.09 9.65 -22.01
CA VAL B 315 -16.23 8.73 -22.07
C VAL B 315 -17.12 9.03 -23.28
N LYS B 316 -17.09 10.27 -23.79
CA LYS B 316 -17.81 10.56 -25.03
C LYS B 316 -17.10 9.95 -26.23
N GLN B 317 -15.77 9.79 -26.15
CA GLN B 317 -15.03 9.18 -27.24
C GLN B 317 -15.13 7.66 -27.23
N LEU B 318 -15.32 7.06 -26.06
CA LEU B 318 -15.48 5.60 -26.00
C LEU B 318 -16.82 5.18 -26.57
N ARG B 319 -17.84 6.03 -26.44
CA ARG B 319 -19.18 5.75 -26.96
C ARG B 319 -19.27 5.86 -28.47
N LYS B 320 -18.19 6.24 -29.15
CA LYS B 320 -18.16 6.01 -30.59
C LYS B 320 -17.79 4.56 -30.91
N HIS B 321 -16.78 4.03 -30.21
CA HIS B 321 -16.36 2.65 -30.44
C HIS B 321 -17.18 1.63 -29.66
N PHE B 322 -17.71 2.01 -28.48
CA PHE B 322 -18.45 1.06 -27.66
C PHE B 322 -19.80 1.66 -27.28
N GLY B 323 -20.87 1.16 -27.89
CA GLY B 323 -22.23 1.52 -27.54
C GLY B 323 -22.52 2.95 -27.94
N ASN B 324 -23.78 3.33 -28.13
CA ASN B 324 -24.06 4.77 -28.09
C ASN B 324 -24.26 5.25 -26.66
N ASN B 325 -24.98 4.47 -25.84
CA ASN B 325 -25.19 4.75 -24.43
C ASN B 325 -24.91 3.47 -23.65
N THR B 326 -23.95 3.52 -22.74
CA THR B 326 -23.58 2.34 -21.94
C THR B 326 -23.07 2.81 -20.58
N ILE B 327 -22.48 1.89 -19.83
CA ILE B 327 -21.91 2.19 -18.51
C ILE B 327 -20.41 1.97 -18.56
N ILE B 328 -19.66 2.84 -17.88
CA ILE B 328 -18.21 2.78 -17.83
C ILE B 328 -17.77 2.96 -16.38
N ARG B 329 -16.99 2.01 -15.87
CA ARG B 329 -16.54 2.00 -14.48
C ARG B 329 -15.02 1.99 -14.43
N PHE B 330 -14.47 2.70 -13.46
CA PHE B 330 -13.04 2.73 -13.21
C PHE B 330 -12.80 2.08 -11.87
N ALA B 331 -11.76 1.25 -11.77
CA ALA B 331 -11.39 0.60 -10.53
C ALA B 331 -9.87 0.50 -10.46
N ASN B 332 -9.33 0.29 -9.26
CA ASN B 332 -7.88 0.24 -9.11
C ASN B 332 -7.35 -1.08 -9.65
N SER B 333 -6.02 -1.24 -9.62
CA SER B 333 -5.35 -2.28 -10.39
C SER B 333 -5.62 -3.65 -9.78
N SER B 334 -5.03 -4.68 -10.38
CA SER B 334 -5.25 -6.06 -9.96
C SER B 334 -4.09 -6.58 -9.12
N GLY B 335 -2.95 -6.86 -9.74
CA GLY B 335 -1.82 -7.39 -9.00
C GLY B 335 -0.62 -7.59 -9.92
N GLY B 336 0.54 -7.70 -9.29
CA GLY B 336 1.79 -7.88 -10.00
C GLY B 336 2.94 -7.30 -9.21
N ASP B 337 4.05 -7.06 -9.90
CA ASP B 337 5.18 -6.41 -9.25
C ASP B 337 4.81 -4.98 -8.87
N LEU B 338 5.57 -4.44 -7.92
CA LEU B 338 5.35 -3.05 -7.51
C LEU B 338 5.60 -2.09 -8.67
N GLU B 339 6.46 -2.46 -9.61
CA GLU B 339 6.72 -1.62 -10.78
C GLU B 339 5.50 -1.54 -11.71
N VAL B 340 4.53 -2.43 -11.55
CA VAL B 340 3.30 -2.42 -12.34
C VAL B 340 2.17 -1.85 -11.48
N THR B 341 1.89 -2.52 -10.36
CA THR B 341 0.79 -2.14 -9.48
C THR B 341 0.86 -0.68 -9.05
N THR B 342 2.04 -0.07 -9.07
CA THR B 342 2.20 1.34 -8.75
C THR B 342 2.86 2.07 -9.92
N HIS B 343 3.03 3.37 -9.76
CA HIS B 343 3.55 4.24 -10.81
C HIS B 343 5.03 4.49 -10.56
N SER B 344 5.88 4.00 -11.46
CA SER B 344 7.32 4.14 -11.36
C SER B 344 7.79 5.26 -12.28
N PHE B 345 8.83 5.96 -11.85
CA PHE B 345 9.51 7.00 -12.63
C PHE B 345 10.62 7.57 -11.77
N ASN B 346 11.58 8.22 -12.43
CA ASN B 346 12.66 8.92 -11.74
C ASN B 346 12.28 10.38 -11.58
N CYS B 347 12.19 10.86 -10.34
CA CYS B 347 12.02 12.28 -10.10
C CYS B 347 13.37 12.79 -9.58
N GLY B 348 14.16 13.25 -10.53
CA GLY B 348 15.38 14.05 -10.48
C GLY B 348 16.67 13.38 -10.08
N GLY B 349 16.66 12.61 -8.99
CA GLY B 349 17.56 11.50 -8.80
C GLY B 349 16.90 10.18 -8.44
N GLU B 350 15.63 10.26 -8.02
CA GLU B 350 15.02 9.23 -7.21
C GLU B 350 13.82 8.63 -7.92
N PHE B 351 13.55 7.37 -7.64
CA PHE B 351 12.51 6.62 -8.31
C PHE B 351 11.31 6.48 -7.38
N PHE B 352 10.20 7.12 -7.76
CA PHE B 352 9.01 7.17 -6.94
C PHE B 352 8.03 6.06 -7.36
N TYR B 353 7.33 5.52 -6.36
CA TYR B 353 6.30 4.52 -6.58
C TYR B 353 5.05 4.95 -5.82
N CYS B 354 3.98 5.25 -6.56
CA CYS B 354 2.82 5.95 -6.01
C CYS B 354 1.58 5.08 -6.03
N ASN B 355 0.72 5.28 -5.02
CA ASN B 355 -0.57 4.60 -4.94
C ASN B 355 -1.57 5.34 -5.81
N THR B 356 -2.10 4.66 -6.82
CA THR B 356 -3.15 5.23 -7.67
C THR B 356 -4.44 4.45 -7.41
N SER B 357 -5.36 5.09 -6.69
CA SER B 357 -6.63 4.46 -6.35
C SER B 357 -7.78 5.43 -6.62
N GLY B 358 -7.81 6.54 -5.88
CA GLY B 358 -8.90 7.48 -5.95
C GLY B 358 -9.08 8.15 -7.31
N LEU B 359 -8.05 8.17 -8.14
CA LEU B 359 -8.24 8.61 -9.53
C LEU B 359 -9.32 7.78 -10.20
N PHE B 360 -9.27 6.47 -10.02
CA PHE B 360 -10.11 5.50 -10.70
C PHE B 360 -11.31 5.06 -9.90
N ASN B 361 -11.72 5.84 -8.88
CA ASN B 361 -12.93 5.51 -8.14
C ASN B 361 -14.07 6.25 -8.82
N SER B 362 -14.78 5.55 -9.71
CA SER B 362 -15.84 6.17 -10.49
C SER B 362 -16.74 5.11 -11.12
N THR B 363 -17.97 5.53 -11.44
CA THR B 363 -18.87 4.78 -12.31
C THR B 363 -19.63 5.78 -13.17
N TRP B 364 -19.52 5.67 -14.49
CA TRP B 364 -20.10 6.60 -15.44
C TRP B 364 -21.15 5.88 -16.27
N ILE B 365 -22.23 6.60 -16.62
CA ILE B 365 -23.24 5.98 -17.48
C ILE B 365 -23.36 6.69 -18.82
N SER B 366 -24.21 7.71 -18.91
CA SER B 366 -24.36 8.34 -20.22
C SER B 366 -24.38 9.86 -20.14
N ASN B 367 -25.49 10.40 -19.65
CA ASN B 367 -25.67 11.84 -19.58
C ASN B 367 -25.63 12.31 -18.13
N ASN B 379 -14.49 23.51 -5.50
CA ASN B 379 -13.31 23.57 -6.36
C ASN B 379 -12.05 23.20 -5.58
N ASP B 380 -11.50 22.02 -5.89
CA ASP B 380 -10.28 21.56 -5.24
C ASP B 380 -9.60 20.55 -6.17
N SER B 381 -8.56 19.89 -5.66
CA SER B 381 -7.75 18.97 -6.45
C SER B 381 -7.56 17.65 -5.72
N ILE B 382 -6.74 16.76 -6.28
CA ILE B 382 -6.52 15.44 -5.69
C ILE B 382 -5.09 15.34 -5.16
N THR B 383 -4.77 14.21 -4.53
CA THR B 383 -3.44 13.94 -3.99
C THR B 383 -3.23 12.44 -3.95
N LEU B 384 -2.00 12.00 -4.18
CA LEU B 384 -1.69 10.58 -4.19
C LEU B 384 -0.51 10.28 -3.27
N PRO B 385 -0.54 9.17 -2.55
CA PRO B 385 0.63 8.75 -1.77
C PRO B 385 1.69 8.16 -2.67
N CYS B 386 2.94 8.24 -2.22
CA CYS B 386 4.07 7.77 -3.01
C CYS B 386 5.14 7.18 -2.11
N ARG B 387 5.96 6.31 -2.70
CA ARG B 387 7.08 5.67 -2.02
C ARG B 387 8.31 5.77 -2.91
N ILE B 388 9.49 5.75 -2.27
CA ILE B 388 10.77 5.80 -2.98
C ILE B 388 11.51 4.50 -2.74
N LYS B 389 12.11 3.97 -3.80
CA LYS B 389 12.91 2.75 -3.74
C LYS B 389 14.21 3.00 -4.50
N GLN B 390 15.33 2.66 -3.85
CA GLN B 390 16.66 2.92 -4.41
C GLN B 390 17.17 1.73 -5.22
N ILE B 391 17.33 0.57 -4.58
CA ILE B 391 17.64 -0.65 -5.32
C ILE B 391 16.56 -0.88 -6.35
N ILE B 392 16.95 -1.00 -7.62
CA ILE B 392 16.01 -1.21 -8.71
C ILE B 392 16.60 -2.17 -9.73
N ASN B 393 15.83 -3.21 -10.04
CA ASN B 393 16.18 -4.21 -11.03
C ASN B 393 15.60 -3.92 -12.41
N MET B 394 15.09 -2.70 -12.64
CA MET B 394 14.11 -2.44 -13.69
C MET B 394 14.52 -3.04 -15.02
N TRP B 395 13.50 -3.48 -15.77
CA TRP B 395 13.57 -4.46 -16.85
C TRP B 395 13.98 -5.84 -16.34
N GLN B 396 13.83 -6.06 -15.03
CA GLN B 396 13.71 -7.40 -14.45
C GLN B 396 14.93 -8.29 -14.64
N ARG B 397 15.91 -7.85 -15.43
CA ARG B 397 17.05 -8.71 -15.75
C ARG B 397 17.79 -9.09 -14.49
N ILE B 398 17.90 -10.38 -14.22
CA ILE B 398 18.49 -10.84 -12.97
C ILE B 398 20.00 -10.96 -13.17
N GLY B 399 20.73 -11.23 -12.10
CA GLY B 399 22.18 -11.23 -12.12
C GLY B 399 22.81 -9.86 -12.02
N GLN B 400 22.07 -8.81 -12.33
CA GLN B 400 22.55 -7.43 -12.20
C GLN B 400 21.41 -6.56 -11.68
N ALA B 401 21.62 -5.95 -10.52
CA ALA B 401 20.70 -4.95 -9.97
C ALA B 401 21.34 -3.57 -10.08
N MET B 402 20.62 -2.55 -9.61
CA MET B 402 21.19 -1.21 -9.52
C MET B 402 20.63 -0.51 -8.28
N TYR B 403 21.45 0.37 -7.72
CA TYR B 403 21.08 1.20 -6.57
C TYR B 403 21.10 2.66 -6.99
N ALA B 404 20.03 3.38 -6.66
CA ALA B 404 19.94 4.79 -6.97
C ALA B 404 20.36 5.60 -5.75
N PRO B 405 21.47 6.33 -5.80
CA PRO B 405 21.89 7.09 -4.63
C PRO B 405 20.83 8.10 -4.23
N PRO B 406 20.72 8.42 -2.95
CA PRO B 406 19.73 9.39 -2.51
C PRO B 406 20.15 10.80 -2.89
N ILE B 407 19.15 11.65 -3.11
CA ILE B 407 19.38 13.03 -3.46
C ILE B 407 19.15 13.91 -2.24
N GLN B 408 20.02 14.88 -2.05
CA GLN B 408 19.97 15.71 -0.85
C GLN B 408 18.73 16.59 -0.87
N GLY B 409 17.93 16.49 0.17
CA GLY B 409 16.87 17.44 0.41
C GLY B 409 15.55 17.13 -0.25
N VAL B 410 14.70 18.16 -0.26
CA VAL B 410 13.37 18.06 -0.84
C VAL B 410 13.50 17.95 -2.35
N ILE B 411 12.93 16.91 -2.92
CA ILE B 411 12.92 16.70 -4.36
C ILE B 411 11.59 17.21 -4.90
N ARG B 412 11.62 17.94 -6.01
CA ARG B 412 10.41 18.37 -6.69
C ARG B 412 10.60 18.27 -8.19
N CYS B 413 9.62 17.66 -8.86
CA CYS B 413 9.59 17.59 -10.31
C CYS B 413 8.16 17.79 -10.78
N VAL B 414 8.00 18.61 -11.82
CA VAL B 414 6.70 18.89 -12.41
C VAL B 414 6.64 18.16 -13.75
N SER B 415 5.56 17.42 -13.98
CA SER B 415 5.41 16.61 -15.17
C SER B 415 4.09 16.93 -15.87
N ASN B 416 4.08 16.70 -17.18
CA ASN B 416 2.91 16.96 -18.02
C ASN B 416 2.50 15.64 -18.66
N ILE B 417 1.25 15.23 -18.44
CA ILE B 417 0.81 13.86 -18.73
C ILE B 417 0.23 13.84 -20.14
N THR B 418 0.94 13.20 -21.06
CA THR B 418 0.54 13.12 -22.46
C THR B 418 -0.04 11.79 -22.89
N GLY B 419 -0.09 10.77 -22.04
CA GLY B 419 -0.51 9.47 -22.53
C GLY B 419 -0.89 8.49 -21.45
N LEU B 420 -1.45 7.36 -21.89
CA LEU B 420 -1.98 6.35 -20.97
C LEU B 420 -1.90 4.97 -21.58
N ILE B 421 -1.95 3.96 -20.71
CA ILE B 421 -1.97 2.54 -21.08
C ILE B 421 -3.00 1.85 -20.19
N LEU B 422 -3.87 1.03 -20.79
CA LEU B 422 -4.97 0.40 -20.06
C LEU B 422 -5.21 -1.01 -20.58
N THR B 423 -5.92 -1.80 -19.78
CA THR B 423 -6.37 -3.15 -20.11
C THR B 423 -7.85 -3.25 -19.78
N ARG B 424 -8.48 -4.30 -20.28
CA ARG B 424 -9.89 -4.54 -20.08
C ARG B 424 -10.08 -5.79 -19.22
N ASP B 425 -11.33 -5.94 -18.79
CA ASP B 425 -11.77 -7.01 -17.89
C ASP B 425 -12.10 -8.31 -18.60
N GLY B 426 -13.30 -8.86 -18.39
CA GLY B 426 -13.55 -10.09 -19.08
C GLY B 426 -15.00 -10.39 -19.44
N GLY B 427 -15.56 -11.57 -19.67
CA GLY B 427 -16.93 -11.68 -20.11
C GLY B 427 -17.92 -11.12 -19.11
N SER B 428 -17.80 -11.54 -17.85
CA SER B 428 -18.66 -11.07 -16.79
C SER B 428 -20.11 -11.31 -17.15
N THR B 429 -20.86 -10.23 -17.36
CA THR B 429 -22.27 -10.29 -17.71
C THR B 429 -22.48 -9.63 -19.07
N ASN B 430 -23.36 -10.24 -19.87
CA ASN B 430 -23.52 -9.89 -21.28
C ASN B 430 -23.97 -8.44 -21.44
N SER B 431 -23.20 -7.66 -22.20
CA SER B 431 -23.53 -6.26 -22.51
C SER B 431 -23.96 -5.49 -21.28
N THR B 432 -23.18 -5.61 -20.21
CA THR B 432 -23.56 -4.93 -18.97
C THR B 432 -22.62 -3.76 -18.67
N THR B 433 -21.42 -4.04 -18.18
CA THR B 433 -20.50 -2.95 -17.84
C THR B 433 -19.07 -3.39 -18.06
N GLU B 434 -18.25 -2.48 -18.57
CA GLU B 434 -16.83 -2.71 -18.78
C GLU B 434 -16.02 -1.92 -17.76
N THR B 435 -15.01 -2.57 -17.21
CA THR B 435 -14.16 -2.00 -16.18
C THR B 435 -12.74 -1.84 -16.73
N PHE B 436 -12.06 -0.81 -16.24
CA PHE B 436 -10.73 -0.48 -16.71
C PHE B 436 -9.84 -0.15 -15.53
N ARG B 437 -8.57 -0.52 -15.65
CA ARG B 437 -7.58 -0.35 -14.59
C ARG B 437 -6.25 0.00 -15.25
N PRO B 438 -5.20 0.30 -14.45
CA PRO B 438 -3.87 0.52 -15.03
C PRO B 438 -3.32 -0.73 -15.70
N GLY B 439 -2.14 -0.63 -16.30
CA GLY B 439 -1.60 -1.77 -16.98
C GLY B 439 -0.24 -1.46 -17.57
N GLY B 440 0.24 -2.39 -18.39
CA GLY B 440 1.56 -2.25 -18.98
C GLY B 440 2.67 -2.76 -18.10
N GLY B 441 3.81 -2.06 -18.11
CA GLY B 441 5.02 -2.49 -17.45
C GLY B 441 6.09 -2.96 -18.40
N ASP B 442 5.72 -3.32 -19.61
CA ASP B 442 6.68 -3.53 -20.69
C ASP B 442 6.97 -2.18 -21.33
N MET B 443 8.22 -1.72 -21.21
CA MET B 443 8.57 -0.38 -21.65
C MET B 443 8.46 -0.20 -23.15
N ARG B 444 8.26 -1.28 -23.91
CA ARG B 444 7.99 -1.13 -25.34
C ARG B 444 6.75 -0.30 -25.57
N ASP B 445 5.77 -0.37 -24.66
CA ASP B 445 4.59 0.49 -24.78
C ASP B 445 4.93 1.94 -24.53
N ASN B 446 5.94 2.21 -23.69
CA ASN B 446 6.36 3.59 -23.46
C ASN B 446 6.85 4.25 -24.75
N TRP B 447 7.60 3.49 -25.56
CA TRP B 447 8.15 4.06 -26.78
C TRP B 447 7.12 4.12 -27.91
N ARG B 448 6.07 3.29 -27.85
CA ARG B 448 4.99 3.39 -28.83
C ARG B 448 4.25 4.72 -28.73
N SER B 449 4.39 5.41 -27.60
CA SER B 449 3.65 6.67 -27.41
C SER B 449 4.08 7.72 -28.42
N GLU B 450 5.39 7.86 -28.65
CA GLU B 450 5.90 8.82 -29.63
C GLU B 450 6.16 8.20 -31.00
N LEU B 451 6.16 6.87 -31.12
CA LEU B 451 6.49 6.20 -32.36
C LEU B 451 5.27 5.74 -33.15
N TYR B 452 4.06 6.05 -32.68
CA TYR B 452 2.84 5.59 -33.36
C TYR B 452 2.79 6.08 -34.81
N LYS B 453 3.31 7.27 -35.08
CA LYS B 453 3.26 7.88 -36.39
C LYS B 453 4.46 7.55 -37.26
N TYR B 454 5.37 6.69 -36.80
CA TYR B 454 6.64 6.45 -37.46
C TYR B 454 6.73 5.01 -37.97
N LYS B 455 7.60 4.82 -38.97
CA LYS B 455 7.94 3.53 -39.57
C LYS B 455 9.04 3.78 -40.60
N VAL B 456 9.70 2.71 -41.02
CA VAL B 456 10.88 2.79 -41.86
C VAL B 456 10.64 2.04 -43.17
N VAL B 457 11.25 2.53 -44.24
CA VAL B 457 11.23 1.91 -45.56
C VAL B 457 12.63 1.99 -46.17
N LYS B 458 12.78 1.40 -47.36
CA LYS B 458 14.05 1.42 -48.08
C LYS B 458 13.78 1.75 -49.55
N ILE B 459 14.75 2.38 -50.19
CA ILE B 459 14.58 2.90 -51.55
C ILE B 459 15.01 1.85 -52.57
N GLU B 460 14.25 1.74 -53.66
CA GLU B 460 14.61 0.95 -54.82
C GLU B 460 14.75 1.91 -56.00
N PRO B 461 15.87 2.64 -56.07
CA PRO B 461 16.01 3.67 -57.11
C PRO B 461 16.09 3.11 -58.52
N LEU B 462 16.37 1.83 -58.67
CA LEU B 462 16.35 1.18 -59.97
C LEU B 462 14.94 0.72 -60.31
N GLY B 463 14.56 0.90 -61.56
CA GLY B 463 13.27 0.44 -62.04
C GLY B 463 13.33 0.17 -63.52
N VAL B 464 12.44 -0.70 -63.97
CA VAL B 464 12.38 -1.11 -65.37
C VAL B 464 10.93 -1.00 -65.84
N ALA B 465 10.69 -0.14 -66.82
CA ALA B 465 9.37 0.09 -67.38
C ALA B 465 9.49 0.19 -68.89
N PRO B 466 8.49 -0.30 -69.62
CA PRO B 466 8.59 -0.31 -71.08
C PRO B 466 8.31 1.03 -71.71
N THR B 467 8.91 1.24 -72.88
CA THR B 467 8.62 2.35 -73.76
C THR B 467 9.17 2.00 -75.14
N ARG B 468 8.98 2.91 -76.08
CA ARG B 468 9.49 2.69 -77.43
C ARG B 468 11.00 2.83 -77.52
N CYS B 469 11.68 3.22 -76.44
CA CYS B 469 13.11 3.45 -76.48
C CYS B 469 13.88 2.14 -76.58
N LYS B 470 15.06 2.22 -77.22
CA LYS B 470 15.99 1.11 -77.31
C LYS B 470 17.39 1.69 -77.42
N ARG B 471 18.37 0.98 -76.87
CA ARG B 471 19.75 1.44 -76.94
C ARG B 471 20.32 1.14 -78.33
N ARG B 472 21.63 1.38 -78.48
CA ARG B 472 22.28 1.32 -79.78
C ARG B 472 22.77 -0.10 -80.06
N VAL B 473 23.51 -0.26 -81.15
CA VAL B 473 24.03 -1.57 -81.54
C VAL B 473 25.53 -1.64 -81.27
N GLN C 1 -17.29 33.81 32.08
CA GLN C 1 -16.66 34.15 33.34
C GLN C 1 -16.28 32.89 34.12
N VAL C 2 -15.61 31.96 33.44
CA VAL C 2 -15.28 30.67 34.03
C VAL C 2 -14.23 30.88 35.12
N GLN C 3 -14.49 30.31 36.30
CA GLN C 3 -13.60 30.43 37.45
C GLN C 3 -13.45 29.07 38.12
N LEU C 4 -12.45 28.96 39.00
CA LEU C 4 -12.11 27.68 39.61
C LEU C 4 -11.78 27.88 41.09
N GLN C 5 -11.92 26.79 41.85
CA GLN C 5 -11.58 26.76 43.27
C GLN C 5 -11.19 25.34 43.65
N GLU C 6 -10.21 25.20 44.54
CA GLU C 6 -9.73 23.91 45.01
C GLU C 6 -10.22 23.62 46.42
N SER C 7 -9.94 22.40 46.88
CA SER C 7 -10.09 22.04 48.29
C SER C 7 -9.00 21.05 48.66
N GLY C 8 -8.22 21.36 49.69
CA GLY C 8 -7.25 20.40 50.21
C GLY C 8 -7.67 19.70 51.48
N PRO C 9 -7.12 18.51 51.74
CA PRO C 9 -7.22 17.95 53.10
C PRO C 9 -6.35 18.66 54.12
N GLY C 10 -5.11 18.97 53.76
CA GLY C 10 -4.15 19.67 54.59
C GLY C 10 -3.17 18.78 55.35
N LEU C 11 -3.54 17.54 55.63
CA LEU C 11 -2.61 16.58 56.23
C LEU C 11 -3.03 15.16 55.86
N VAL C 12 -2.04 14.31 55.60
CA VAL C 12 -2.29 12.89 55.33
C VAL C 12 -1.12 12.09 55.90
N LYS C 13 -1.42 10.90 56.40
CA LYS C 13 -0.38 9.97 56.80
C LYS C 13 0.15 9.23 55.57
N PRO C 14 1.40 8.77 55.61
CA PRO C 14 1.97 8.08 54.44
C PRO C 14 1.16 6.85 54.07
N SER C 15 1.13 6.56 52.77
CA SER C 15 0.40 5.41 52.21
C SER C 15 -1.09 5.47 52.54
N GLU C 16 -1.69 6.64 52.32
CA GLU C 16 -3.11 6.83 52.49
C GLU C 16 -3.68 7.53 51.26
N THR C 17 -5.01 7.48 51.13
CA THR C 17 -5.70 8.07 50.00
C THR C 17 -5.82 9.58 50.19
N LEU C 18 -5.30 10.34 49.23
CA LEU C 18 -5.35 11.79 49.25
C LEU C 18 -6.34 12.29 48.19
N SER C 19 -7.18 13.25 48.57
CA SER C 19 -8.25 13.72 47.71
C SER C 19 -8.21 15.24 47.58
N VAL C 20 -8.37 15.72 46.34
CA VAL C 20 -8.48 17.15 46.05
C VAL C 20 -9.61 17.32 45.05
N THR C 21 -10.38 18.39 45.21
CA THR C 21 -11.52 18.68 44.34
C THR C 21 -11.43 20.10 43.82
N CYS C 22 -11.53 20.25 42.50
CA CYS C 22 -11.53 21.55 41.84
C CYS C 22 -12.94 21.88 41.39
N SER C 23 -13.46 23.02 41.85
CA SER C 23 -14.83 23.42 41.53
C SER C 23 -14.85 24.28 40.27
N VAL C 24 -15.67 23.87 39.30
CA VAL C 24 -15.83 24.58 38.05
C VAL C 24 -16.98 25.57 38.20
N SER C 25 -16.82 26.77 37.64
CA SER C 25 -17.87 27.77 37.66
C SER C 25 -17.81 28.58 36.37
N GLY C 26 -18.79 29.46 36.19
CA GLY C 26 -18.77 30.50 35.17
C GLY C 26 -19.07 30.04 33.76
N ASP C 27 -19.02 28.75 33.50
CA ASP C 27 -19.22 28.19 32.18
C ASP C 27 -19.59 26.71 32.34
N SER C 28 -19.70 26.00 31.23
CA SER C 28 -20.01 24.58 31.28
C SER C 28 -18.73 23.76 31.29
N MET C 29 -18.89 22.45 31.48
CA MET C 29 -17.77 21.53 31.54
C MET C 29 -17.48 20.80 30.23
N ASN C 30 -18.37 20.88 29.25
CA ASN C 30 -18.21 20.14 28.00
C ASN C 30 -17.60 20.96 26.88
N ASN C 31 -17.29 22.24 27.13
CA ASN C 31 -16.72 23.07 26.08
C ASN C 31 -15.22 22.85 25.89
N TYR C 32 -14.49 22.61 26.98
CA TYR C 32 -13.04 22.55 26.93
C TYR C 32 -12.46 21.32 27.64
N TYR C 33 -11.15 21.27 27.77
CA TYR C 33 -10.43 20.16 28.37
C TYR C 33 -9.79 20.62 29.68
N TRP C 34 -9.54 19.66 30.58
CA TRP C 34 -9.16 19.94 31.95
C TRP C 34 -7.86 19.22 32.31
N THR C 35 -7.16 19.75 33.33
CA THR C 35 -5.87 19.21 33.73
C THR C 35 -5.54 19.61 35.16
N TRP C 36 -4.59 18.89 35.76
CA TRP C 36 -4.02 19.18 37.06
C TRP C 36 -2.50 19.08 36.98
N ILE C 37 -1.80 19.84 37.83
CA ILE C 37 -0.34 19.86 37.85
C ILE C 37 0.13 20.12 39.27
N ARG C 38 1.25 19.49 39.66
CA ARG C 38 1.81 19.61 40.99
C ARG C 38 3.28 20.00 40.93
N GLN C 39 3.79 20.53 42.05
CA GLN C 39 5.22 20.76 42.23
C GLN C 39 5.60 20.51 43.68
N SER C 40 6.72 19.78 43.91
CA SER C 40 7.33 19.43 45.19
C SER C 40 8.33 20.51 45.61
N PRO C 41 8.53 20.71 46.91
CA PRO C 41 9.49 21.72 47.36
C PRO C 41 10.91 21.37 46.93
N GLY C 42 11.60 22.34 46.35
CA GLY C 42 12.96 22.18 45.88
C GLY C 42 13.09 21.69 44.46
N LYS C 43 12.05 21.07 43.90
CA LYS C 43 12.06 20.53 42.55
C LYS C 43 11.26 21.43 41.61
N GLY C 44 11.15 21.00 40.36
CA GLY C 44 10.52 21.78 39.32
C GLY C 44 9.11 21.33 39.00
N LEU C 45 8.62 21.76 37.84
CA LEU C 45 7.25 21.51 37.45
C LEU C 45 7.09 20.10 36.87
N GLU C 46 5.92 19.51 37.10
CA GLU C 46 5.63 18.14 36.65
C GLU C 46 4.22 18.08 36.09
N TRP C 47 4.10 17.61 34.85
CA TRP C 47 2.80 17.41 34.23
C TRP C 47 2.16 16.11 34.69
N ILE C 48 0.82 16.06 34.65
CA ILE C 48 0.09 14.90 35.15
C ILE C 48 -0.76 14.27 34.04
N GLY C 49 -1.86 14.91 33.67
CA GLY C 49 -2.74 14.32 32.68
C GLY C 49 -3.88 15.25 32.34
N TYR C 50 -4.74 14.76 31.45
CA TYR C 50 -5.84 15.57 30.94
C TYR C 50 -7.03 14.68 30.60
N ILE C 51 -8.19 15.32 30.43
CA ILE C 51 -9.45 14.63 30.13
C ILE C 51 -10.26 15.54 29.22
N SER C 52 -11.01 14.91 28.30
CA SER C 52 -11.64 15.63 27.19
C SER C 52 -13.16 15.63 27.34
N ASP C 53 -13.82 16.20 26.33
CA ASP C 53 -15.28 16.36 26.38
C ASP C 53 -16.00 15.02 26.44
N ARG C 54 -15.38 13.96 25.94
CA ARG C 54 -15.96 12.62 26.00
C ARG C 54 -15.59 11.88 27.27
N GLU C 55 -14.90 12.55 28.20
CA GLU C 55 -14.64 12.15 29.59
C GLU C 55 -13.53 11.12 29.72
N SER C 56 -12.94 10.63 28.64
CA SER C 56 -11.87 9.65 28.75
C SER C 56 -10.61 10.31 29.29
N ALA C 57 -10.08 9.77 30.39
CA ALA C 57 -8.91 10.31 31.06
C ALA C 57 -7.62 9.80 30.41
N THR C 58 -6.59 10.65 30.43
CA THR C 58 -5.27 10.32 29.95
C THR C 58 -4.25 10.78 30.98
N TYR C 59 -3.20 9.99 31.19
CA TYR C 59 -2.25 10.22 32.27
C TYR C 59 -0.82 10.23 31.73
N ASN C 60 0.08 10.73 32.56
CA ASN C 60 1.52 10.63 32.31
C ASN C 60 2.03 9.27 32.79
N PRO C 61 2.70 8.50 31.94
CA PRO C 61 3.16 7.16 32.38
C PRO C 61 4.11 7.18 33.58
N SER C 62 4.66 8.34 33.95
CA SER C 62 5.58 8.42 35.08
C SER C 62 4.90 8.21 36.43
N LEU C 63 3.57 8.13 36.46
CA LEU C 63 2.83 8.03 37.71
C LEU C 63 2.50 6.58 38.11
N ASN C 64 2.92 5.61 37.31
CA ASN C 64 2.71 4.18 37.61
C ASN C 64 1.23 3.83 37.74
N SER C 65 0.37 4.58 37.04
CA SER C 65 -1.07 4.32 37.01
C SER C 65 -1.69 4.37 38.41
N ARG C 66 -1.16 5.21 39.29
CA ARG C 66 -1.71 5.40 40.62
C ARG C 66 -2.68 6.58 40.68
N VAL C 67 -2.97 7.20 39.54
CA VAL C 67 -3.79 8.41 39.48
C VAL C 67 -5.14 8.06 38.85
N VAL C 68 -6.20 8.72 39.34
CA VAL C 68 -7.55 8.57 38.82
C VAL C 68 -8.18 9.96 38.76
N ILE C 69 -8.88 10.25 37.65
CA ILE C 69 -9.47 11.56 37.42
C ILE C 69 -10.95 11.38 37.06
N SER C 70 -11.79 12.23 37.63
CA SER C 70 -13.21 12.25 37.30
C SER C 70 -13.73 13.67 37.40
N ARG C 71 -14.60 14.05 36.47
CA ARG C 71 -15.35 15.29 36.55
C ARG C 71 -16.75 15.00 37.12
N ASP C 72 -17.54 16.06 37.25
CA ASP C 72 -18.96 15.93 37.53
C ASP C 72 -19.70 16.90 36.62
N THR C 73 -20.50 16.35 35.70
CA THR C 73 -21.28 17.21 34.81
C THR C 73 -22.37 17.96 35.54
N SER C 74 -22.82 17.45 36.68
CA SER C 74 -23.84 18.09 37.50
C SER C 74 -23.22 19.08 38.49
N LYS C 75 -22.37 18.57 39.40
CA LYS C 75 -21.78 19.42 40.44
C LYS C 75 -21.05 20.62 39.88
N ASN C 76 -20.57 20.54 38.63
CA ASN C 76 -19.53 21.44 38.13
C ASN C 76 -18.30 21.36 39.03
N GLN C 77 -17.93 20.13 39.41
CA GLN C 77 -16.77 19.86 40.24
C GLN C 77 -15.88 18.86 39.53
N LEU C 78 -14.57 19.11 39.55
CA LEU C 78 -13.56 18.22 39.00
C LEU C 78 -12.82 17.59 40.17
N SER C 79 -12.97 16.29 40.35
CA SER C 79 -12.40 15.64 41.52
C SER C 79 -11.01 15.08 41.22
N LEU C 80 -10.36 14.60 42.27
CA LEU C 80 -9.05 13.96 42.17
C LEU C 80 -8.87 13.03 43.37
N LYS C 81 -8.13 11.94 43.15
CA LYS C 81 -7.80 11.00 44.20
C LYS C 81 -6.39 10.48 43.99
N LEU C 82 -5.66 10.30 45.10
CA LEU C 82 -4.33 9.70 45.05
C LEU C 82 -4.14 8.78 46.25
N ASN C 83 -3.75 7.54 46.01
CA ASN C 83 -3.41 6.60 47.06
C ASN C 83 -1.90 6.45 47.14
N SER C 84 -1.45 5.68 48.13
CA SER C 84 -0.03 5.33 48.30
C SER C 84 0.86 6.57 48.28
N VAL C 85 0.74 7.35 49.35
CA VAL C 85 1.47 8.60 49.47
C VAL C 85 2.69 8.38 50.35
N THR C 86 3.77 9.09 50.03
CA THR C 86 5.05 8.98 50.69
C THR C 86 5.48 10.34 51.24
N PRO C 87 6.41 10.38 52.19
CA PRO C 87 6.88 11.67 52.70
C PRO C 87 7.37 12.63 51.63
N ALA C 88 7.93 12.10 50.54
CA ALA C 88 8.40 12.96 49.45
C ALA C 88 7.26 13.54 48.62
N ASP C 89 6.02 13.11 48.85
CA ASP C 89 4.87 13.56 48.07
C ASP C 89 4.28 14.87 48.58
N THR C 90 4.74 15.39 49.72
CA THR C 90 4.30 16.70 50.18
C THR C 90 4.62 17.74 49.12
N ALA C 91 3.61 18.49 48.71
CA ALA C 91 3.74 19.39 47.57
C ALA C 91 2.56 20.35 47.55
N VAL C 92 2.51 21.18 46.51
CA VAL C 92 1.43 22.15 46.29
C VAL C 92 0.78 21.83 44.94
N TYR C 93 -0.54 21.88 44.91
CA TYR C 93 -1.30 21.40 43.76
C TYR C 93 -2.19 22.51 43.20
N TYR C 94 -2.56 22.37 41.93
CA TYR C 94 -3.35 23.36 41.21
C TYR C 94 -4.41 22.67 40.37
N CYS C 95 -5.18 23.46 39.62
CA CYS C 95 -6.01 22.96 38.54
C CYS C 95 -6.15 24.06 37.49
N ALA C 96 -6.30 23.63 36.24
CA ALA C 96 -6.34 24.55 35.11
C ALA C 96 -7.11 23.89 33.97
N THR C 97 -7.15 24.56 32.82
CA THR C 97 -7.77 24.03 31.63
C THR C 97 -6.72 23.83 30.54
N ALA C 98 -7.12 23.26 29.42
CA ALA C 98 -6.24 23.10 28.27
C ALA C 98 -7.00 23.42 27.00
N ARG C 99 -6.56 24.46 26.30
CA ARG C 99 -6.98 24.64 24.91
C ARG C 99 -6.23 23.63 24.05
N ARG C 100 -6.95 22.89 23.22
CA ARG C 100 -6.31 21.88 22.40
C ARG C 100 -5.92 22.54 21.08
N GLY C 101 -4.62 22.77 20.92
CA GLY C 101 -4.10 23.24 19.66
C GLY C 101 -3.65 22.09 18.80
N GLN C 102 -3.71 22.31 17.49
CA GLN C 102 -3.19 21.36 16.52
C GLN C 102 -2.26 22.14 15.61
N ARG C 103 -0.97 21.83 15.69
CA ARG C 103 0.04 22.56 14.93
C ARG C 103 0.30 21.82 13.63
N ILE C 104 -0.13 22.42 12.53
CA ILE C 104 -0.07 21.78 11.22
C ILE C 104 1.14 22.34 10.48
N TYR C 105 2.05 21.46 10.08
CA TYR C 105 3.13 21.83 9.17
C TYR C 105 2.79 21.42 7.73
N GLY C 106 2.58 20.13 7.49
CA GLY C 106 2.31 19.58 6.19
C GLY C 106 0.84 19.26 5.98
N VAL C 107 0.59 18.21 5.21
CA VAL C 107 -0.78 17.87 4.81
C VAL C 107 -1.52 17.24 5.98
N VAL C 108 -2.70 17.77 6.27
CA VAL C 108 -3.48 17.30 7.42
C VAL C 108 -3.94 15.86 7.21
N SER C 109 -4.20 15.46 5.96
CA SER C 109 -4.69 14.12 5.68
C SER C 109 -3.70 13.04 6.05
N PHE C 110 -2.41 13.38 6.11
CA PHE C 110 -1.37 12.42 6.44
C PHE C 110 -1.02 12.40 7.93
N GLY C 111 -1.75 13.14 8.76
CA GLY C 111 -1.35 13.27 10.15
C GLY C 111 -0.11 14.10 10.33
N GLU C 112 0.11 15.07 9.43
CA GLU C 112 1.29 15.92 9.45
C GLU C 112 1.10 17.14 10.34
N PHE C 113 0.05 17.15 11.15
CA PHE C 113 0.00 18.02 12.31
C PHE C 113 0.48 17.25 13.54
N PHE C 114 0.39 17.86 14.71
CA PHE C 114 0.42 17.15 15.98
C PHE C 114 -0.55 17.86 16.91
N TYR C 115 -0.73 17.32 18.11
CA TYR C 115 -1.64 17.89 19.09
C TYR C 115 -0.81 18.55 20.19
N TYR C 116 -0.84 19.88 20.23
CA TYR C 116 -0.14 20.66 21.24
C TYR C 116 -1.17 21.32 22.14
N TYR C 117 -1.00 21.14 23.45
CA TYR C 117 -1.93 21.69 24.42
C TYR C 117 -1.35 22.98 24.99
N SER C 118 -2.05 24.09 24.75
CA SER C 118 -1.69 25.39 25.28
C SER C 118 -2.67 25.74 26.39
N MET C 119 -2.16 26.00 27.58
CA MET C 119 -2.99 26.25 28.75
C MET C 119 -3.38 27.72 28.85
N ASP C 120 -4.64 27.97 29.17
CA ASP C 120 -5.19 29.32 29.24
C ASP C 120 -5.71 29.68 30.63
N VAL C 121 -6.74 29.00 31.12
CA VAL C 121 -7.37 29.34 32.38
C VAL C 121 -6.72 28.53 33.50
N TRP C 122 -6.58 29.15 34.67
CA TRP C 122 -5.86 28.56 35.79
C TRP C 122 -6.65 28.60 37.09
N GLY C 123 -6.02 28.26 38.20
CA GLY C 123 -6.67 28.18 39.49
C GLY C 123 -5.71 28.50 40.62
N LYS C 124 -6.24 28.42 41.85
CA LYS C 124 -5.52 28.91 43.03
C LYS C 124 -4.58 27.85 43.60
N GLY C 125 -5.14 26.84 44.22
CA GLY C 125 -4.36 25.73 44.76
C GLY C 125 -4.29 25.75 46.28
N THR C 126 -4.01 24.58 46.84
CA THR C 126 -3.94 24.36 48.28
C THR C 126 -2.61 23.68 48.62
N THR C 127 -2.43 23.34 49.89
CA THR C 127 -1.19 22.77 50.39
C THR C 127 -1.49 21.57 51.26
N VAL C 128 -0.78 20.47 51.04
CA VAL C 128 -0.89 19.26 51.83
C VAL C 128 0.50 18.81 52.25
N THR C 129 0.64 18.36 53.49
CA THR C 129 1.89 17.85 54.02
C THR C 129 1.70 16.38 54.38
N VAL C 130 2.54 15.53 53.80
CA VAL C 130 2.52 14.10 54.12
C VAL C 130 3.54 13.88 55.22
N SER C 131 3.06 13.55 56.42
CA SER C 131 3.94 13.41 57.57
C SER C 131 3.35 12.40 58.54
N SER C 132 4.23 11.73 59.28
CA SER C 132 3.82 10.75 60.28
C SER C 132 3.55 11.38 61.64
N ALA C 133 3.90 12.64 61.84
CA ALA C 133 3.65 13.31 63.10
C ALA C 133 2.19 13.74 63.20
N SER C 134 1.61 13.59 64.39
CA SER C 134 0.20 13.90 64.58
C SER C 134 -0.05 15.39 64.40
N THR C 135 -1.28 15.72 64.01
CA THR C 135 -1.65 17.11 63.83
C THR C 135 -1.63 17.85 65.16
N LYS C 136 -1.23 19.11 65.13
CA LYS C 136 -1.14 19.93 66.33
C LYS C 136 -1.94 21.21 66.13
N GLY C 137 -2.85 21.50 67.06
CA GLY C 137 -3.68 22.65 66.97
C GLY C 137 -2.92 23.95 67.21
N PRO C 138 -3.27 24.99 66.47
CA PRO C 138 -2.57 26.27 66.65
C PRO C 138 -2.96 26.95 67.96
N SER C 139 -1.99 27.56 68.59
CA SER C 139 -2.21 28.33 69.81
C SER C 139 -2.44 29.79 69.42
N VAL C 140 -3.65 30.29 69.65
CA VAL C 140 -4.06 31.61 69.19
C VAL C 140 -4.10 32.54 70.39
N PHE C 141 -3.38 33.66 70.30
CA PHE C 141 -3.40 34.69 71.34
C PHE C 141 -3.48 36.06 70.70
N PRO C 142 -4.29 36.95 71.25
CA PRO C 142 -4.45 38.30 70.68
C PRO C 142 -3.40 39.30 71.14
N LEU C 143 -2.26 39.37 70.46
CA LEU C 143 -1.21 40.31 70.84
C LEU C 143 -1.79 41.70 71.02
N ALA C 144 -1.52 42.28 72.19
CA ALA C 144 -2.10 43.56 72.55
C ALA C 144 -1.23 44.69 72.04
N PRO C 145 -1.80 45.73 71.44
CA PRO C 145 -0.98 46.83 70.91
C PRO C 145 -0.34 47.65 72.02
N SER C 146 0.47 48.63 71.64
CA SER C 146 1.11 49.51 72.61
C SER C 146 0.31 50.82 72.70
N SER C 147 0.73 51.68 73.62
CA SER C 147 0.23 53.05 73.70
C SER C 147 1.42 53.98 73.77
N LYS C 148 1.65 54.74 72.71
CA LYS C 148 2.77 55.68 72.60
C LYS C 148 2.75 56.35 71.24
N THR C 154 -0.24 55.66 63.44
CA THR C 154 -0.38 54.27 63.03
C THR C 154 0.37 53.34 64.00
N ALA C 155 -0.34 52.35 64.52
CA ALA C 155 0.19 51.39 65.48
C ALA C 155 -0.03 49.97 64.95
N ALA C 156 0.30 48.98 65.76
CA ALA C 156 0.24 47.60 65.33
C ALA C 156 -0.33 46.70 66.42
N LEU C 157 -1.20 45.79 66.01
CA LEU C 157 -1.72 44.73 66.87
C LEU C 157 -1.88 43.48 66.01
N GLY C 158 -2.38 42.40 66.60
CA GLY C 158 -2.61 41.19 65.84
C GLY C 158 -2.81 39.99 66.75
N CYS C 159 -2.65 38.81 66.16
CA CYS C 159 -2.81 37.55 66.87
C CYS C 159 -1.65 36.62 66.52
N LEU C 160 -1.38 35.70 67.43
CA LEU C 160 -0.29 34.74 67.29
C LEU C 160 -0.84 33.36 66.96
N VAL C 161 -0.11 32.62 66.13
CA VAL C 161 -0.39 31.22 65.85
C VAL C 161 0.89 30.45 66.18
N LYS C 162 0.84 29.60 67.20
CA LYS C 162 2.04 28.98 67.75
C LYS C 162 1.84 27.49 67.96
N ASP C 163 2.89 26.72 67.67
CA ASP C 163 2.95 25.29 67.94
C ASP C 163 1.77 24.56 67.29
N TYR C 164 1.79 24.58 65.96
CA TYR C 164 0.79 23.89 65.15
C TYR C 164 1.50 22.99 64.15
N PHE C 165 0.92 21.84 63.88
CA PHE C 165 1.43 20.97 62.83
C PHE C 165 0.26 20.30 62.12
N PRO C 166 0.35 20.16 60.79
CA PRO C 166 1.24 20.89 59.88
C PRO C 166 0.58 22.17 59.36
N GLU C 167 1.21 22.82 58.40
CA GLU C 167 0.62 23.92 57.65
C GLU C 167 -0.57 23.40 56.84
N PRO C 168 -1.42 24.30 56.29
CA PRO C 168 -1.59 25.75 56.40
C PRO C 168 -2.42 26.22 57.61
N VAL C 169 -2.20 27.45 58.03
CA VAL C 169 -3.07 28.14 58.98
C VAL C 169 -3.43 29.50 58.39
N THR C 170 -4.72 29.78 58.31
CA THR C 170 -5.24 30.99 57.68
C THR C 170 -5.82 31.93 58.73
N VAL C 171 -5.53 33.22 58.60
CA VAL C 171 -5.98 34.25 59.52
C VAL C 171 -6.71 35.34 58.74
N SER C 172 -7.75 35.90 59.33
CA SER C 172 -8.49 37.00 58.73
C SER C 172 -8.96 37.95 59.82
N TRP C 173 -9.36 39.15 59.40
CA TRP C 173 -9.74 40.22 60.33
C TRP C 173 -11.19 40.61 60.13
N ASN C 174 -11.94 40.67 61.24
CA ASN C 174 -13.32 41.17 61.26
C ASN C 174 -14.20 40.42 60.26
N SER C 175 -13.92 39.13 60.07
CA SER C 175 -14.67 38.29 59.13
C SER C 175 -14.63 38.88 57.72
N GLY C 176 -13.52 39.50 57.36
CA GLY C 176 -13.34 40.04 56.03
C GLY C 176 -13.69 41.50 55.86
N ALA C 177 -13.77 42.26 56.95
CA ALA C 177 -14.09 43.69 56.89
C ALA C 177 -12.86 44.58 56.92
N LEU C 178 -11.65 44.01 57.01
CA LEU C 178 -10.43 44.78 57.16
C LEU C 178 -9.42 44.29 56.13
N THR C 179 -8.95 45.19 55.26
CA THR C 179 -8.16 44.79 54.11
C THR C 179 -6.80 45.49 54.08
N SER C 180 -6.74 46.78 53.76
CA SER C 180 -5.47 47.43 53.43
C SER C 180 -4.53 47.46 54.62
N GLY C 181 -3.28 47.06 54.39
CA GLY C 181 -2.26 47.08 55.41
C GLY C 181 -1.92 45.77 56.07
N VAL C 182 -2.38 44.64 55.51
CA VAL C 182 -2.10 43.33 56.11
C VAL C 182 -0.73 42.85 55.65
N HIS C 183 0.13 42.52 56.62
CA HIS C 183 1.42 41.90 56.34
C HIS C 183 1.55 40.64 57.20
N THR C 184 1.46 39.48 56.56
CA THR C 184 1.80 38.21 57.19
C THR C 184 3.31 37.96 57.07
N PHE C 185 3.83 37.17 57.99
CA PHE C 185 5.25 36.85 58.04
C PHE C 185 5.45 35.34 58.06
N PRO C 186 6.60 34.86 57.60
CA PRO C 186 6.81 33.41 57.46
C PRO C 186 6.71 32.67 58.78
N ALA C 187 6.47 31.37 58.68
CA ALA C 187 6.33 30.49 59.83
C ALA C 187 7.63 29.74 60.04
N VAL C 188 8.29 29.99 61.18
CA VAL C 188 9.56 29.35 61.46
C VAL C 188 9.34 27.86 61.73
N LEU C 189 10.39 27.07 61.51
CA LEU C 189 10.40 25.65 61.83
C LEU C 189 11.20 25.46 63.12
N GLN C 190 10.51 25.11 64.19
CA GLN C 190 11.19 24.83 65.45
C GLN C 190 11.91 23.49 65.36
N SER C 191 12.89 23.30 66.25
CA SER C 191 13.65 22.05 66.27
C SER C 191 12.77 20.86 66.63
N SER C 192 11.59 21.10 67.18
CA SER C 192 10.65 20.04 67.51
C SER C 192 9.76 19.66 66.33
N GLY C 193 9.95 20.28 65.17
CA GLY C 193 9.12 20.00 64.01
C GLY C 193 7.81 20.76 63.98
N LEU C 194 7.64 21.75 64.84
CA LEU C 194 6.41 22.53 64.92
C LEU C 194 6.68 23.95 64.44
N TYR C 195 5.65 24.59 63.89
CA TYR C 195 5.80 25.93 63.36
C TYR C 195 5.19 26.97 64.30
N SER C 196 5.41 28.23 63.96
CA SER C 196 4.71 29.35 64.56
C SER C 196 4.70 30.48 63.53
N LEU C 197 3.58 31.20 63.45
CA LEU C 197 3.47 32.30 62.48
C LEU C 197 2.87 33.52 63.18
N SER C 198 2.77 34.61 62.42
CA SER C 198 2.22 35.86 62.92
C SER C 198 1.67 36.66 61.76
N SER C 199 0.69 37.52 62.05
CA SER C 199 0.09 38.39 61.06
C SER C 199 -0.18 39.75 61.69
N VAL C 200 -0.29 40.77 60.84
CA VAL C 200 -0.42 42.15 61.30
C VAL C 200 -1.23 42.94 60.28
N VAL C 201 -2.00 43.91 60.76
CA VAL C 201 -2.80 44.78 59.92
C VAL C 201 -2.62 46.22 60.40
N THR C 202 -2.74 47.16 59.46
CA THR C 202 -2.51 48.58 59.70
C THR C 202 -3.83 49.35 59.68
N VAL C 203 -3.98 50.29 60.62
CA VAL C 203 -5.17 51.13 60.71
C VAL C 203 -4.75 52.55 61.06
N PRO C 204 -5.67 53.52 61.08
CA PRO C 204 -5.32 54.85 61.62
C PRO C 204 -5.19 54.83 63.13
N SER C 205 -4.58 55.89 63.66
CA SER C 205 -4.22 55.93 65.07
C SER C 205 -5.42 55.86 66.00
N SER C 206 -6.59 56.35 65.58
CA SER C 206 -7.70 56.61 66.49
C SER C 206 -8.74 55.50 66.54
N SER C 207 -8.52 54.38 65.85
CA SER C 207 -9.54 53.35 65.80
C SER C 207 -9.66 52.53 67.07
N LEU C 208 -8.75 52.70 68.04
CA LEU C 208 -8.62 51.76 69.13
C LEU C 208 -9.80 51.80 70.09
N GLY C 209 -10.41 50.64 70.32
CA GLY C 209 -11.49 50.47 71.26
C GLY C 209 -12.87 50.72 70.67
N THR C 210 -12.96 51.53 69.62
CA THR C 210 -14.21 51.70 68.91
C THR C 210 -14.46 50.55 67.93
N GLN C 211 -13.44 50.19 67.16
CA GLN C 211 -13.54 49.12 66.18
C GLN C 211 -13.03 47.83 66.80
N THR C 212 -13.92 46.85 66.93
CA THR C 212 -13.53 45.54 67.45
C THR C 212 -12.77 44.76 66.39
N TYR C 213 -11.58 44.29 66.74
CA TYR C 213 -10.73 43.55 65.81
C TYR C 213 -10.83 42.07 66.13
N ILE C 214 -11.45 41.32 65.23
CA ILE C 214 -11.69 39.89 65.39
C ILE C 214 -10.74 39.17 64.45
N CYS C 215 -9.73 38.51 65.02
CA CYS C 215 -8.81 37.70 64.22
C CYS C 215 -9.39 36.31 64.10
N ASN C 216 -9.65 35.88 62.88
CA ASN C 216 -10.24 34.56 62.63
C ASN C 216 -9.13 33.63 62.15
N VAL C 217 -8.74 32.71 63.02
CA VAL C 217 -7.68 31.75 62.72
C VAL C 217 -8.33 30.44 62.29
N ASN C 218 -7.89 29.90 61.16
CA ASN C 218 -8.37 28.60 60.70
C ASN C 218 -7.16 27.74 60.34
N HIS C 219 -6.96 26.65 61.08
CA HIS C 219 -6.02 25.60 60.70
C HIS C 219 -6.90 24.45 60.23
N LYS C 220 -6.96 24.26 58.91
CA LYS C 220 -7.85 23.27 58.33
C LYS C 220 -7.38 21.84 58.61
N PRO C 221 -6.08 21.53 58.51
CA PRO C 221 -5.63 20.20 58.94
C PRO C 221 -6.12 19.79 60.32
N SER C 222 -6.11 20.71 61.29
CA SER C 222 -6.64 20.43 62.62
C SER C 222 -8.08 20.91 62.80
N ASN C 223 -8.69 21.47 61.77
CA ASN C 223 -10.06 21.98 61.84
C ASN C 223 -10.24 23.00 62.96
N THR C 224 -9.18 23.75 63.27
CA THR C 224 -9.20 24.70 64.38
C THR C 224 -9.60 26.06 63.85
N LYS C 225 -10.79 26.52 64.21
CA LYS C 225 -11.29 27.84 63.82
C LYS C 225 -11.41 28.70 65.08
N VAL C 226 -10.58 29.73 65.18
CA VAL C 226 -10.52 30.59 66.34
C VAL C 226 -10.91 32.00 65.92
N ASP C 227 -11.99 32.52 66.52
CA ASP C 227 -12.53 33.84 66.27
C ASP C 227 -11.94 34.90 67.20
N LYS C 228 -10.83 34.59 67.87
CA LYS C 228 -10.30 35.41 68.96
C LYS C 228 -10.26 36.89 68.60
N ARG C 229 -10.61 37.72 69.58
CA ARG C 229 -10.65 39.17 69.44
C ARG C 229 -9.42 39.80 70.06
N VAL C 230 -8.95 40.89 69.45
CA VAL C 230 -7.83 41.67 69.96
C VAL C 230 -8.38 42.89 70.70
N GLU C 231 -7.83 43.13 71.90
CA GLU C 231 -8.17 44.29 72.71
C GLU C 231 -6.89 44.92 73.24
N PRO C 232 -6.87 46.23 73.39
CA PRO C 232 -5.66 46.89 73.89
C PRO C 232 -5.37 46.52 75.35
N LYS C 233 -4.13 46.79 75.76
CA LYS C 233 -3.72 46.50 77.12
C LYS C 233 -4.57 47.27 78.12
N SER C 234 -4.74 46.67 79.30
CA SER C 234 -5.55 47.29 80.35
C SER C 234 -4.93 48.58 80.88
N CYS C 235 -3.69 48.89 80.52
CA CYS C 235 -3.05 50.12 80.95
C CYS C 235 -3.35 51.26 80.00
N VAL D 3 18.74 24.32 37.09
CA VAL D 3 18.28 25.66 36.75
C VAL D 3 19.40 26.45 36.07
N ARG D 4 19.01 27.38 35.19
CA ARG D 4 19.97 28.15 34.42
C ARG D 4 19.91 29.61 34.85
N PRO D 5 20.96 30.15 35.48
CA PRO D 5 20.90 31.54 35.96
C PRO D 5 21.01 32.54 34.81
N LEU D 6 20.24 33.62 34.92
CA LEU D 6 20.32 34.71 33.97
C LEU D 6 19.90 36.00 34.66
N SER D 7 20.51 37.12 34.24
CA SER D 7 20.21 38.42 34.80
C SER D 7 20.28 39.48 33.71
N VAL D 8 19.31 40.39 33.69
CA VAL D 8 19.24 41.47 32.72
C VAL D 8 19.07 42.79 33.46
N ALA D 9 19.50 43.87 32.83
CA ALA D 9 19.42 45.21 33.40
C ALA D 9 18.05 45.84 33.11
N LEU D 10 17.86 47.04 33.63
CA LEU D 10 16.60 47.75 33.49
C LEU D 10 16.55 48.51 32.17
N GLY D 11 15.34 48.58 31.59
CA GLY D 11 15.12 49.33 30.37
C GLY D 11 15.79 48.77 29.15
N GLU D 12 16.52 47.67 29.30
CA GLU D 12 17.21 47.02 28.19
C GLU D 12 16.27 46.05 27.51
N THR D 13 16.80 45.20 26.63
CA THR D 13 16.03 44.18 25.96
C THR D 13 16.59 42.81 26.33
N ALA D 14 15.70 41.90 26.75
CA ALA D 14 16.09 40.56 27.15
C ALA D 14 15.52 39.54 26.19
N ARG D 15 16.25 38.43 26.03
CA ARG D 15 15.86 37.35 25.14
C ARG D 15 16.19 36.02 25.80
N ILE D 16 15.24 35.09 25.79
CA ILE D 16 15.33 33.84 26.53
C ILE D 16 15.20 32.69 25.56
N SER D 17 16.27 31.90 25.40
CA SER D 17 16.24 30.73 24.55
C SER D 17 15.50 29.58 25.22
N CYS D 18 15.06 28.63 24.39
CA CYS D 18 14.36 27.45 24.90
C CYS D 18 15.34 26.48 25.54
N GLY D 19 14.82 25.69 26.49
CA GLY D 19 15.66 24.68 27.13
C GLY D 19 16.00 23.54 26.18
N ARG D 20 15.00 23.02 25.48
CA ARG D 20 15.22 22.00 24.47
C ARG D 20 15.60 22.66 23.15
N GLN D 21 15.64 21.88 22.08
CA GLN D 21 15.88 22.38 20.74
C GLN D 21 14.81 21.84 19.81
N ALA D 22 14.53 22.60 18.74
CA ALA D 22 13.43 22.27 17.85
C ALA D 22 13.70 20.97 17.11
N LEU D 23 12.67 20.13 17.00
CA LEU D 23 12.69 18.93 16.16
C LEU D 23 11.39 18.88 15.37
N GLY D 24 11.50 19.01 14.04
CA GLY D 24 10.32 19.21 13.22
C GLY D 24 9.75 20.60 13.42
N SER D 25 8.73 20.97 12.64
CA SER D 25 8.05 22.22 12.87
C SER D 25 7.40 22.19 14.25
N ARG D 26 7.42 23.34 14.93
CA ARG D 26 7.18 23.39 16.35
C ARG D 26 5.97 24.26 16.67
N ALA D 27 5.32 23.93 17.79
CA ALA D 27 4.45 24.85 18.51
C ALA D 27 5.12 25.09 19.86
N VAL D 28 5.67 26.28 20.05
CA VAL D 28 6.45 26.60 21.24
C VAL D 28 5.54 27.28 22.24
N GLN D 29 5.36 26.65 23.40
CA GLN D 29 4.56 27.19 24.48
C GLN D 29 5.50 27.77 25.53
N TRP D 30 5.55 29.09 25.62
CA TRP D 30 6.37 29.77 26.62
C TRP D 30 5.53 30.04 27.86
N TYR D 31 6.04 29.64 29.02
CA TYR D 31 5.33 29.80 30.27
C TYR D 31 6.20 30.54 31.27
N GLN D 32 5.55 31.22 32.21
CA GLN D 32 6.20 32.06 33.20
C GLN D 32 5.63 31.74 34.57
N HIS D 33 6.48 31.80 35.59
CA HIS D 33 6.10 31.42 36.95
C HIS D 33 6.72 32.35 37.96
N ARG D 34 5.93 32.81 38.92
CA ARG D 34 6.36 33.62 40.05
C ARG D 34 6.14 32.85 41.35
N PRO D 35 7.00 33.02 42.34
CA PRO D 35 6.88 32.21 43.57
C PRO D 35 5.57 32.49 44.29
N GLY D 36 4.85 31.41 44.61
CA GLY D 36 3.58 31.49 45.29
C GLY D 36 2.38 31.78 44.41
N GLN D 37 2.59 32.30 43.21
CA GLN D 37 1.51 32.65 42.31
C GLN D 37 1.20 31.48 41.38
N ALA D 38 0.40 31.74 40.34
CA ALA D 38 0.03 30.74 39.34
C ALA D 38 0.63 31.09 37.99
N PRO D 39 0.92 30.09 37.15
CA PRO D 39 1.60 30.36 35.88
C PRO D 39 0.73 31.14 34.90
N ILE D 40 1.40 31.73 33.91
CA ILE D 40 0.74 32.52 32.87
C ILE D 40 1.33 32.12 31.52
N LEU D 41 0.44 31.90 30.54
CA LEU D 41 0.88 31.64 29.17
C LEU D 41 1.16 32.95 28.46
N LEU D 42 2.34 33.04 27.83
CA LEU D 42 2.72 34.18 27.02
C LEU D 42 2.71 33.84 25.54
N ILE D 43 3.57 32.92 25.12
CA ILE D 43 3.70 32.52 23.72
C ILE D 43 3.15 31.11 23.57
N TYR D 44 2.09 30.98 22.78
CA TYR D 44 1.63 29.69 22.31
C TYR D 44 1.67 29.71 20.79
N ASN D 45 1.86 28.53 20.19
CA ASN D 45 1.97 28.40 18.73
C ASN D 45 3.13 29.22 18.18
N ASN D 46 4.17 29.33 18.99
CA ASN D 46 5.52 29.84 18.74
C ASN D 46 5.67 31.36 18.66
N GLN D 47 4.70 32.10 18.10
CA GLN D 47 4.64 33.53 18.35
C GLN D 47 3.35 34.05 18.95
N ASP D 48 2.30 33.24 19.04
CA ASP D 48 0.96 33.81 19.18
C ASP D 48 0.73 34.31 20.60
N ARG D 49 0.02 35.44 20.70
CA ARG D 49 -0.19 36.14 21.94
C ARG D 49 -1.67 36.27 22.24
N PRO D 50 -2.08 36.11 23.50
CA PRO D 50 -3.50 36.25 23.84
C PRO D 50 -3.90 37.71 24.03
N SER D 51 -5.14 37.93 24.47
CA SER D 51 -5.61 39.27 24.77
C SER D 51 -5.18 39.66 26.18
N GLY D 52 -4.61 40.86 26.32
CA GLY D 52 -4.15 41.33 27.61
C GLY D 52 -2.71 41.00 27.93
N ILE D 53 -1.87 40.78 26.93
CA ILE D 53 -0.46 40.48 27.14
C ILE D 53 0.35 41.58 26.48
N PRO D 54 1.45 42.04 27.09
CA PRO D 54 2.19 43.17 26.51
C PRO D 54 2.87 42.80 25.20
N GLU D 55 2.88 43.75 24.27
CA GLU D 55 3.57 43.58 22.99
C GLU D 55 5.08 43.64 23.13
N ARG D 56 5.60 43.98 24.31
CA ARG D 56 7.05 43.91 24.54
C ARG D 56 7.57 42.49 24.41
N PHE D 57 6.71 41.49 24.56
CA PHE D 57 7.10 40.09 24.52
C PHE D 57 6.84 39.53 23.13
N SER D 58 7.88 39.00 22.50
CA SER D 58 7.76 38.36 21.20
C SER D 58 8.60 37.09 21.19
N GLY D 59 7.98 35.97 20.83
CA GLY D 59 8.66 34.70 20.74
C GLY D 59 9.32 34.52 19.40
N THR D 60 9.63 33.27 19.09
CA THR D 60 10.24 33.01 17.79
C THR D 60 9.22 32.43 16.84
N PRO D 61 9.01 33.03 15.67
CA PRO D 61 8.05 32.48 14.71
C PRO D 61 8.53 31.16 14.12
N ASP D 62 7.76 30.56 13.22
CA ASP D 62 8.18 29.34 12.54
C ASP D 62 8.47 29.68 11.09
N ILE D 63 9.76 29.76 10.76
CA ILE D 63 10.24 30.01 9.41
C ILE D 63 10.76 28.73 8.74
N ASN D 64 10.39 27.56 9.28
CA ASN D 64 11.03 26.27 9.00
C ASN D 64 12.42 26.16 9.61
N PHE D 65 12.45 25.90 10.92
CA PHE D 65 13.68 25.61 11.68
C PHE D 65 14.54 26.86 11.69
N GLY D 66 15.84 26.75 11.46
CA GLY D 66 16.66 27.93 11.63
C GLY D 66 16.59 28.35 13.08
N THR D 67 16.04 29.54 13.31
CA THR D 67 15.96 30.15 14.63
C THR D 67 15.42 29.17 15.68
N ARG D 68 16.12 29.09 16.81
CA ARG D 68 15.63 28.31 17.94
C ARG D 68 14.45 29.04 18.58
N ALA D 69 13.87 28.44 19.61
CA ALA D 69 12.73 29.06 20.28
C ALA D 69 13.26 30.04 21.30
N THR D 70 12.96 31.33 21.10
CA THR D 70 13.51 32.38 21.93
C THR D 70 12.46 33.45 22.17
N LEU D 71 12.28 33.83 23.43
CA LEU D 71 11.46 34.99 23.78
C LEU D 71 12.28 36.25 23.57
N THR D 72 11.57 37.36 23.36
CA THR D 72 12.21 38.67 23.26
C THR D 72 11.41 39.65 24.09
N ILE D 73 12.04 40.22 25.12
CA ILE D 73 11.39 41.17 26.02
C ILE D 73 12.08 42.52 25.85
N SER D 74 11.38 43.46 25.24
CA SER D 74 11.90 44.82 25.08
C SER D 74 11.48 45.68 26.26
N GLY D 75 12.39 46.54 26.71
CA GLY D 75 12.12 47.37 27.87
C GLY D 75 12.03 46.59 29.16
N VAL D 76 13.10 45.86 29.49
CA VAL D 76 13.13 45.05 30.71
C VAL D 76 12.85 45.93 31.92
N GLU D 77 12.09 45.39 32.87
CA GLU D 77 11.63 46.11 34.04
C GLU D 77 11.98 45.32 35.29
N ALA D 78 11.88 45.99 36.45
CA ALA D 78 12.21 45.36 37.72
C ALA D 78 11.24 44.25 38.07
N GLY D 79 10.00 44.35 37.60
CA GLY D 79 9.01 43.32 37.86
C GLY D 79 9.11 42.10 36.98
N ASP D 80 10.22 41.95 36.26
CA ASP D 80 10.41 40.85 35.32
C ASP D 80 11.11 39.64 35.95
N GLU D 81 11.37 39.66 37.26
CA GLU D 81 12.10 38.57 37.89
C GLU D 81 11.16 37.38 38.08
N ALA D 82 11.47 36.26 37.43
CA ALA D 82 10.66 35.05 37.55
C ALA D 82 11.41 33.87 36.93
N ASP D 83 10.82 32.69 37.08
CA ASP D 83 11.25 31.51 36.35
C ASP D 83 10.63 31.50 34.96
N TYR D 84 11.29 30.83 34.02
CA TYR D 84 10.81 30.74 32.65
C TYR D 84 10.91 29.32 32.14
N TYR D 85 9.84 28.86 31.48
CA TYR D 85 9.77 27.53 30.91
C TYR D 85 9.33 27.64 29.46
N CYS D 86 10.01 26.93 28.57
CA CYS D 86 9.65 26.85 27.16
C CYS D 86 9.15 25.44 26.88
N HIS D 87 7.84 25.30 26.68
CA HIS D 87 7.26 24.00 26.41
C HIS D 87 7.28 23.79 24.91
N MET D 88 8.12 22.88 24.46
CA MET D 88 8.35 22.68 23.04
C MET D 88 7.43 21.57 22.56
N TRP D 89 6.44 21.94 21.77
CA TRP D 89 5.61 20.99 21.05
C TRP D 89 6.01 21.02 19.60
N ASP D 90 6.34 19.85 19.03
CA ASP D 90 6.96 19.80 17.73
C ASP D 90 6.54 18.53 17.02
N SER D 91 7.03 18.36 15.80
CA SER D 91 6.59 17.29 14.92
C SER D 91 7.29 15.96 15.18
N ARG D 92 8.32 15.95 16.05
CA ARG D 92 9.15 14.77 16.24
C ARG D 92 9.09 14.26 17.67
N SER D 93 9.55 15.06 18.64
CA SER D 93 9.52 14.62 20.03
C SER D 93 8.11 14.27 20.50
N GLY D 94 7.08 14.72 19.77
CA GLY D 94 5.68 14.43 20.07
C GLY D 94 5.19 15.03 21.38
N PHE D 95 4.48 14.22 22.16
CA PHE D 95 3.99 14.70 23.45
C PHE D 95 5.16 15.09 24.33
N SER D 96 5.16 16.34 24.80
CA SER D 96 6.21 16.83 25.68
C SER D 96 5.61 16.94 27.09
N TRP D 97 5.99 16.02 27.96
CA TRP D 97 5.51 15.99 29.33
C TRP D 97 6.35 16.84 30.26
N SER D 98 7.38 17.50 29.73
CA SER D 98 8.16 18.46 30.49
C SER D 98 8.31 19.74 29.68
N PHE D 99 8.44 20.84 30.40
CA PHE D 99 8.56 22.16 29.80
C PHE D 99 10.01 22.59 29.62
N GLY D 100 10.96 21.68 29.83
CA GLY D 100 12.36 22.01 29.73
C GLY D 100 12.98 22.36 31.06
N GLY D 101 14.04 23.16 31.00
CA GLY D 101 14.73 23.59 32.20
C GLY D 101 14.02 24.74 32.88
N ALA D 102 14.76 25.46 33.73
CA ALA D 102 14.20 26.63 34.41
C ALA D 102 15.24 27.75 34.34
N THR D 103 14.88 28.86 33.70
CA THR D 103 15.73 30.05 33.70
C THR D 103 15.09 31.06 34.65
N ARG D 104 15.72 31.29 35.79
CA ARG D 104 15.18 32.21 36.79
C ARG D 104 15.80 33.58 36.54
N LEU D 105 14.99 34.53 36.09
CA LEU D 105 15.49 35.85 35.77
C LEU D 105 15.51 36.72 37.01
N THR D 106 16.61 37.43 37.23
CA THR D 106 16.74 38.38 38.33
C THR D 106 17.14 39.72 37.74
N VAL D 107 16.25 40.70 37.84
CA VAL D 107 16.46 42.01 37.26
C VAL D 107 17.03 42.92 38.35
N LEU D 108 18.26 43.38 38.12
CA LEU D 108 18.95 44.25 39.06
C LEU D 108 18.76 45.72 38.67
N GLY D 109 19.49 46.60 39.34
CA GLY D 109 19.37 48.02 39.11
C GLY D 109 18.31 48.74 39.91
N GLN D 110 18.02 48.27 41.12
CA GLN D 110 16.91 48.86 41.84
C GLN D 110 17.39 49.71 43.00
N PRO D 111 16.64 50.74 43.38
CA PRO D 111 17.07 51.60 44.48
C PRO D 111 16.94 50.90 45.83
N LYS D 112 17.64 51.45 46.82
CA LYS D 112 17.68 50.88 48.16
C LYS D 112 16.59 51.51 49.04
N ALA D 113 15.99 50.68 49.89
CA ALA D 113 15.01 51.12 50.87
C ALA D 113 15.58 50.94 52.28
N ALA D 114 14.75 51.26 53.27
CA ALA D 114 15.16 51.10 54.66
C ALA D 114 14.18 50.20 55.39
N PRO D 115 14.67 49.31 56.26
CA PRO D 115 13.79 48.30 56.85
C PRO D 115 12.79 48.90 57.83
N SER D 116 11.54 48.46 57.72
CA SER D 116 10.51 48.82 58.68
C SER D 116 10.46 47.72 59.75
N VAL D 117 10.89 48.06 60.95
CA VAL D 117 11.03 47.10 62.04
C VAL D 117 10.12 47.50 63.18
N THR D 118 9.49 46.50 63.81
CA THR D 118 8.70 46.72 65.00
C THR D 118 8.82 45.49 65.88
N LEU D 119 8.94 45.70 67.19
CA LEU D 119 9.04 44.62 68.16
C LEU D 119 7.78 44.57 69.00
N PHE D 120 7.35 43.36 69.37
CA PHE D 120 6.10 43.22 70.10
C PHE D 120 6.31 42.50 71.42
N PRO D 121 5.65 42.93 72.48
CA PRO D 121 5.63 42.17 73.72
C PRO D 121 4.65 41.02 73.64
N PRO D 122 4.83 39.98 74.46
CA PRO D 122 3.82 38.91 74.50
C PRO D 122 2.47 39.44 74.94
N SER D 123 1.42 38.80 74.44
CA SER D 123 0.06 39.28 74.66
C SER D 123 -0.35 39.13 76.11
N SER D 124 -1.37 39.89 76.50
CA SER D 124 -1.98 39.69 77.81
C SER D 124 -2.52 38.28 77.95
N GLU D 125 -3.11 37.73 76.89
CA GLU D 125 -3.58 36.36 76.92
C GLU D 125 -2.46 35.34 76.72
N GLU D 126 -1.43 35.69 75.94
CA GLU D 126 -0.33 34.75 75.75
C GLU D 126 0.50 34.61 77.02
N LEU D 127 0.71 35.72 77.74
CA LEU D 127 1.39 35.65 79.03
C LEU D 127 0.58 34.83 80.04
N GLN D 128 -0.71 34.65 79.81
CA GLN D 128 -1.52 33.75 80.61
C GLN D 128 -1.39 32.29 80.16
N ALA D 129 -0.74 32.03 79.04
CA ALA D 129 -0.55 30.69 78.52
C ALA D 129 0.79 30.09 78.89
N ASN D 130 1.60 30.79 79.69
CA ASN D 130 2.92 30.32 80.12
C ASN D 130 3.87 30.17 78.93
N LYS D 131 3.73 31.07 77.95
CA LYS D 131 4.63 31.12 76.81
C LYS D 131 4.85 32.57 76.42
N ALA D 132 6.10 32.93 76.12
CA ALA D 132 6.45 34.26 75.66
C ALA D 132 7.36 34.12 74.45
N THR D 133 6.90 34.61 73.30
CA THR D 133 7.66 34.59 72.06
C THR D 133 7.85 36.02 71.59
N LEU D 134 9.09 36.49 71.60
CA LEU D 134 9.40 37.83 71.10
C LEU D 134 9.43 37.79 69.59
N VAL D 135 8.55 38.57 68.97
CA VAL D 135 8.35 38.54 67.52
C VAL D 135 8.85 39.85 66.94
N CYS D 136 9.83 39.77 66.06
CA CYS D 136 10.43 40.94 65.42
C CYS D 136 10.18 40.86 63.92
N LEU D 137 9.51 41.87 63.38
CA LEU D 137 9.06 41.89 61.99
C LEU D 137 9.81 42.96 61.22
N ILE D 138 10.20 42.63 59.99
CA ILE D 138 10.97 43.52 59.13
C ILE D 138 10.31 43.58 57.76
N SER D 139 10.32 44.75 57.14
CA SER D 139 9.66 44.91 55.85
C SER D 139 10.26 46.09 55.09
N ASP D 140 10.04 46.08 53.77
CA ASP D 140 10.40 47.17 52.86
C ASP D 140 11.89 47.48 52.90
N PHE D 141 12.70 46.50 52.47
CA PHE D 141 14.14 46.71 52.34
C PHE D 141 14.64 46.03 51.08
N TYR D 142 15.26 46.81 50.21
CA TYR D 142 16.04 46.28 49.08
C TYR D 142 17.53 46.56 49.31
N PRO D 143 18.39 45.53 49.24
CA PRO D 143 18.09 44.11 49.02
C PRO D 143 17.61 43.40 50.28
N GLY D 144 17.51 42.07 50.20
CA GLY D 144 16.95 41.29 51.29
C GLY D 144 17.94 40.80 52.34
N ALA D 145 19.07 41.47 52.46
CA ALA D 145 20.07 41.10 53.47
C ALA D 145 19.73 41.78 54.79
N VAL D 146 19.41 40.97 55.79
CA VAL D 146 19.01 41.46 57.10
C VAL D 146 19.42 40.43 58.15
N THR D 147 19.88 40.92 59.31
CA THR D 147 20.22 40.08 60.44
C THR D 147 19.39 40.48 61.65
N VAL D 148 18.72 39.50 62.25
CA VAL D 148 17.90 39.74 63.44
C VAL D 148 18.68 39.23 64.64
N ALA D 149 19.06 40.14 65.53
CA ALA D 149 19.76 39.80 66.75
C ALA D 149 18.91 40.18 67.95
N TRP D 150 18.96 39.36 68.99
CA TRP D 150 18.23 39.61 70.22
C TRP D 150 19.19 40.06 71.31
N LYS D 151 18.79 41.08 72.06
CA LYS D 151 19.60 41.62 73.15
C LYS D 151 18.81 41.53 74.44
N ALA D 152 19.38 40.84 75.43
CA ALA D 152 18.89 40.89 76.80
C ALA D 152 19.65 42.00 77.50
N ASP D 153 18.95 43.09 77.83
CA ASP D 153 19.60 44.35 78.17
C ASP D 153 20.57 44.71 77.05
N SER D 154 21.85 44.79 77.36
CA SER D 154 22.89 45.10 76.37
C SER D 154 23.58 43.86 75.80
N SER D 155 23.11 42.65 76.15
CA SER D 155 23.91 41.49 75.78
C SER D 155 23.18 40.61 74.77
N PRO D 156 23.91 39.99 73.84
CA PRO D 156 23.26 39.20 72.78
C PRO D 156 22.68 37.91 73.32
N VAL D 157 21.59 37.47 72.68
CA VAL D 157 20.89 36.25 73.06
C VAL D 157 20.90 35.30 71.87
N LYS D 158 21.63 34.20 71.98
CA LYS D 158 21.58 33.11 71.02
C LYS D 158 20.66 31.98 71.47
N ALA D 159 20.08 32.07 72.66
CA ALA D 159 19.31 30.97 73.23
C ALA D 159 17.88 31.02 72.72
N GLY D 160 17.46 29.95 72.04
CA GLY D 160 16.12 29.85 71.51
C GLY D 160 15.82 30.91 70.47
N VAL D 161 16.73 31.11 69.52
CA VAL D 161 16.54 32.08 68.46
C VAL D 161 15.97 31.34 67.25
N GLU D 162 14.71 31.61 66.94
CA GLU D 162 14.05 31.08 65.75
C GLU D 162 13.90 32.25 64.78
N THR D 163 14.69 32.23 63.71
CA THR D 163 14.74 33.32 62.75
C THR D 163 14.34 32.79 61.37
N THR D 164 13.37 33.44 60.74
CA THR D 164 12.97 33.06 59.40
C THR D 164 13.90 33.74 58.38
N THR D 165 13.69 33.41 57.12
CA THR D 165 14.51 33.95 56.04
C THR D 165 13.83 35.14 55.41
N PRO D 166 14.53 36.25 55.17
CA PRO D 166 13.92 37.35 54.40
C PRO D 166 13.47 36.86 53.04
N SER D 167 12.21 37.15 52.71
CA SER D 167 11.58 36.65 51.50
C SER D 167 10.87 37.79 50.79
N LYS D 168 10.91 37.77 49.46
CA LYS D 168 10.35 38.84 48.65
C LYS D 168 8.88 39.07 48.96
N GLN D 169 8.52 40.35 49.09
CA GLN D 169 7.13 40.76 49.22
C GLN D 169 6.57 41.05 47.83
N SER D 170 5.38 41.64 47.78
CA SER D 170 4.78 42.03 46.52
C SER D 170 5.36 43.32 45.94
N ASN D 171 6.14 44.06 46.74
CA ASN D 171 6.71 45.34 46.33
C ASN D 171 8.11 45.21 45.75
N ASN D 172 8.59 43.98 45.51
CA ASN D 172 9.96 43.69 45.10
C ASN D 172 10.95 44.04 46.21
N LYS D 173 10.51 43.92 47.46
CA LYS D 173 11.36 44.02 48.63
C LYS D 173 11.08 42.82 49.53
N TYR D 174 11.95 42.58 50.49
CA TYR D 174 11.87 41.37 51.28
C TYR D 174 11.15 41.63 52.61
N ALA D 175 10.94 40.56 53.36
CA ALA D 175 10.38 40.63 54.70
C ALA D 175 10.89 39.45 55.51
N ALA D 176 11.16 39.69 56.79
CA ALA D 176 11.70 38.65 57.66
C ALA D 176 11.08 38.75 59.03
N SER D 177 10.79 37.59 59.62
CA SER D 177 10.30 37.49 60.98
C SER D 177 11.30 36.71 61.82
N SER D 178 11.26 36.95 63.12
CA SER D 178 12.13 36.24 64.05
C SER D 178 11.39 35.99 65.35
N TYR D 179 11.70 34.87 65.98
CA TYR D 179 11.09 34.48 67.24
C TYR D 179 12.19 34.12 68.22
N LEU D 180 12.19 34.76 69.38
CA LEU D 180 13.07 34.39 70.47
C LEU D 180 12.31 33.41 71.34
N SER D 181 12.73 32.14 71.32
CA SER D 181 12.02 31.12 72.06
C SER D 181 12.39 31.25 73.52
N LEU D 182 11.41 31.54 74.36
CA LEU D 182 11.64 32.03 75.70
C LEU D 182 10.44 31.64 76.56
N THR D 183 10.38 32.19 77.75
CA THR D 183 9.29 32.01 78.69
C THR D 183 8.84 33.38 79.19
N PRO D 184 7.62 33.47 79.73
CA PRO D 184 7.18 34.76 80.30
C PRO D 184 8.10 35.29 81.37
N GLU D 185 8.94 34.44 81.95
CA GLU D 185 9.90 34.87 82.96
C GLU D 185 11.08 35.60 82.32
N GLN D 186 11.83 34.92 81.45
CA GLN D 186 12.98 35.53 80.80
C GLN D 186 12.60 36.79 80.03
N TRP D 187 11.37 36.87 79.53
CA TRP D 187 10.95 38.07 78.82
C TRP D 187 10.85 39.27 79.75
N LYS D 188 10.38 39.06 80.98
CA LYS D 188 10.26 40.12 81.96
C LYS D 188 11.50 40.25 82.84
N SER D 189 12.54 39.45 82.59
CA SER D 189 13.69 39.42 83.48
C SER D 189 14.72 40.51 83.18
N HIS D 190 14.65 41.15 82.02
CA HIS D 190 15.63 42.16 81.63
C HIS D 190 14.96 43.51 81.48
N ARG D 191 15.75 44.57 81.70
CA ARG D 191 15.22 45.93 81.68
C ARG D 191 14.61 46.25 80.32
N SER D 192 15.38 46.09 79.26
CA SER D 192 14.92 46.38 77.90
C SER D 192 15.40 45.29 76.95
N TYR D 193 14.47 44.64 76.27
CA TYR D 193 14.79 43.66 75.24
C TYR D 193 14.83 44.34 73.89
N SER D 194 15.98 44.29 73.23
CA SER D 194 16.21 44.99 71.97
C SER D 194 16.39 43.99 70.84
N CYS D 195 15.51 44.06 69.84
CA CYS D 195 15.70 43.30 68.62
C CYS D 195 16.54 44.13 67.65
N GLN D 196 17.68 43.59 67.25
CA GLN D 196 18.62 44.27 66.36
C GLN D 196 18.40 43.77 64.94
N VAL D 197 17.91 44.65 64.07
CA VAL D 197 17.72 44.37 62.66
C VAL D 197 18.60 45.32 61.88
N THR D 198 19.63 44.78 61.23
CA THR D 198 20.63 45.57 60.51
C THR D 198 20.46 45.36 59.02
N HIS D 199 20.42 46.46 58.27
CA HIS D 199 20.26 46.42 56.83
C HIS D 199 21.21 47.41 56.18
N GLU D 200 22.09 46.93 55.31
CA GLU D 200 23.03 47.76 54.55
C GLU D 200 23.88 48.63 55.47
N GLY D 201 24.34 48.05 56.57
CA GLY D 201 25.17 48.75 57.54
C GLY D 201 24.40 49.60 58.52
N SER D 202 23.15 49.93 58.26
CA SER D 202 22.31 50.68 59.17
C SER D 202 21.36 49.73 59.88
N THR D 203 21.11 50.01 61.17
CA THR D 203 20.28 49.15 62.00
C THR D 203 19.03 49.91 62.43
N VAL D 204 17.87 49.32 62.17
CA VAL D 204 16.62 49.77 62.76
C VAL D 204 16.30 48.81 63.90
N GLU D 205 16.45 49.29 65.13
CA GLU D 205 16.31 48.46 66.33
C GLU D 205 15.13 48.97 67.13
N LYS D 206 14.16 48.09 67.37
CA LYS D 206 13.02 48.39 68.23
C LYS D 206 13.21 47.66 69.55
N THR D 207 13.05 48.39 70.65
CA THR D 207 13.33 47.89 71.98
C THR D 207 12.05 47.95 72.81
N VAL D 208 11.61 46.79 73.29
CA VAL D 208 10.42 46.71 74.13
C VAL D 208 10.86 46.57 75.59
N ALA D 209 10.38 47.51 76.41
CA ALA D 209 10.61 47.46 77.85
C ALA D 209 9.31 47.10 78.56
N PRO D 210 9.30 46.06 79.39
CA PRO D 210 8.06 45.69 80.10
C PRO D 210 7.51 46.80 80.99
N THR D 211 8.29 47.83 81.29
CA THR D 211 7.89 48.90 82.19
C THR D 211 7.14 50.03 81.50
N GLU D 212 6.89 49.92 80.20
CA GLU D 212 6.30 51.00 79.43
C GLU D 212 5.02 50.51 78.76
N CYS D 213 3.91 51.18 79.04
CA CYS D 213 2.62 50.83 78.47
C CYS D 213 2.55 51.23 77.00
N GLU E 1 12.58 -30.69 -21.82
CA GLU E 1 11.26 -30.89 -21.24
C GLU E 1 10.86 -29.77 -20.30
N VAL E 2 9.57 -29.76 -19.92
CA VAL E 2 9.04 -28.83 -18.94
C VAL E 2 8.17 -29.61 -17.97
N GLN E 3 7.97 -29.02 -16.79
CA GLN E 3 7.16 -29.66 -15.75
C GLN E 3 6.40 -28.59 -14.97
N LEU E 4 5.15 -28.91 -14.64
CA LEU E 4 4.33 -28.08 -13.75
C LEU E 4 3.97 -28.93 -12.54
N VAL E 5 4.51 -28.56 -11.37
CA VAL E 5 4.36 -29.32 -10.15
C VAL E 5 3.71 -28.43 -9.10
N GLU E 6 2.62 -28.93 -8.50
CA GLU E 6 1.82 -28.16 -7.55
C GLU E 6 2.06 -28.68 -6.13
N SER E 7 1.36 -28.07 -5.18
CA SER E 7 1.48 -28.43 -3.77
C SER E 7 0.62 -29.65 -3.48
N GLY E 8 0.49 -30.01 -2.20
CA GLY E 8 -0.21 -31.22 -1.80
C GLY E 8 -1.65 -30.97 -1.42
N ALA E 9 -2.42 -32.05 -1.37
CA ALA E 9 -3.82 -31.98 -1.00
C ALA E 9 -3.97 -31.57 0.46
N GLN E 10 -4.92 -30.67 0.73
CA GLN E 10 -5.11 -30.10 2.04
C GLN E 10 -6.53 -30.32 2.53
N VAL E 11 -6.67 -30.44 3.85
CA VAL E 11 -7.96 -30.60 4.50
C VAL E 11 -8.13 -29.47 5.50
N LYS E 12 -9.11 -28.60 5.28
CA LYS E 12 -9.25 -27.37 6.05
C LYS E 12 -10.69 -27.17 6.49
N LYS E 13 -10.87 -26.22 7.41
CA LYS E 13 -12.19 -25.86 7.89
C LYS E 13 -12.79 -24.77 7.00
N PRO E 14 -14.11 -24.65 6.98
CA PRO E 14 -14.74 -23.59 6.17
C PRO E 14 -14.43 -22.21 6.73
N GLY E 15 -14.54 -21.22 5.85
CA GLY E 15 -14.24 -19.84 6.19
C GLY E 15 -12.77 -19.50 6.29
N ALA E 16 -11.88 -20.49 6.21
CA ALA E 16 -10.44 -20.26 6.29
C ALA E 16 -9.91 -19.85 4.93
N SER E 17 -8.58 -19.85 4.79
CA SER E 17 -7.93 -19.55 3.53
C SER E 17 -6.96 -20.68 3.18
N VAL E 18 -6.69 -20.83 1.88
CA VAL E 18 -5.83 -21.89 1.37
C VAL E 18 -4.99 -21.35 0.23
N THR E 19 -3.71 -21.70 0.23
CA THR E 19 -2.78 -21.35 -0.83
C THR E 19 -2.32 -22.62 -1.56
N VAL E 20 -2.14 -22.51 -2.87
CA VAL E 20 -1.67 -23.61 -3.71
C VAL E 20 -0.57 -23.08 -4.62
N SER E 21 0.51 -23.85 -4.76
CA SER E 21 1.62 -23.42 -5.58
C SER E 21 1.65 -24.17 -6.92
N CYS E 22 2.54 -23.71 -7.80
CA CYS E 22 2.90 -24.40 -9.03
C CYS E 22 4.36 -24.05 -9.30
N THR E 23 5.19 -25.03 -9.61
CA THR E 23 6.61 -24.77 -9.86
C THR E 23 6.97 -25.26 -11.26
N ALA E 24 7.19 -24.32 -12.17
CA ALA E 24 7.61 -24.62 -13.54
C ALA E 24 9.12 -24.76 -13.64
N SER E 25 9.56 -25.52 -14.66
CA SER E 25 10.99 -25.66 -14.95
C SER E 25 11.16 -26.09 -16.40
N GLY E 26 12.38 -25.89 -16.91
CA GLY E 26 12.76 -26.40 -18.22
C GLY E 26 12.50 -25.48 -19.39
N TYR E 27 12.43 -24.18 -19.18
CA TYR E 27 12.02 -23.22 -20.20
C TYR E 27 12.37 -21.83 -19.67
N LYS E 28 11.94 -20.79 -20.39
CA LYS E 28 12.10 -19.42 -19.91
C LYS E 28 10.91 -19.10 -19.01
N PHE E 29 11.19 -18.88 -17.72
CA PHE E 29 10.10 -18.75 -16.75
C PHE E 29 9.41 -17.39 -16.87
N THR E 30 10.19 -16.31 -16.90
CA THR E 30 9.62 -14.97 -16.89
C THR E 30 8.81 -14.65 -18.14
N GLY E 31 8.92 -15.47 -19.18
CA GLY E 31 8.23 -15.18 -20.42
C GLY E 31 7.06 -16.05 -20.81
N TYR E 32 6.43 -16.78 -19.88
CA TYR E 32 5.40 -17.76 -20.23
C TYR E 32 4.19 -17.63 -19.32
N HIS E 33 3.03 -17.34 -19.91
CA HIS E 33 1.78 -17.25 -19.15
C HIS E 33 1.48 -18.55 -18.42
N MET E 34 0.80 -18.43 -17.28
CA MET E 34 0.39 -19.58 -16.48
C MET E 34 -1.09 -19.46 -16.15
N HIS E 35 -1.91 -20.35 -16.71
CA HIS E 35 -3.32 -20.45 -16.37
C HIS E 35 -3.51 -21.26 -15.09
N TRP E 36 -4.63 -21.02 -14.41
CA TRP E 36 -5.07 -21.83 -13.28
C TRP E 36 -6.51 -22.25 -13.50
N VAL E 37 -6.79 -23.54 -13.33
CA VAL E 37 -8.12 -24.10 -13.57
C VAL E 37 -8.44 -25.09 -12.47
N ARG E 38 -9.60 -24.91 -11.84
CA ARG E 38 -10.14 -25.90 -10.90
C ARG E 38 -11.24 -26.71 -11.59
N GLN E 39 -11.32 -27.98 -11.23
CA GLN E 39 -12.37 -28.86 -11.72
C GLN E 39 -13.03 -29.53 -10.52
N ALA E 40 -14.29 -29.20 -10.28
CA ALA E 40 -15.05 -29.88 -9.25
C ALA E 40 -15.28 -31.34 -9.66
N PRO E 41 -15.41 -32.25 -8.70
CA PRO E 41 -15.58 -33.67 -9.06
C PRO E 41 -16.79 -33.87 -9.95
N GLY E 42 -16.57 -34.54 -11.08
CA GLY E 42 -17.61 -34.77 -12.07
C GLY E 42 -17.97 -33.58 -12.93
N ARG E 43 -17.50 -32.37 -12.58
CA ARG E 43 -17.86 -31.16 -13.30
C ARG E 43 -16.92 -30.93 -14.48
N GLY E 44 -17.13 -29.81 -15.17
CA GLY E 44 -16.24 -29.38 -16.24
C GLY E 44 -15.10 -28.54 -15.71
N LEU E 45 -14.37 -27.94 -16.63
CA LEU E 45 -13.22 -27.12 -16.29
C LEU E 45 -13.66 -25.71 -15.93
N GLU E 46 -13.07 -25.18 -14.86
CA GLU E 46 -13.37 -23.84 -14.37
C GLU E 46 -12.08 -23.03 -14.38
N TRP E 47 -12.01 -22.03 -15.26
CA TRP E 47 -10.79 -21.24 -15.42
C TRP E 47 -10.74 -20.13 -14.37
N MET E 48 -9.68 -20.12 -13.56
CA MET E 48 -9.57 -19.18 -12.46
C MET E 48 -8.69 -17.96 -12.73
N GLY E 49 -7.96 -17.89 -13.85
CA GLY E 49 -7.20 -16.71 -14.14
C GLY E 49 -5.88 -17.05 -14.81
N TRP E 50 -5.01 -16.04 -14.90
CA TRP E 50 -3.66 -16.25 -15.39
C TRP E 50 -2.75 -15.16 -14.85
N ILE E 51 -1.45 -15.47 -14.83
CA ILE E 51 -0.42 -14.55 -14.36
C ILE E 51 0.70 -14.53 -15.39
N ASN E 52 0.92 -13.39 -16.01
CA ASN E 52 2.12 -13.22 -16.83
C ASN E 52 3.32 -13.06 -15.91
N PRO E 53 4.33 -13.94 -15.99
CA PRO E 53 5.50 -13.78 -15.12
C PRO E 53 6.27 -12.50 -15.37
N PHE E 54 6.00 -11.82 -16.50
CA PHE E 54 6.73 -10.60 -16.80
C PHE E 54 6.15 -9.51 -15.93
N ARG E 55 6.93 -9.08 -14.94
CA ARG E 55 6.50 -8.08 -13.98
C ARG E 55 5.27 -8.52 -13.17
N GLY E 56 4.72 -9.70 -13.47
CA GLY E 56 3.58 -10.20 -12.69
C GLY E 56 2.19 -9.80 -13.17
N ALA E 57 2.03 -9.47 -14.45
CA ALA E 57 0.72 -9.08 -14.95
C ALA E 57 -0.29 -10.22 -14.79
N VAL E 58 -1.47 -9.89 -14.27
CA VAL E 58 -2.52 -10.86 -13.98
C VAL E 58 -3.83 -10.40 -14.61
N LYS E 59 -4.65 -11.39 -14.97
CA LYS E 59 -6.05 -11.15 -15.28
C LYS E 59 -6.89 -12.33 -14.80
N TYR E 60 -7.94 -12.05 -14.04
CA TYR E 60 -8.85 -13.04 -13.49
C TYR E 60 -10.16 -13.06 -14.25
N PRO E 61 -11.07 -14.01 -13.94
CA PRO E 61 -12.44 -13.94 -14.48
C PRO E 61 -13.39 -13.25 -13.53
N GLN E 62 -14.66 -13.17 -13.91
CA GLN E 62 -15.62 -12.41 -13.11
C GLN E 62 -16.01 -13.15 -11.84
N ASN E 63 -16.44 -14.41 -11.98
CA ASN E 63 -17.00 -15.12 -10.83
C ASN E 63 -15.99 -15.43 -9.75
N PHE E 64 -14.70 -15.50 -10.10
CA PHE E 64 -13.65 -15.82 -9.14
C PHE E 64 -12.95 -14.61 -8.57
N ARG E 65 -13.29 -13.40 -9.02
CA ARG E 65 -12.53 -12.21 -8.66
C ARG E 65 -12.79 -11.85 -7.20
N GLY E 66 -11.71 -11.64 -6.45
CA GLY E 66 -11.73 -11.21 -5.06
C GLY E 66 -11.43 -12.30 -4.05
N ARG E 67 -11.67 -13.56 -4.40
CA ARG E 67 -11.20 -14.68 -3.60
C ARG E 67 -9.87 -15.24 -4.08
N VAL E 68 -9.39 -14.80 -5.24
CA VAL E 68 -8.25 -15.42 -5.92
C VAL E 68 -7.05 -14.50 -5.78
N SER E 69 -5.98 -15.02 -5.18
CA SER E 69 -4.68 -14.34 -5.12
C SER E 69 -3.66 -15.22 -5.82
N MET E 70 -3.17 -14.76 -6.97
CA MET E 70 -2.23 -15.51 -7.78
C MET E 70 -0.95 -14.70 -7.94
N THR E 71 0.19 -15.32 -7.59
CA THR E 71 1.48 -14.68 -7.74
C THR E 71 2.47 -15.68 -8.32
N ARG E 72 3.70 -15.21 -8.52
CA ARG E 72 4.79 -16.08 -8.94
C ARG E 72 6.07 -15.56 -8.31
N ASP E 73 7.00 -16.47 -8.05
CA ASP E 73 8.33 -16.11 -7.62
C ASP E 73 9.26 -16.31 -8.82
N THR E 74 9.70 -15.19 -9.41
CA THR E 74 10.53 -15.30 -10.61
C THR E 74 11.94 -15.75 -10.28
N SER E 75 12.43 -15.39 -9.09
CA SER E 75 13.69 -15.94 -8.61
C SER E 75 13.61 -17.47 -8.53
N MET E 76 12.73 -17.97 -7.68
CA MET E 76 12.62 -19.40 -7.39
C MET E 76 11.72 -20.15 -8.37
N GLU E 77 11.12 -19.48 -9.35
CA GLU E 77 10.32 -20.12 -10.38
C GLU E 77 9.17 -20.94 -9.79
N ILE E 78 8.37 -20.28 -8.95
CA ILE E 78 7.22 -20.91 -8.30
C ILE E 78 6.01 -20.00 -8.45
N PHE E 79 4.98 -20.48 -9.14
CA PHE E 79 3.70 -19.80 -9.17
C PHE E 79 2.90 -20.12 -7.92
N TYR E 80 2.06 -19.16 -7.51
CA TYR E 80 1.23 -19.33 -6.34
C TYR E 80 -0.22 -19.02 -6.69
N MET E 81 -1.14 -19.59 -5.90
CA MET E 81 -2.56 -19.32 -6.03
C MET E 81 -3.19 -19.47 -4.64
N GLU E 82 -4.16 -18.61 -4.34
CA GLU E 82 -4.81 -18.63 -3.03
C GLU E 82 -6.31 -18.47 -3.18
N LEU E 83 -7.05 -19.16 -2.31
CA LEU E 83 -8.49 -19.01 -2.20
C LEU E 83 -8.85 -18.89 -0.73
N SER E 84 -9.69 -17.91 -0.40
CA SER E 84 -10.09 -17.63 0.97
C SER E 84 -11.61 -17.76 1.10
N ARG E 85 -12.11 -17.51 2.30
CA ARG E 85 -13.54 -17.64 2.61
C ARG E 85 -14.04 -19.04 2.21
N LEU E 86 -13.35 -20.06 2.70
CA LEU E 86 -13.56 -21.42 2.22
C LEU E 86 -15.00 -21.87 2.43
N THR E 87 -15.61 -22.35 1.35
CA THR E 87 -16.94 -22.94 1.37
C THR E 87 -16.86 -24.36 0.85
N SER E 88 -17.89 -25.14 1.15
CA SER E 88 -17.95 -26.50 0.63
C SER E 88 -18.01 -26.52 -0.89
N ASP E 89 -18.52 -25.44 -1.49
CA ASP E 89 -18.54 -25.32 -2.94
C ASP E 89 -17.16 -25.03 -3.53
N ASP E 90 -16.20 -24.64 -2.70
CA ASP E 90 -14.84 -24.38 -3.16
C ASP E 90 -13.97 -25.63 -3.14
N THR E 91 -14.54 -26.79 -2.80
CA THR E 91 -13.81 -28.04 -2.82
C THR E 91 -13.73 -28.55 -4.26
N ALA E 92 -12.50 -28.70 -4.77
CA ALA E 92 -12.29 -29.10 -6.15
C ALA E 92 -10.81 -29.48 -6.31
N VAL E 93 -10.45 -29.83 -7.54
CA VAL E 93 -9.07 -30.14 -7.92
C VAL E 93 -8.56 -29.03 -8.82
N TYR E 94 -7.45 -28.40 -8.42
CA TYR E 94 -6.98 -27.16 -9.02
C TYR E 94 -5.73 -27.43 -9.85
N TYR E 95 -5.70 -26.89 -11.07
CA TYR E 95 -4.62 -27.13 -12.02
C TYR E 95 -3.90 -25.84 -12.37
N CYS E 96 -2.67 -25.97 -12.87
CA CYS E 96 -1.94 -24.87 -13.49
C CYS E 96 -1.50 -25.30 -14.88
N ALA E 97 -1.66 -24.40 -15.85
CA ALA E 97 -1.37 -24.71 -17.24
C ALA E 97 -0.72 -23.51 -17.91
N ARG E 98 0.07 -23.79 -18.95
CA ARG E 98 0.78 -22.77 -19.70
C ARG E 98 0.19 -22.59 -21.09
N GLU E 99 0.24 -21.36 -21.60
CA GLU E 99 -0.20 -21.09 -22.96
C GLU E 99 0.83 -21.58 -23.97
N MET E 100 0.36 -21.85 -25.19
CA MET E 100 1.19 -22.53 -26.17
C MET E 100 2.43 -21.73 -26.54
N PHE E 101 2.23 -20.52 -27.07
CA PHE E 101 3.30 -19.75 -27.67
C PHE E 101 3.65 -18.57 -26.76
N ASP E 102 4.90 -18.50 -26.34
CA ASP E 102 5.36 -17.41 -25.49
C ASP E 102 6.73 -16.96 -25.98
N SER E 103 7.24 -15.91 -25.36
CA SER E 103 8.51 -15.32 -25.72
C SER E 103 8.87 -14.27 -24.67
N SER E 104 10.01 -13.61 -24.86
CA SER E 104 10.40 -12.49 -24.04
C SER E 104 10.10 -11.14 -24.67
N ALA E 105 9.61 -11.11 -25.92
CA ALA E 105 9.42 -9.84 -26.60
C ALA E 105 7.98 -9.61 -27.07
N ASP E 106 7.59 -10.22 -28.19
CA ASP E 106 6.21 -10.07 -28.65
C ASP E 106 5.35 -11.14 -28.03
N TRP E 107 4.03 -11.05 -28.21
CA TRP E 107 3.27 -12.05 -27.47
C TRP E 107 2.20 -12.84 -28.21
N SER E 108 0.96 -12.34 -28.25
CA SER E 108 -0.18 -13.27 -28.37
C SER E 108 -0.10 -14.04 -27.03
N PRO E 109 -0.87 -15.11 -26.82
CA PRO E 109 -2.05 -15.90 -27.19
C PRO E 109 -3.23 -15.72 -26.26
N TRP E 110 -4.25 -16.55 -26.49
CA TRP E 110 -5.26 -16.85 -25.49
C TRP E 110 -5.42 -18.37 -25.33
N ARG E 111 -5.79 -19.03 -26.43
CA ARG E 111 -6.31 -20.40 -26.38
C ARG E 111 -5.40 -21.36 -25.62
N GLY E 112 -4.10 -21.34 -25.91
CA GLY E 112 -3.22 -22.45 -25.60
C GLY E 112 -3.17 -22.89 -24.15
N MET E 113 -3.40 -24.18 -23.90
CA MET E 113 -3.05 -24.82 -22.65
C MET E 113 -2.44 -26.18 -22.98
N VAL E 114 -1.15 -26.36 -22.68
CA VAL E 114 -0.45 -27.58 -23.06
C VAL E 114 0.07 -28.30 -21.83
N ALA E 115 1.11 -27.75 -21.22
CA ALA E 115 1.63 -28.31 -19.98
C ALA E 115 0.62 -28.06 -18.86
N TRP E 116 0.24 -29.12 -18.17
CA TRP E 116 -0.80 -29.06 -17.14
C TRP E 116 -0.23 -29.52 -15.81
N GLY E 117 -0.64 -28.84 -14.73
CA GLY E 117 -0.32 -29.32 -13.41
C GLY E 117 -1.04 -30.61 -13.09
N GLN E 118 -0.55 -31.31 -12.07
CA GLN E 118 -1.12 -32.60 -11.71
C GLN E 118 -2.43 -32.47 -10.95
N GLY E 119 -2.73 -31.30 -10.41
CA GLY E 119 -3.94 -31.10 -9.65
C GLY E 119 -3.69 -31.16 -8.16
N THR E 120 -4.48 -30.38 -7.42
CA THR E 120 -4.39 -30.32 -5.96
C THR E 120 -5.78 -30.32 -5.38
N LEU E 121 -6.04 -31.27 -4.48
CA LEU E 121 -7.38 -31.47 -3.92
C LEU E 121 -7.51 -30.69 -2.62
N VAL E 122 -8.34 -29.66 -2.63
CA VAL E 122 -8.67 -28.88 -1.44
C VAL E 122 -10.04 -29.29 -0.95
N THR E 123 -10.13 -29.70 0.31
CA THR E 123 -11.38 -30.19 0.89
C THR E 123 -11.85 -29.21 1.96
N VAL E 124 -13.16 -28.95 1.96
CA VAL E 124 -13.78 -28.05 2.93
C VAL E 124 -14.95 -28.80 3.57
N SER E 125 -14.84 -29.09 4.86
CA SER E 125 -15.90 -29.77 5.59
C SER E 125 -15.86 -29.33 7.05
N SER E 126 -17.04 -29.24 7.66
CA SER E 126 -17.19 -28.71 9.01
C SER E 126 -17.29 -29.79 10.09
N ALA E 127 -17.28 -31.06 9.73
CA ALA E 127 -17.51 -32.12 10.70
C ALA E 127 -16.24 -32.42 11.49
N SER E 128 -16.33 -33.42 12.38
CA SER E 128 -15.24 -33.76 13.28
C SER E 128 -15.24 -35.26 13.48
N THR E 129 -14.46 -35.73 14.46
CA THR E 129 -14.30 -37.16 14.69
C THR E 129 -15.53 -37.71 15.40
N LYS E 130 -16.25 -38.60 14.73
CA LYS E 130 -17.41 -39.28 15.31
C LYS E 130 -17.46 -40.70 14.79
N GLY E 131 -17.62 -41.66 15.70
CA GLY E 131 -17.66 -43.05 15.33
C GLY E 131 -18.92 -43.42 14.60
N PRO E 132 -18.78 -44.11 13.47
CA PRO E 132 -19.96 -44.50 12.69
C PRO E 132 -20.74 -45.62 13.35
N SER E 133 -22.06 -45.56 13.19
CA SER E 133 -22.94 -46.69 13.46
C SER E 133 -23.26 -47.34 12.12
N VAL E 134 -22.93 -48.62 12.00
CA VAL E 134 -23.05 -49.35 10.74
C VAL E 134 -24.15 -50.39 10.88
N PHE E 135 -24.94 -50.57 9.83
CA PHE E 135 -26.16 -51.36 9.89
C PHE E 135 -26.36 -52.10 8.57
N PRO E 136 -27.06 -53.23 8.59
CA PRO E 136 -27.19 -54.04 7.38
C PRO E 136 -28.25 -53.51 6.44
N LEU E 137 -28.12 -53.89 5.17
CA LEU E 137 -29.19 -53.72 4.19
C LEU E 137 -29.63 -55.13 3.81
N ALA E 138 -30.79 -55.55 4.34
CA ALA E 138 -31.17 -56.95 4.35
C ALA E 138 -32.23 -57.23 3.30
N PRO E 139 -31.97 -58.11 2.34
CA PRO E 139 -32.94 -58.35 1.25
C PRO E 139 -34.27 -58.89 1.77
N SER E 140 -35.30 -58.69 0.97
CA SER E 140 -36.65 -59.12 1.27
C SER E 140 -37.08 -60.22 0.32
N SER E 141 -38.30 -60.73 0.53
CA SER E 141 -38.83 -61.77 -0.36
C SER E 141 -39.38 -61.18 -1.65
N LYS E 142 -40.09 -60.05 -1.56
CA LYS E 142 -40.62 -59.39 -2.75
C LYS E 142 -39.52 -58.75 -3.60
N SER E 143 -38.31 -58.60 -3.07
CA SER E 143 -37.20 -58.05 -3.83
C SER E 143 -36.51 -59.09 -4.69
N THR E 144 -36.98 -60.34 -4.67
CA THR E 144 -36.39 -61.42 -5.43
C THR E 144 -37.33 -61.79 -6.58
N SER E 145 -36.93 -61.46 -7.81
CA SER E 145 -37.59 -61.94 -9.02
C SER E 145 -36.52 -62.64 -9.85
N GLY E 146 -36.65 -63.96 -9.96
CA GLY E 146 -35.66 -64.77 -10.66
C GLY E 146 -34.75 -65.58 -9.76
N GLY E 147 -34.80 -65.38 -8.45
CA GLY E 147 -34.02 -66.17 -7.54
C GLY E 147 -32.69 -65.60 -7.07
N THR E 148 -32.50 -64.28 -7.14
CA THR E 148 -31.28 -63.65 -6.64
C THR E 148 -31.63 -62.65 -5.55
N ALA E 149 -30.60 -62.05 -4.94
CA ALA E 149 -30.79 -61.07 -3.89
C ALA E 149 -29.61 -60.11 -3.89
N ALA E 150 -29.88 -58.84 -3.58
CA ALA E 150 -28.86 -57.82 -3.44
C ALA E 150 -28.92 -57.23 -2.03
N LEU E 151 -27.76 -56.87 -1.49
CA LEU E 151 -27.66 -56.46 -0.09
C LEU E 151 -26.50 -55.48 0.04
N GLY E 152 -26.14 -55.16 1.27
CA GLY E 152 -25.03 -54.27 1.54
C GLY E 152 -25.11 -53.70 2.94
N CYS E 153 -24.28 -52.68 3.16
CA CYS E 153 -24.28 -51.93 4.42
C CYS E 153 -24.02 -50.46 4.12
N LEU E 154 -24.45 -49.61 5.04
CA LEU E 154 -24.21 -48.18 4.95
C LEU E 154 -23.27 -47.74 6.07
N VAL E 155 -22.32 -46.87 5.71
CA VAL E 155 -21.47 -46.21 6.67
C VAL E 155 -21.91 -44.75 6.73
N LYS E 156 -22.55 -44.38 7.82
CA LYS E 156 -23.04 -43.02 8.00
C LYS E 156 -22.57 -42.50 9.35
N ASP E 157 -22.66 -41.18 9.52
CA ASP E 157 -22.25 -40.51 10.74
C ASP E 157 -20.77 -40.74 11.03
N TYR E 158 -19.99 -40.97 9.97
CA TYR E 158 -18.55 -41.14 10.07
C TYR E 158 -17.87 -39.95 9.41
N PHE E 159 -16.93 -39.35 10.11
CA PHE E 159 -16.09 -38.31 9.52
C PHE E 159 -14.65 -38.48 10.01
N PRO E 160 -13.68 -38.25 9.12
CA PRO E 160 -13.87 -37.95 7.70
C PRO E 160 -13.96 -39.19 6.80
N GLU E 161 -14.06 -38.94 5.50
CA GLU E 161 -14.13 -39.97 4.48
C GLU E 161 -12.75 -40.58 4.21
N PRO E 162 -12.70 -41.72 3.50
CA PRO E 162 -13.75 -42.65 3.10
C PRO E 162 -13.86 -43.84 4.04
N VAL E 163 -14.75 -44.77 3.70
CA VAL E 163 -14.80 -46.07 4.34
C VAL E 163 -14.90 -47.13 3.24
N THR E 164 -13.90 -47.99 3.14
CA THR E 164 -13.93 -49.06 2.18
C THR E 164 -14.78 -50.22 2.69
N VAL E 165 -15.52 -50.86 1.79
CA VAL E 165 -16.38 -51.98 2.15
C VAL E 165 -16.00 -53.17 1.28
N SER E 166 -15.42 -54.19 1.90
CA SER E 166 -15.17 -55.48 1.26
C SER E 166 -16.26 -56.46 1.70
N TRP E 167 -16.12 -57.72 1.32
CA TRP E 167 -17.12 -58.74 1.63
C TRP E 167 -16.43 -60.00 2.12
N ASN E 168 -16.78 -60.45 3.33
CA ASN E 168 -16.37 -61.74 3.86
C ASN E 168 -14.84 -61.88 3.90
N SER E 169 -14.18 -60.83 4.38
CA SER E 169 -12.72 -60.81 4.51
C SER E 169 -12.02 -61.10 3.18
N GLY E 170 -12.61 -60.67 2.08
CA GLY E 170 -12.04 -60.87 0.77
C GLY E 170 -12.47 -62.12 0.05
N ALA E 171 -13.46 -62.85 0.58
CA ALA E 171 -13.91 -64.09 -0.04
C ALA E 171 -14.99 -63.87 -1.11
N LEU E 172 -15.62 -62.70 -1.16
CA LEU E 172 -16.64 -62.40 -2.16
C LEU E 172 -16.29 -61.09 -2.86
N THR E 173 -15.79 -61.18 -4.08
CA THR E 173 -15.59 -60.00 -4.93
C THR E 173 -16.59 -59.88 -6.07
N SER E 174 -17.47 -60.86 -6.26
CA SER E 174 -18.26 -60.94 -7.48
C SER E 174 -19.58 -60.19 -7.32
N GLY E 175 -19.92 -59.37 -8.31
CA GLY E 175 -21.09 -58.52 -8.19
C GLY E 175 -20.95 -57.42 -7.17
N VAL E 176 -19.77 -57.25 -6.59
CA VAL E 176 -19.55 -56.20 -5.59
C VAL E 176 -19.36 -54.87 -6.31
N HIS E 177 -20.27 -53.94 -6.08
CA HIS E 177 -20.13 -52.57 -6.56
C HIS E 177 -20.05 -51.67 -5.34
N THR E 178 -18.85 -51.17 -5.07
CA THR E 178 -18.66 -50.24 -3.96
C THR E 178 -18.86 -48.82 -4.48
N PHE E 179 -19.53 -48.01 -3.68
CA PHE E 179 -19.90 -46.72 -4.24
C PHE E 179 -19.12 -45.59 -3.56
N PRO E 180 -18.85 -44.51 -4.28
CA PRO E 180 -17.99 -43.45 -3.72
C PRO E 180 -18.58 -42.85 -2.45
N ALA E 181 -17.69 -42.51 -1.53
CA ALA E 181 -18.11 -41.84 -0.30
C ALA E 181 -18.49 -40.41 -0.62
N VAL E 182 -19.72 -40.02 -0.27
CA VAL E 182 -20.25 -38.71 -0.61
C VAL E 182 -20.61 -37.98 0.69
N LEU E 183 -20.48 -36.66 0.64
CA LEU E 183 -20.73 -35.82 1.81
C LEU E 183 -22.23 -35.68 2.06
N GLN E 184 -22.64 -35.85 3.31
CA GLN E 184 -24.00 -35.53 3.70
C GLN E 184 -24.17 -34.02 3.81
N SER E 185 -25.37 -33.58 4.19
CA SER E 185 -25.57 -32.15 4.44
C SER E 185 -24.94 -31.73 5.76
N SER E 186 -24.80 -32.66 6.71
CA SER E 186 -24.18 -32.35 7.99
C SER E 186 -22.66 -32.35 7.92
N GLY E 187 -22.08 -33.11 6.99
CA GLY E 187 -20.65 -33.29 6.89
C GLY E 187 -20.15 -34.64 7.33
N LEU E 188 -20.93 -35.37 8.13
CA LEU E 188 -20.62 -36.76 8.41
C LEU E 188 -20.87 -37.59 7.16
N TYR E 189 -19.85 -38.31 6.70
CA TYR E 189 -19.93 -38.88 5.37
C TYR E 189 -20.88 -40.09 5.32
N SER E 190 -21.08 -40.59 4.10
CA SER E 190 -21.97 -41.71 3.85
C SER E 190 -21.53 -42.43 2.58
N LEU E 191 -21.73 -43.76 2.56
CA LEU E 191 -21.46 -44.56 1.37
C LEU E 191 -22.05 -45.95 1.56
N SER E 192 -21.98 -46.75 0.50
CA SER E 192 -22.51 -48.11 0.53
C SER E 192 -21.75 -48.96 -0.49
N SER E 193 -21.89 -50.28 -0.34
CA SER E 193 -21.38 -51.24 -1.30
C SER E 193 -22.34 -52.42 -1.38
N VAL E 194 -22.64 -52.86 -2.61
CA VAL E 194 -23.61 -53.94 -2.80
C VAL E 194 -22.91 -55.24 -3.17
N VAL E 195 -23.71 -56.29 -3.32
CA VAL E 195 -23.26 -57.55 -3.92
C VAL E 195 -24.51 -58.27 -4.39
N THR E 196 -24.34 -59.19 -5.34
CA THR E 196 -25.44 -59.97 -5.89
C THR E 196 -25.27 -61.43 -5.47
N VAL E 197 -26.22 -61.93 -4.70
CA VAL E 197 -26.14 -63.29 -4.15
C VAL E 197 -27.39 -64.07 -4.52
N PRO E 198 -27.31 -65.40 -4.62
CA PRO E 198 -28.49 -66.19 -4.99
C PRO E 198 -29.44 -66.37 -3.81
N SER E 199 -30.71 -66.65 -4.17
CA SER E 199 -31.75 -66.85 -3.16
C SER E 199 -31.70 -68.26 -2.57
N SER E 200 -31.31 -69.26 -3.35
CA SER E 200 -31.23 -70.62 -2.83
C SER E 200 -30.18 -70.76 -1.73
N SER E 201 -29.24 -69.82 -1.66
CA SER E 201 -28.20 -69.83 -0.64
C SER E 201 -28.54 -68.94 0.56
N LEU E 202 -29.74 -68.35 0.58
CA LEU E 202 -30.07 -67.39 1.63
C LEU E 202 -29.99 -67.99 3.03
N GLY E 203 -30.10 -69.30 3.17
CA GLY E 203 -29.90 -69.92 4.47
C GLY E 203 -28.55 -70.60 4.62
N THR E 204 -27.85 -70.86 3.51
CA THR E 204 -26.61 -71.62 3.54
C THR E 204 -25.36 -70.76 3.50
N GLN E 205 -25.47 -69.44 3.41
CA GLN E 205 -24.30 -68.58 3.25
C GLN E 205 -24.42 -67.34 4.11
N THR E 206 -23.31 -66.95 4.73
CA THR E 206 -23.22 -65.74 5.54
C THR E 206 -22.59 -64.63 4.72
N TYR E 207 -23.24 -63.47 4.68
CA TYR E 207 -22.74 -62.31 3.96
C TYR E 207 -22.52 -61.18 4.94
N ILE E 208 -21.25 -60.81 5.14
CA ILE E 208 -20.86 -59.75 6.06
C ILE E 208 -20.30 -58.59 5.25
N CYS E 209 -20.44 -57.40 5.79
CA CYS E 209 -19.85 -56.19 5.23
C CYS E 209 -18.79 -55.68 6.18
N ASN E 210 -17.55 -55.60 5.70
CA ASN E 210 -16.44 -55.10 6.51
C ASN E 210 -16.36 -53.58 6.29
N VAL E 211 -16.61 -52.83 7.36
CA VAL E 211 -16.70 -51.39 7.30
C VAL E 211 -15.65 -50.82 8.24
N ASN E 212 -14.69 -50.08 7.68
CA ASN E 212 -13.54 -49.57 8.43
C ASN E 212 -13.54 -48.05 8.38
N HIS E 213 -13.59 -47.42 9.55
CA HIS E 213 -13.36 -45.99 9.67
C HIS E 213 -12.08 -45.78 10.49
N LYS E 214 -11.01 -45.34 9.83
CA LYS E 214 -9.74 -45.17 10.53
C LYS E 214 -9.74 -44.00 11.49
N PRO E 215 -10.09 -42.76 11.09
CA PRO E 215 -9.89 -41.62 12.01
C PRO E 215 -10.74 -41.65 13.26
N SER E 216 -12.03 -41.96 13.15
CA SER E 216 -12.89 -41.97 14.32
C SER E 216 -12.74 -43.23 15.17
N ASN E 217 -12.03 -44.24 14.66
CA ASN E 217 -11.68 -45.45 15.39
C ASN E 217 -12.89 -46.26 15.83
N THR E 218 -13.99 -46.21 15.08
CA THR E 218 -15.10 -47.13 15.27
C THR E 218 -15.21 -47.99 14.02
N LYS E 219 -14.85 -49.27 14.16
CA LYS E 219 -14.88 -50.22 13.07
C LYS E 219 -16.01 -51.21 13.35
N VAL E 220 -17.08 -51.13 12.56
CA VAL E 220 -18.28 -51.92 12.80
C VAL E 220 -18.47 -52.86 11.61
N ASP E 221 -18.34 -54.16 11.86
CA ASP E 221 -18.66 -55.17 10.86
C ASP E 221 -20.10 -55.61 11.11
N LYS E 222 -20.99 -55.30 10.16
CA LYS E 222 -22.40 -55.59 10.32
C LYS E 222 -22.78 -56.75 9.40
N ARG E 223 -23.12 -57.88 10.01
CA ARG E 223 -23.59 -59.02 9.23
C ARG E 223 -24.94 -58.73 8.62
N VAL E 224 -25.04 -58.90 7.31
CA VAL E 224 -26.31 -58.73 6.63
C VAL E 224 -27.01 -60.08 6.57
N GLU E 225 -28.08 -60.21 7.37
CA GLU E 225 -28.80 -61.46 7.51
C GLU E 225 -30.27 -61.23 7.21
N PRO E 226 -31.00 -62.27 6.79
CA PRO E 226 -32.42 -62.07 6.44
C PRO E 226 -33.21 -61.55 7.62
N LYS E 227 -34.11 -60.61 7.34
CA LYS E 227 -34.99 -60.07 8.38
C LYS E 227 -36.05 -61.10 8.71
N SER E 228 -36.10 -61.52 9.97
CA SER E 228 -36.97 -62.61 10.38
C SER E 228 -38.39 -62.09 10.62
N CYS E 229 -39.36 -62.70 9.95
CA CYS E 229 -40.75 -62.30 10.07
C CYS E 229 -41.62 -63.49 10.43
N SER F 2 -21.45 -23.94 -18.56
CA SER F 2 -20.44 -23.57 -19.55
C SER F 2 -21.09 -22.93 -20.78
N ALA F 3 -20.43 -21.92 -21.35
CA ALA F 3 -21.00 -21.15 -22.44
C ALA F 3 -21.01 -21.90 -23.77
N LEU F 4 -20.30 -23.02 -23.87
CA LEU F 4 -20.27 -23.82 -25.09
C LEU F 4 -21.05 -25.10 -24.87
N THR F 5 -21.86 -25.47 -25.86
CA THR F 5 -22.77 -26.61 -25.76
C THR F 5 -22.13 -27.85 -26.38
N GLN F 6 -22.03 -28.91 -25.58
CA GLN F 6 -21.52 -30.22 -25.99
C GLN F 6 -22.54 -31.29 -25.65
N PRO F 7 -22.43 -32.47 -26.25
CA PRO F 7 -23.28 -33.58 -25.83
C PRO F 7 -22.86 -34.10 -24.45
N ALA F 8 -23.82 -34.72 -23.76
CA ALA F 8 -23.54 -35.25 -22.43
C ALA F 8 -22.68 -36.50 -22.54
N SER F 9 -23.03 -37.42 -23.43
CA SER F 9 -22.25 -38.63 -23.63
C SER F 9 -22.39 -39.06 -25.08
N VAL F 10 -21.33 -39.65 -25.62
CA VAL F 10 -21.34 -40.20 -26.96
C VAL F 10 -20.79 -41.62 -26.89
N SER F 11 -21.46 -42.55 -27.54
CA SER F 11 -21.02 -43.94 -27.60
C SER F 11 -20.82 -44.31 -29.06
N GLY F 12 -19.76 -45.06 -29.32
CA GLY F 12 -19.48 -45.50 -30.67
C GLY F 12 -18.72 -46.81 -30.66
N SER F 13 -18.86 -47.56 -31.75
CA SER F 13 -18.20 -48.86 -31.82
C SER F 13 -16.71 -48.66 -32.06
N PRO F 14 -15.86 -49.49 -31.45
CA PRO F 14 -14.43 -49.34 -31.70
C PRO F 14 -14.11 -49.50 -33.17
N GLY F 15 -13.40 -48.52 -33.72
CA GLY F 15 -13.03 -48.50 -35.12
C GLY F 15 -13.83 -47.55 -35.98
N GLN F 16 -14.87 -46.92 -35.46
CA GLN F 16 -15.73 -46.05 -36.24
C GLN F 16 -15.22 -44.60 -36.15
N SER F 17 -16.04 -43.67 -36.62
CA SER F 17 -15.77 -42.25 -36.53
C SER F 17 -16.91 -41.55 -35.81
N ILE F 18 -16.56 -40.65 -34.90
CA ILE F 18 -17.55 -39.94 -34.10
C ILE F 18 -17.32 -38.44 -34.24
N THR F 19 -18.38 -37.67 -34.02
CA THR F 19 -18.33 -36.21 -34.12
C THR F 19 -18.90 -35.60 -32.85
N ILE F 20 -18.11 -34.74 -32.21
CA ILE F 20 -18.53 -34.02 -31.00
C ILE F 20 -18.73 -32.56 -31.36
N SER F 21 -19.89 -32.02 -31.02
CA SER F 21 -20.29 -30.68 -31.43
C SER F 21 -20.00 -29.67 -30.34
N CYS F 22 -19.45 -28.52 -30.74
CA CYS F 22 -19.29 -27.36 -29.89
C CYS F 22 -20.09 -26.24 -30.54
N ALA F 23 -21.20 -25.86 -29.93
CA ALA F 23 -22.13 -24.91 -30.54
C ALA F 23 -22.36 -23.75 -29.59
N GLY F 24 -22.28 -22.54 -30.12
CA GLY F 24 -22.47 -21.34 -29.34
C GLY F 24 -22.87 -20.19 -30.24
N SER F 25 -22.89 -19.00 -29.65
CA SER F 25 -23.23 -17.80 -30.40
C SER F 25 -22.08 -17.43 -31.34
N SER F 26 -22.28 -16.36 -32.11
CA SER F 26 -21.22 -15.84 -32.95
C SER F 26 -20.14 -15.12 -32.15
N ARG F 27 -20.33 -14.93 -30.84
CA ARG F 27 -19.32 -14.31 -29.99
C ARG F 27 -18.08 -15.18 -29.85
N ASP F 28 -18.20 -16.49 -30.01
CA ASP F 28 -17.08 -17.39 -29.76
C ASP F 28 -16.81 -18.30 -30.95
N VAL F 29 -17.75 -19.19 -31.27
CA VAL F 29 -17.50 -20.16 -32.32
C VAL F 29 -17.57 -19.51 -33.70
N GLY F 30 -18.60 -18.71 -33.94
CA GLY F 30 -18.78 -18.12 -35.26
C GLY F 30 -17.77 -17.02 -35.56
N GLY F 31 -17.62 -16.09 -34.63
CA GLY F 31 -16.77 -14.93 -34.83
C GLY F 31 -15.32 -15.11 -34.43
N PHE F 32 -14.89 -16.33 -34.11
CA PHE F 32 -13.51 -16.57 -33.75
C PHE F 32 -13.06 -17.93 -34.27
N ASP F 33 -11.77 -18.04 -34.53
CA ASP F 33 -11.11 -19.29 -34.88
C ASP F 33 -10.58 -20.01 -33.64
N LEU F 34 -10.90 -19.53 -32.46
CA LEU F 34 -10.17 -19.85 -31.24
C LEU F 34 -10.68 -21.11 -30.52
N VAL F 35 -11.61 -21.85 -31.12
CA VAL F 35 -12.09 -23.07 -30.49
C VAL F 35 -10.94 -24.05 -30.31
N SER F 36 -10.95 -24.76 -29.18
CA SER F 36 -9.93 -25.76 -28.90
C SER F 36 -10.54 -26.90 -28.12
N TRP F 37 -9.86 -28.04 -28.10
CA TRP F 37 -10.39 -29.27 -27.51
C TRP F 37 -9.32 -29.96 -26.68
N TYR F 38 -9.74 -30.60 -25.60
CA TYR F 38 -8.83 -31.24 -24.66
C TYR F 38 -9.30 -32.65 -24.34
N GLN F 39 -8.35 -33.59 -24.26
CA GLN F 39 -8.61 -34.93 -23.76
C GLN F 39 -8.26 -35.01 -22.29
N GLN F 40 -9.06 -35.75 -21.53
CA GLN F 40 -8.77 -35.97 -20.12
C GLN F 40 -9.01 -37.43 -19.79
N HIS F 41 -7.95 -38.13 -19.39
CA HIS F 41 -8.14 -39.46 -18.85
C HIS F 41 -8.65 -39.36 -17.41
N PRO F 42 -9.52 -40.28 -16.98
CA PRO F 42 -10.11 -40.17 -15.64
C PRO F 42 -9.03 -40.20 -14.56
N GLY F 43 -9.11 -39.24 -13.65
CA GLY F 43 -8.15 -39.12 -12.57
C GLY F 43 -6.84 -38.46 -12.93
N LYS F 44 -6.68 -37.98 -14.18
CA LYS F 44 -5.45 -37.37 -14.62
C LYS F 44 -5.75 -36.01 -15.25
N ALA F 45 -4.70 -35.21 -15.38
CA ALA F 45 -4.85 -33.83 -15.82
C ALA F 45 -5.39 -33.77 -17.25
N PRO F 46 -6.09 -32.70 -17.62
CA PRO F 46 -6.52 -32.55 -19.01
C PRO F 46 -5.33 -32.40 -19.94
N LYS F 47 -5.49 -32.95 -21.15
CA LYS F 47 -4.45 -32.92 -22.16
C LYS F 47 -5.01 -32.32 -23.44
N LEU F 48 -4.26 -31.39 -24.03
CA LEU F 48 -4.73 -30.69 -25.23
C LEU F 48 -4.79 -31.64 -26.42
N ILE F 49 -5.80 -31.45 -27.27
CA ILE F 49 -5.99 -32.27 -28.46
C ILE F 49 -6.11 -31.38 -29.69
N ILE F 50 -7.11 -30.50 -29.72
CA ILE F 50 -7.33 -29.59 -30.83
C ILE F 50 -7.26 -28.16 -30.34
N TYR F 51 -6.76 -27.27 -31.20
CA TYR F 51 -6.85 -25.83 -30.99
C TYR F 51 -6.99 -25.15 -32.34
N GLU F 52 -7.13 -23.82 -32.33
CA GLU F 52 -7.31 -23.01 -33.54
C GLU F 52 -8.44 -23.53 -34.42
N VAL F 53 -9.45 -24.13 -33.77
CA VAL F 53 -10.66 -24.69 -34.37
C VAL F 53 -10.34 -25.97 -35.13
N ASN F 54 -9.14 -26.04 -35.71
CA ASN F 54 -8.52 -27.30 -36.08
C ASN F 54 -7.01 -27.13 -35.98
N LYS F 55 -6.37 -27.78 -35.01
CA LYS F 55 -4.92 -27.91 -34.96
C LYS F 55 -4.59 -29.12 -34.11
N ARG F 56 -3.44 -29.73 -34.37
CA ARG F 56 -2.94 -30.81 -33.53
C ARG F 56 -1.59 -30.42 -32.93
N PRO F 57 -1.49 -30.32 -31.60
CA PRO F 57 -0.16 -30.15 -30.99
C PRO F 57 0.74 -31.34 -31.31
N SER F 58 2.04 -31.12 -31.14
CA SER F 58 3.01 -32.17 -31.44
C SER F 58 2.73 -33.42 -30.64
N GLY F 59 2.64 -34.56 -31.33
CA GLY F 59 2.41 -35.83 -30.69
C GLY F 59 0.96 -36.22 -30.51
N ILE F 60 0.06 -35.71 -31.33
CA ILE F 60 -1.35 -36.13 -31.33
C ILE F 60 -1.57 -37.05 -32.52
N SER F 61 -2.28 -38.15 -32.29
CA SER F 61 -2.51 -39.13 -33.35
C SER F 61 -3.25 -38.50 -34.52
N SER F 62 -2.83 -38.86 -35.74
CA SER F 62 -3.40 -38.28 -36.95
C SER F 62 -4.87 -38.62 -37.10
N ARG F 63 -5.39 -39.59 -36.35
CA ARG F 63 -6.81 -39.92 -36.41
C ARG F 63 -7.67 -38.77 -35.90
N PHE F 64 -7.13 -37.96 -34.99
CA PHE F 64 -7.88 -36.84 -34.43
C PHE F 64 -7.88 -35.65 -35.38
N SER F 65 -8.92 -34.82 -35.26
CA SER F 65 -9.11 -33.63 -36.08
C SER F 65 -10.38 -32.94 -35.58
N ALA F 66 -10.63 -31.74 -36.11
CA ALA F 66 -11.79 -30.95 -35.70
C ALA F 66 -12.03 -29.88 -36.77
N SER F 67 -13.07 -29.07 -36.53
CA SER F 67 -13.45 -28.01 -37.46
C SER F 67 -14.45 -27.10 -36.77
N LYS F 68 -14.89 -26.07 -37.51
CA LYS F 68 -15.96 -25.17 -37.08
C LYS F 68 -16.84 -24.86 -38.28
N SER F 69 -18.15 -25.06 -38.12
CA SER F 69 -19.13 -24.71 -39.14
C SER F 69 -19.99 -23.57 -38.59
N GLY F 70 -19.77 -22.37 -39.12
CA GLY F 70 -20.50 -21.21 -38.64
C GLY F 70 -20.36 -21.02 -37.14
N ASN F 71 -21.50 -20.98 -36.46
CA ASN F 71 -21.54 -20.85 -35.00
C ASN F 71 -21.40 -22.20 -34.29
N THR F 72 -21.19 -23.29 -35.04
CA THR F 72 -21.05 -24.62 -34.47
C THR F 72 -19.67 -25.17 -34.80
N ALA F 73 -18.93 -25.57 -33.77
CA ALA F 73 -17.62 -26.19 -33.93
C ALA F 73 -17.76 -27.70 -33.71
N SER F 74 -16.95 -28.46 -34.45
CA SER F 74 -17.04 -29.91 -34.42
C SER F 74 -15.67 -30.52 -34.11
N LEU F 75 -15.70 -31.69 -33.48
CA LEU F 75 -14.52 -32.51 -33.23
C LEU F 75 -14.73 -33.87 -33.87
N THR F 76 -13.65 -34.48 -34.35
CA THR F 76 -13.75 -35.77 -35.02
C THR F 76 -12.57 -36.65 -34.64
N ILE F 77 -12.85 -37.93 -34.37
CA ILE F 77 -11.83 -38.92 -34.06
C ILE F 77 -12.09 -40.15 -34.93
N SER F 78 -11.14 -40.46 -35.81
CA SER F 78 -11.21 -41.70 -36.57
C SER F 78 -10.38 -42.77 -35.87
N GLY F 79 -10.39 -43.98 -36.42
CA GLY F 79 -9.59 -45.07 -35.90
C GLY F 79 -9.68 -45.25 -34.39
N LEU F 80 -10.92 -45.29 -33.87
CA LEU F 80 -11.13 -45.29 -32.44
C LEU F 80 -10.41 -46.45 -31.76
N GLN F 81 -9.94 -46.19 -30.55
CA GLN F 81 -9.20 -47.20 -29.78
C GLN F 81 -9.49 -47.00 -28.30
N GLU F 82 -9.17 -48.03 -27.52
CA GLU F 82 -9.46 -48.00 -26.08
C GLU F 82 -8.74 -46.86 -25.38
N GLU F 83 -7.60 -46.42 -25.91
CA GLU F 83 -6.90 -45.27 -25.35
C GLU F 83 -7.69 -43.98 -25.48
N ASP F 84 -8.73 -43.96 -26.32
CA ASP F 84 -9.52 -42.77 -26.57
C ASP F 84 -10.75 -42.70 -25.68
N GLU F 85 -10.92 -43.61 -24.73
CA GLU F 85 -12.10 -43.64 -23.88
C GLU F 85 -11.80 -42.74 -22.68
N ALA F 86 -12.45 -41.58 -22.64
CA ALA F 86 -12.01 -40.48 -21.79
C ALA F 86 -12.90 -39.26 -21.99
N HIS F 87 -12.63 -38.19 -21.24
CA HIS F 87 -13.40 -36.96 -21.33
C HIS F 87 -12.80 -36.00 -22.35
N TYR F 88 -13.69 -35.31 -23.08
CA TYR F 88 -13.30 -34.31 -24.06
C TYR F 88 -14.07 -33.03 -23.80
N TYR F 89 -13.36 -31.90 -23.79
CA TYR F 89 -13.95 -30.60 -23.51
C TYR F 89 -13.56 -29.62 -24.61
N CYS F 90 -14.55 -28.95 -25.20
CA CYS F 90 -14.27 -27.92 -26.18
C CYS F 90 -14.13 -26.58 -25.49
N TYR F 91 -13.03 -25.88 -25.75
CA TYR F 91 -12.81 -24.54 -25.26
C TYR F 91 -12.79 -23.57 -26.43
N SER F 92 -13.40 -22.41 -26.22
CA SER F 92 -13.27 -21.29 -27.14
C SER F 92 -13.22 -20.02 -26.32
N TYR F 93 -12.67 -18.96 -26.92
CA TYR F 93 -12.51 -17.69 -26.25
C TYR F 93 -13.70 -16.79 -26.59
N ALA F 94 -14.53 -16.48 -25.59
CA ALA F 94 -15.35 -15.28 -25.65
C ALA F 94 -14.87 -14.39 -24.51
N ASP F 95 -13.93 -13.50 -24.82
CA ASP F 95 -13.39 -12.45 -23.96
C ASP F 95 -12.79 -12.99 -22.66
N GLY F 96 -13.29 -14.15 -22.24
CA GLY F 96 -12.86 -14.90 -21.09
C GLY F 96 -12.25 -16.19 -21.55
N VAL F 97 -12.34 -17.22 -20.71
CA VAL F 97 -12.11 -18.61 -21.11
C VAL F 97 -13.45 -19.34 -21.01
N ALA F 98 -14.00 -19.71 -22.16
CA ALA F 98 -15.27 -20.43 -22.24
C ALA F 98 -15.03 -21.89 -22.58
N PHE F 99 -15.65 -22.77 -21.81
CA PHE F 99 -15.46 -24.20 -21.93
C PHE F 99 -16.74 -24.88 -22.36
N GLY F 100 -16.65 -26.18 -22.56
CA GLY F 100 -17.81 -27.03 -22.74
C GLY F 100 -18.06 -27.83 -21.50
N GLY F 101 -19.24 -28.44 -21.43
CA GLY F 101 -19.61 -29.23 -20.28
C GLY F 101 -18.85 -30.53 -20.17
N GLY F 102 -18.35 -31.03 -21.29
CA GLY F 102 -17.62 -32.28 -21.34
C GLY F 102 -18.48 -33.42 -21.79
N THR F 103 -17.86 -34.38 -22.48
CA THR F 103 -18.55 -35.52 -23.05
C THR F 103 -17.75 -36.78 -22.77
N LYS F 104 -18.46 -37.85 -22.40
CA LYS F 104 -17.83 -39.13 -22.11
C LYS F 104 -17.87 -40.03 -23.34
N LEU F 105 -16.80 -40.76 -23.57
CA LEU F 105 -16.69 -41.69 -24.69
C LEU F 105 -16.75 -43.12 -24.18
N THR F 106 -17.40 -43.98 -24.94
CA THR F 106 -17.66 -45.36 -24.51
C THR F 106 -17.63 -46.26 -25.73
N VAL F 107 -18.08 -47.51 -25.54
CA VAL F 107 -18.27 -48.48 -26.61
C VAL F 107 -19.76 -48.61 -26.88
N LEU F 108 -20.11 -48.82 -28.14
CA LEU F 108 -21.50 -48.94 -28.56
C LEU F 108 -21.79 -50.37 -29.01
N GLY F 109 -23.06 -50.60 -29.37
CA GLY F 109 -23.54 -51.90 -29.77
C GLY F 109 -24.33 -52.62 -28.70
N GLN F 110 -24.18 -52.23 -27.44
CA GLN F 110 -24.90 -52.88 -26.36
C GLN F 110 -26.37 -52.46 -26.38
N PRO F 111 -27.30 -53.41 -26.28
CA PRO F 111 -28.73 -53.04 -26.35
C PRO F 111 -29.17 -52.24 -25.14
N LYS F 112 -30.33 -51.60 -25.29
CA LYS F 112 -30.91 -50.83 -24.19
C LYS F 112 -31.35 -51.75 -23.06
N ALA F 113 -31.17 -51.29 -21.82
CA ALA F 113 -31.47 -52.09 -20.64
C ALA F 113 -32.25 -51.27 -19.63
N ALA F 114 -33.06 -52.00 -18.79
CA ALA F 114 -33.92 -51.51 -17.73
C ALA F 114 -33.17 -51.45 -16.40
N PRO F 115 -33.54 -50.53 -15.51
CA PRO F 115 -32.87 -50.44 -14.21
C PRO F 115 -33.26 -51.56 -13.28
N SER F 116 -32.46 -51.72 -12.23
CA SER F 116 -32.70 -52.70 -11.17
C SER F 116 -32.62 -51.98 -9.82
N VAL F 117 -33.72 -51.99 -9.07
CA VAL F 117 -33.83 -51.20 -7.86
C VAL F 117 -34.15 -52.11 -6.67
N THR F 118 -33.63 -51.73 -5.50
CA THR F 118 -33.92 -52.39 -4.24
C THR F 118 -33.83 -51.38 -3.12
N LEU F 119 -34.64 -51.57 -2.08
CA LEU F 119 -34.75 -50.59 -1.00
C LEU F 119 -35.03 -51.30 0.32
N PHE F 120 -34.49 -50.76 1.40
CA PHE F 120 -34.59 -51.34 2.74
C PHE F 120 -34.77 -50.25 3.78
N PRO F 121 -35.50 -50.53 4.86
CA PRO F 121 -35.69 -49.54 5.93
C PRO F 121 -34.44 -49.42 6.79
N PRO F 122 -34.31 -48.34 7.57
CA PRO F 122 -33.16 -48.23 8.48
C PRO F 122 -33.29 -49.22 9.62
N SER F 123 -32.19 -49.90 9.93
CA SER F 123 -32.22 -50.93 10.94
C SER F 123 -32.42 -50.33 12.33
N SER F 124 -32.82 -51.20 13.27
CA SER F 124 -32.98 -50.77 14.65
C SER F 124 -31.65 -50.31 15.25
N GLU F 125 -30.53 -50.79 14.72
CA GLU F 125 -29.23 -50.31 15.19
C GLU F 125 -29.06 -48.82 14.92
N GLU F 126 -29.58 -48.34 13.79
CA GLU F 126 -29.56 -46.91 13.51
C GLU F 126 -30.69 -46.18 14.23
N LEU F 127 -31.90 -46.78 14.26
CA LEU F 127 -33.04 -46.11 14.87
C LEU F 127 -32.84 -45.86 16.36
N GLN F 128 -31.94 -46.61 17.01
CA GLN F 128 -31.55 -46.35 18.39
C GLN F 128 -30.33 -45.44 18.49
N ALA F 129 -29.74 -45.07 17.37
CA ALA F 129 -28.54 -44.24 17.32
C ALA F 129 -28.85 -42.75 17.16
N ASN F 130 -30.13 -42.36 17.24
CA ASN F 130 -30.60 -41.01 16.95
C ASN F 130 -30.45 -40.65 15.47
N LYS F 131 -30.54 -41.66 14.60
CA LYS F 131 -30.43 -41.45 13.16
C LYS F 131 -31.42 -42.36 12.45
N ALA F 132 -31.87 -41.92 11.28
CA ALA F 132 -32.64 -42.75 10.36
C ALA F 132 -32.11 -42.48 8.96
N THR F 133 -31.58 -43.51 8.31
CA THR F 133 -30.96 -43.33 7.00
C THR F 133 -31.35 -44.46 6.08
N LEU F 134 -31.76 -44.10 4.86
CA LEU F 134 -32.20 -45.02 3.83
C LEU F 134 -31.21 -45.03 2.68
N VAL F 135 -31.12 -46.18 1.98
CA VAL F 135 -30.20 -46.36 0.87
C VAL F 135 -30.96 -47.00 -0.29
N CYS F 136 -30.94 -46.35 -1.46
CA CYS F 136 -31.55 -46.87 -2.67
C CYS F 136 -30.44 -47.23 -3.65
N LEU F 137 -30.45 -48.47 -4.14
CA LEU F 137 -29.35 -49.05 -4.88
C LEU F 137 -29.80 -49.47 -6.28
N ILE F 138 -28.97 -49.16 -7.29
CA ILE F 138 -29.29 -49.46 -8.68
C ILE F 138 -28.01 -49.92 -9.38
N SER F 139 -28.15 -50.86 -10.32
CA SER F 139 -27.03 -51.38 -11.09
C SER F 139 -27.53 -51.98 -12.39
N ASP F 140 -26.60 -52.22 -13.32
CA ASP F 140 -26.83 -53.04 -14.51
C ASP F 140 -27.91 -52.44 -15.42
N PHE F 141 -27.53 -51.36 -16.11
CA PHE F 141 -28.40 -50.71 -17.07
C PHE F 141 -27.58 -50.23 -18.27
N TYR F 142 -28.28 -49.69 -19.26
CA TYR F 142 -27.67 -49.13 -20.47
C TYR F 142 -28.75 -48.61 -21.43
N PRO F 143 -28.53 -47.44 -22.06
CA PRO F 143 -27.44 -46.48 -21.83
C PRO F 143 -27.66 -45.67 -20.54
N GLY F 144 -26.63 -45.00 -20.06
CA GLY F 144 -26.52 -44.64 -18.66
C GLY F 144 -27.15 -43.35 -18.16
N ALA F 145 -28.21 -42.83 -18.79
CA ALA F 145 -28.89 -41.62 -18.30
C ALA F 145 -30.21 -41.99 -17.63
N VAL F 146 -30.34 -41.65 -16.35
CA VAL F 146 -31.54 -41.92 -15.56
C VAL F 146 -31.79 -40.72 -14.63
N THR F 147 -32.93 -40.75 -13.90
CA THR F 147 -33.25 -39.79 -12.86
C THR F 147 -33.92 -40.53 -11.70
N VAL F 148 -33.55 -40.15 -10.48
CA VAL F 148 -34.10 -40.74 -9.26
C VAL F 148 -34.65 -39.62 -8.38
N ALA F 149 -35.79 -39.88 -7.74
CA ALA F 149 -36.45 -38.89 -6.89
C ALA F 149 -36.80 -39.52 -5.54
N TRP F 150 -37.36 -38.69 -4.66
CA TRP F 150 -37.80 -39.12 -3.34
C TRP F 150 -39.17 -38.52 -3.07
N LYS F 151 -40.16 -39.39 -2.84
CA LYS F 151 -41.52 -38.95 -2.48
C LYS F 151 -41.87 -39.55 -1.13
N ALA F 152 -42.03 -38.68 -0.12
CA ALA F 152 -42.63 -39.12 1.13
C ALA F 152 -44.15 -39.14 0.93
N ASP F 153 -44.74 -40.33 1.04
CA ASP F 153 -46.10 -40.53 0.56
C ASP F 153 -46.20 -40.02 -0.88
N SER F 154 -47.02 -39.00 -1.09
CA SER F 154 -47.11 -38.31 -2.38
C SER F 154 -46.26 -37.05 -2.41
N SER F 155 -46.57 -36.09 -1.53
CA SER F 155 -45.90 -34.80 -1.51
C SER F 155 -44.39 -34.98 -1.42
N PRO F 156 -43.62 -34.29 -2.27
CA PRO F 156 -42.17 -34.50 -2.27
C PRO F 156 -41.50 -33.82 -1.09
N VAL F 157 -40.40 -34.45 -0.63
CA VAL F 157 -39.53 -33.90 0.40
C VAL F 157 -38.10 -33.94 -0.15
N LYS F 158 -37.52 -32.76 -0.35
CA LYS F 158 -36.21 -32.64 -0.99
C LYS F 158 -35.06 -32.61 0.01
N ALA F 159 -35.32 -32.76 1.31
CA ALA F 159 -34.31 -32.61 2.33
C ALA F 159 -33.58 -33.92 2.59
N GLY F 160 -32.24 -33.86 2.64
CA GLY F 160 -31.44 -34.98 3.08
C GLY F 160 -30.99 -35.94 2.00
N VAL F 161 -30.92 -35.51 0.74
CA VAL F 161 -30.58 -36.41 -0.35
C VAL F 161 -29.08 -36.35 -0.61
N GLU F 162 -28.50 -37.50 -0.92
CA GLU F 162 -27.09 -37.64 -1.25
C GLU F 162 -26.93 -38.71 -2.31
N THR F 163 -26.07 -38.47 -3.29
CA THR F 163 -25.91 -39.38 -4.42
C THR F 163 -24.44 -39.46 -4.83
N THR F 164 -24.04 -40.66 -5.27
CA THR F 164 -22.69 -40.93 -5.75
C THR F 164 -22.58 -40.63 -7.24
N THR F 165 -21.50 -41.08 -7.86
CA THR F 165 -21.27 -40.97 -9.29
C THR F 165 -21.21 -42.36 -9.90
N PRO F 166 -21.76 -42.56 -11.09
CA PRO F 166 -21.81 -43.92 -11.66
C PRO F 166 -20.43 -44.51 -11.88
N SER F 167 -20.36 -45.83 -11.82
CA SER F 167 -19.12 -46.58 -12.02
C SER F 167 -19.41 -47.76 -12.94
N LYS F 168 -18.73 -47.80 -14.08
CA LYS F 168 -18.92 -48.90 -15.02
C LYS F 168 -18.43 -50.20 -14.41
N GLN F 169 -19.29 -51.21 -14.37
CA GLN F 169 -19.00 -52.46 -13.71
C GLN F 169 -18.42 -53.47 -14.71
N SER F 170 -18.28 -54.72 -14.27
CA SER F 170 -17.61 -55.73 -15.08
C SER F 170 -18.45 -56.19 -16.26
N ASN F 171 -19.75 -55.90 -16.27
CA ASN F 171 -20.68 -56.39 -17.28
C ASN F 171 -20.86 -55.42 -18.44
N ASN F 172 -20.08 -54.33 -18.49
CA ASN F 172 -20.17 -53.19 -19.39
C ASN F 172 -21.23 -52.19 -18.92
N LYS F 173 -21.99 -52.50 -17.87
CA LYS F 173 -23.01 -51.62 -17.34
C LYS F 173 -22.47 -50.88 -16.12
N TYR F 174 -23.31 -50.03 -15.54
CA TYR F 174 -22.89 -49.11 -14.49
C TYR F 174 -23.66 -49.40 -13.20
N ALA F 175 -23.31 -48.66 -12.15
CA ALA F 175 -23.97 -48.79 -10.87
C ALA F 175 -23.77 -47.50 -10.07
N ALA F 176 -24.64 -47.30 -9.09
CA ALA F 176 -24.57 -46.13 -8.20
C ALA F 176 -25.45 -46.40 -6.99
N SER F 177 -25.54 -45.41 -6.11
CA SER F 177 -26.37 -45.52 -4.91
C SER F 177 -26.83 -44.14 -4.48
N SER F 178 -27.64 -44.10 -3.43
CA SER F 178 -28.17 -42.85 -2.89
C SER F 178 -28.49 -43.05 -1.42
N TYR F 179 -28.55 -41.94 -0.68
CA TYR F 179 -28.71 -41.98 0.76
C TYR F 179 -29.61 -40.84 1.21
N LEU F 180 -30.44 -41.10 2.22
CA LEU F 180 -31.40 -40.13 2.73
C LEU F 180 -31.35 -40.10 4.25
N SER F 181 -31.12 -38.93 4.82
CA SER F 181 -31.02 -38.76 6.26
C SER F 181 -32.32 -38.18 6.81
N LEU F 182 -32.85 -38.78 7.86
CA LEU F 182 -34.09 -38.36 8.51
C LEU F 182 -33.93 -38.53 10.01
N THR F 183 -35.04 -38.34 10.73
CA THR F 183 -35.08 -38.57 12.17
C THR F 183 -35.99 -39.74 12.50
N PRO F 184 -35.74 -40.45 13.59
CA PRO F 184 -36.68 -41.51 14.01
C PRO F 184 -38.09 -41.00 14.21
N GLU F 185 -38.26 -39.74 14.57
CA GLU F 185 -39.59 -39.14 14.60
C GLU F 185 -40.17 -39.06 13.19
N GLN F 186 -39.39 -38.53 12.24
CA GLN F 186 -39.84 -38.48 10.85
C GLN F 186 -39.94 -39.85 10.22
N TRP F 187 -39.21 -40.84 10.74
CA TRP F 187 -39.28 -42.18 10.16
C TRP F 187 -40.53 -42.92 10.59
N LYS F 188 -40.91 -42.81 11.86
CA LYS F 188 -42.07 -43.53 12.39
C LYS F 188 -43.37 -42.75 12.25
N SER F 189 -43.31 -41.47 11.87
CA SER F 189 -44.53 -40.69 11.65
C SER F 189 -45.15 -40.97 10.28
N HIS F 190 -44.31 -41.03 9.25
CA HIS F 190 -44.81 -41.19 7.88
C HIS F 190 -45.32 -42.60 7.63
N ARG F 191 -46.17 -42.73 6.60
CA ARG F 191 -46.69 -44.04 6.23
C ARG F 191 -45.67 -44.84 5.44
N SER F 192 -44.88 -44.21 4.58
CA SER F 192 -43.91 -44.92 3.76
C SER F 192 -42.94 -43.91 3.14
N TYR F 193 -41.97 -44.44 2.40
CA TYR F 193 -41.00 -43.66 1.64
C TYR F 193 -40.68 -44.43 0.36
N SER F 194 -40.41 -43.70 -0.72
CA SER F 194 -40.33 -44.29 -2.05
C SER F 194 -39.06 -43.88 -2.78
N CYS F 195 -38.70 -44.70 -3.77
CA CYS F 195 -37.58 -44.43 -4.68
C CYS F 195 -38.07 -44.73 -6.09
N GLN F 196 -38.08 -43.71 -6.96
CA GLN F 196 -38.71 -43.81 -8.27
C GLN F 196 -37.69 -43.62 -9.38
N VAL F 197 -37.94 -44.28 -10.52
CA VAL F 197 -37.02 -44.31 -11.66
C VAL F 197 -37.81 -44.20 -12.95
N THR F 198 -37.26 -43.49 -13.94
CA THR F 198 -37.88 -43.36 -15.25
C THR F 198 -36.79 -43.37 -16.33
N HIS F 199 -37.03 -44.11 -17.41
CA HIS F 199 -36.08 -44.21 -18.51
C HIS F 199 -36.81 -44.12 -19.84
N GLU F 200 -36.42 -43.12 -20.65
CA GLU F 200 -36.86 -42.99 -22.05
C GLU F 200 -38.38 -43.13 -22.18
N GLY F 201 -39.11 -42.55 -21.23
CA GLY F 201 -40.55 -42.64 -21.24
C GLY F 201 -41.13 -43.89 -20.62
N SER F 202 -40.40 -44.56 -19.73
CA SER F 202 -40.89 -45.72 -19.02
C SER F 202 -40.46 -45.62 -17.57
N THR F 203 -41.39 -45.86 -16.65
CA THR F 203 -41.21 -45.53 -15.24
C THR F 203 -41.13 -46.78 -14.37
N VAL F 204 -40.24 -46.74 -13.37
CA VAL F 204 -40.12 -47.79 -12.37
C VAL F 204 -40.18 -47.12 -10.99
N GLU F 205 -40.60 -47.88 -9.99
CA GLU F 205 -40.75 -47.32 -8.65
C GLU F 205 -40.63 -48.42 -7.61
N LYS F 206 -40.27 -48.01 -6.38
CA LYS F 206 -40.16 -48.90 -5.22
C LYS F 206 -40.66 -48.15 -3.99
N THR F 207 -40.58 -48.80 -2.84
CA THR F 207 -41.08 -48.25 -1.56
C THR F 207 -40.75 -49.25 -0.46
N VAL F 208 -40.69 -48.74 0.77
CA VAL F 208 -40.56 -49.52 2.00
C VAL F 208 -41.38 -48.83 3.09
N ALA F 209 -41.32 -49.37 4.31
CA ALA F 209 -42.03 -48.79 5.43
C ALA F 209 -41.34 -49.22 6.71
N PRO F 210 -41.77 -48.69 7.87
CA PRO F 210 -41.25 -49.21 9.13
C PRO F 210 -41.88 -50.54 9.52
N THR F 211 -41.06 -51.38 10.15
CA THR F 211 -41.47 -52.70 10.65
C THR F 211 -42.22 -53.51 9.59
C1 NAG G . 7.43 -14.21 -72.27
C2 NAG G . 8.31 -14.93 -73.28
C3 NAG G . 7.82 -16.36 -73.46
C4 NAG G . 7.81 -17.06 -72.12
C5 NAG G . 6.96 -16.27 -71.13
C6 NAG G . 6.96 -16.93 -69.75
C7 NAG G . 9.25 -13.31 -74.83
C8 NAG G . 9.13 -12.65 -76.17
N2 NAG G . 8.32 -14.22 -74.55
O3 NAG G . 8.70 -17.06 -74.36
O4 NAG G . 7.26 -18.37 -72.27
O5 NAG G . 7.47 -14.93 -71.03
O6 NAG G . 8.29 -17.17 -69.29
O7 NAG G . 10.14 -13.03 -74.03
C1 FUC G . 8.22 -18.06 -68.16
C2 FUC G . 9.64 -18.65 -67.89
C3 FUC G . 10.60 -17.58 -67.35
C4 FUC G . 9.99 -16.91 -66.12
C5 FUC G . 8.59 -16.36 -66.45
C6 FUC G . 7.87 -15.81 -65.24
O2 FUC G . 10.19 -19.30 -69.04
O3 FUC G . 11.83 -18.18 -66.95
O4 FUC G . 9.90 -17.84 -65.04
O5 FUC G . 7.73 -17.38 -67.01
C1 NAG H . 3.85 -13.00 -61.07
C2 NAG H . 4.46 -13.78 -59.91
C3 NAG H . 3.46 -14.76 -59.33
C4 NAG H . 2.21 -13.99 -58.90
C5 NAG H . 1.72 -13.16 -60.09
C6 NAG H . 0.37 -12.50 -59.87
C7 NAG H . 6.88 -13.91 -60.09
C8 NAG H . 8.06 -14.66 -60.64
N2 NAG H . 5.68 -14.43 -60.37
O3 NAG H . 4.13 -15.38 -58.22
O4 NAG H . 1.09 -14.82 -58.57
O5 NAG H . 2.72 -12.25 -60.59
O6 NAG H . 0.47 -11.40 -58.96
O7 NAG H . 7.01 -12.90 -59.41
C1 NAG H . 1.26 -15.82 -57.55
C2 NAG H . 0.95 -15.26 -56.16
C3 NAG H . 0.93 -16.35 -55.10
C4 NAG H . -0.02 -17.47 -55.52
C5 NAG H . 0.40 -17.98 -56.89
C6 NAG H . -0.54 -19.08 -57.38
C7 NAG H . 3.21 -14.40 -55.55
C8 NAG H . 3.96 -13.17 -55.11
N2 NAG H . 1.90 -14.22 -55.74
O3 NAG H . 0.51 -15.77 -53.86
O4 NAG H . 0.05 -18.56 -54.59
O5 NAG H . 0.37 -16.90 -57.84
O6 NAG H . -0.10 -19.55 -58.66
O7 NAG H . 3.80 -15.46 -55.73
C1 BMA H . -1.00 -18.45 -53.62
C2 BMA H . -2.17 -19.34 -54.00
C3 BMA H . -3.28 -19.22 -52.97
C4 BMA H . -2.72 -19.47 -51.57
C5 BMA H . -1.52 -18.56 -51.32
C6 BMA H . -0.93 -18.81 -49.95
O2 BMA H . -1.72 -20.70 -54.06
O3 BMA H . -4.31 -20.17 -53.25
O4 BMA H . -3.73 -19.20 -50.60
O5 BMA H . -0.53 -18.84 -52.32
O6 BMA H . -0.52 -20.18 -49.86
C1 FUC H . -0.87 -10.85 -58.78
C2 FUC H . -1.31 -11.14 -57.33
C3 FUC H . -0.43 -10.39 -56.35
C4 FUC H . -0.45 -8.88 -56.66
C5 FUC H . -0.08 -8.64 -58.14
C6 FUC H . -0.31 -7.20 -58.57
O2 FUC H . -1.33 -12.54 -57.04
O3 FUC H . -0.91 -10.56 -55.02
O4 FUC H . -1.74 -8.35 -56.39
O5 FUC H . -0.87 -9.46 -59.03
C1 NAG I . -2.13 13.26 -57.53
C2 NAG I . -1.58 14.58 -58.07
C3 NAG I . -2.73 15.38 -58.66
C4 NAG I . -3.42 14.56 -59.76
C5 NAG I . -3.84 13.19 -59.20
C6 NAG I . -4.38 12.34 -60.33
C7 NAG I . 0.05 16.24 -57.39
C8 NAG I . 0.70 16.99 -56.27
N2 NAG I . -0.88 15.35 -57.05
O3 NAG I . -2.24 16.61 -59.20
O4 NAG I . -4.61 15.23 -60.16
O5 NAG I . -2.70 12.55 -58.63
O6 NAG I . -4.14 10.94 -60.08
O7 NAG I . 0.35 16.44 -58.55
C1 NAG I . -4.39 15.98 -61.37
C2 NAG I . -5.70 16.07 -62.15
C3 NAG I . -5.51 16.91 -63.40
C4 NAG I . -4.96 18.28 -63.01
C5 NAG I . -3.68 18.12 -62.21
C6 NAG I . -3.11 19.46 -61.76
C7 NAG I . -7.09 14.10 -61.83
C8 NAG I . -7.45 12.73 -62.32
N2 NAG I . -6.15 14.74 -62.52
O3 NAG I . -6.76 17.07 -64.07
O4 NAG I . -4.70 19.05 -64.19
O5 NAG I . -3.93 17.31 -61.06
O6 NAG I . -3.70 19.83 -60.51
O7 NAG I . -7.62 14.59 -60.85
C1 FUC I . -5.08 10.17 -60.87
C2 FUC I . -4.34 9.58 -62.10
C3 FUC I . -3.35 8.50 -61.68
C4 FUC I . -4.07 7.41 -60.87
C5 FUC I . -4.79 8.06 -59.67
C6 FUC I . -5.67 7.07 -58.92
O2 FUC I . -3.69 10.58 -62.89
O3 FUC I . -2.78 7.86 -62.83
O4 FUC I . -5.00 6.73 -61.69
O5 FUC I . -5.67 9.14 -60.09
C1 NAG J . 8.01 -1.65 15.05
C2 NAG J . 7.01 -2.01 13.94
C3 NAG J . 5.91 -2.81 14.63
C4 NAG J . 6.46 -4.06 15.33
C5 NAG J . 7.67 -3.66 16.19
C6 NAG J . 8.40 -4.91 16.68
C7 NAG J . 6.46 -0.90 11.90
C8 NAG J . 5.96 0.33 11.22
N2 NAG J . 6.53 -0.85 13.23
O3 NAG J . 4.93 -3.20 13.67
O4 NAG J . 5.47 -4.44 16.31
O5 NAG J . 8.62 -2.87 15.48
O6 NAG J . 7.46 -5.89 17.13
O7 NAG J . 6.80 -1.89 11.27
C1 NAG J . 4.52 -5.47 15.93
C2 NAG J . 4.15 -6.24 17.20
C3 NAG J . 3.12 -7.33 16.91
C4 NAG J . 1.89 -6.69 16.27
C5 NAG J . 2.34 -5.93 15.02
C6 NAG J . 1.14 -5.25 14.36
C7 NAG J . 5.36 -7.04 19.15
C8 NAG J . 6.63 -7.63 19.68
N2 NAG J . 5.33 -6.82 17.83
O3 NAG J . 2.73 -7.99 18.12
O4 NAG J . 0.97 -7.74 15.92
O5 NAG J . 3.32 -4.94 15.35
O6 NAG J . 1.33 -5.21 12.94
O7 NAG J . 4.42 -6.75 19.87
C1 BMA J . -0.28 -7.59 16.62
C2 BMA J . -1.42 -7.86 15.65
C3 BMA J . -2.77 -7.69 16.34
C4 BMA J . -2.81 -8.54 17.60
C5 BMA J . -1.59 -8.23 18.47
C6 BMA J . -1.61 -9.07 19.74
O2 BMA J . -1.32 -9.21 15.17
O3 BMA J . -3.82 -8.09 15.47
O4 BMA J . -4.01 -8.29 18.33
O5 BMA J . -0.41 -8.49 17.73
O6 BMA J . -1.67 -10.45 19.38
C1 NAG K . 20.13 7.09 14.18
C2 NAG K . 19.54 8.33 14.86
C3 NAG K . 20.64 9.35 15.14
C4 NAG K . 21.73 8.73 16.00
C5 NAG K . 22.22 7.46 15.29
C6 NAG K . 23.31 6.76 16.09
C7 NAG K . 17.23 8.54 14.14
C8 NAG K . 16.26 9.21 13.22
N2 NAG K . 18.50 8.91 14.02
O3 NAG K . 20.07 10.47 15.82
O4 NAG K . 22.82 9.67 16.09
O5 NAG K . 21.13 6.55 15.05
O6 NAG K . 22.90 6.59 17.45
O7 NAG K . 16.88 7.68 14.93
C1 NAG K . 23.09 10.09 17.46
C2 NAG K . 24.59 10.32 17.62
C3 NAG K . 24.92 10.73 19.05
C4 NAG K . 24.14 12.00 19.40
C5 NAG K . 22.65 11.71 19.16
C6 NAG K . 21.82 12.94 19.49
C7 NAG K . 25.93 9.08 16.02
C8 NAG K . 26.71 7.83 15.74
N2 NAG K . 25.37 9.16 17.23
O3 NAG K . 26.33 10.95 19.16
O4 NAG K . 24.30 12.37 20.78
O5 NAG K . 22.42 11.30 17.81
O6 NAG K . 22.11 13.37 20.83
O7 NAG K . 25.81 9.97 15.20
C1 BMA K . 25.38 13.31 20.98
C2 BMA K . 25.02 14.31 22.08
C3 BMA K . 26.16 15.28 22.38
C4 BMA K . 27.45 14.47 22.57
C5 BMA K . 27.67 13.49 21.43
C6 BMA K . 28.86 12.61 21.78
O2 BMA K . 24.69 13.59 23.27
O3 BMA K . 25.83 15.88 23.65
O4 BMA K . 28.58 15.34 22.67
O5 BMA K . 26.55 12.62 21.36
O6 BMA K . 28.90 12.51 23.21
C1 MAN K . 26.32 17.21 23.84
C2 MAN K . 27.11 17.29 25.14
C3 MAN K . 26.10 16.80 26.18
C4 MAN K . 24.91 17.74 26.24
C5 MAN K . 24.25 17.81 24.86
C6 MAN K . 23.21 18.93 24.81
O2 MAN K . 27.40 18.69 25.37
O3 MAN K . 26.69 16.59 27.46
O4 MAN K . 24.09 17.40 27.37
O5 MAN K . 25.27 18.18 23.92
O6 MAN K . 22.58 18.95 23.54
C1 NAG K . 23.05 16.43 27.12
C2 NAG K . 23.29 15.15 27.91
C3 NAG K . 22.12 14.19 27.79
C4 NAG K . 20.84 14.93 28.17
C5 NAG K . 20.70 16.18 27.31
C6 NAG K . 19.41 16.95 27.63
C7 NAG K . 25.45 13.97 28.01
C8 NAG K . 26.45 13.38 27.08
N2 NAG K . 24.43 14.49 27.34
O3 NAG K . 22.34 13.10 28.70
O4 NAG K . 19.72 14.07 27.96
O5 NAG K . 21.83 17.02 27.51
O6 NAG K . 19.30 18.10 26.78
O7 NAG K . 25.54 13.98 29.24
C1 GAL K . 19.23 13.61 29.24
C2 GAL K . 17.72 13.42 29.14
C3 GAL K . 17.17 12.94 30.47
C4 GAL K . 17.94 11.70 30.93
C5 GAL K . 19.43 12.00 30.93
C6 GAL K . 20.23 10.79 31.39
O2 GAL K . 17.11 14.67 28.80
O3 GAL K . 15.78 12.61 30.34
O4 GAL K . 17.68 10.63 30.02
O5 GAL K . 19.81 12.37 29.61
O6 GAL K . 21.63 11.12 31.43
C1 NAG K . 28.25 19.06 26.50
C2 NAG K . 27.91 20.51 26.84
C3 NAG K . 28.72 21.02 28.02
C4 NAG K . 28.50 20.09 29.20
C5 NAG K . 28.88 18.67 28.81
C6 NAG K . 28.58 17.72 29.97
C7 NAG K . 27.13 21.68 24.86
C8 NAG K . 27.49 22.58 23.72
N2 NAG K . 28.12 21.37 25.69
O3 NAG K . 28.29 22.33 28.37
O4 NAG K . 29.29 20.51 30.32
O5 NAG K . 28.10 18.26 27.68
O6 NAG K . 29.09 16.41 29.68
O7 NAG K . 25.99 21.26 25.01
C1 MAN K . 29.68 11.39 23.65
C2 MAN K . 29.54 11.23 25.17
C3 MAN K . 30.11 12.48 25.84
C4 MAN K . 31.53 12.79 25.36
C5 MAN K . 31.56 12.82 23.84
C6 MAN K . 32.96 13.01 23.25
O2 MAN K . 30.01 9.90 25.52
O3 MAN K . 29.94 12.59 27.26
O4 MAN K . 31.94 14.03 25.94
O5 MAN K . 31.07 11.55 23.35
O6 MAN K . 32.90 13.00 21.82
C1 NAG K . 30.87 9.73 26.67
C2 NAG K . 30.03 9.28 27.87
C3 NAG K . 30.90 8.80 29.02
C4 NAG K . 31.89 7.75 28.54
C5 NAG K . 32.72 8.34 27.39
C6 NAG K . 33.67 7.29 26.81
C7 NAG K . 28.09 10.10 29.04
C8 NAG K . 27.37 11.25 29.68
N2 NAG K . 29.29 10.36 28.49
O3 NAG K . 30.06 8.30 30.06
O4 NAG K . 32.76 7.32 29.59
O5 NAG K . 31.85 8.74 26.33
O6 NAG K . 32.95 6.47 25.89
O7 NAG K . 27.61 8.98 29.01
C1 GAL K . 32.21 6.13 30.19
C2 GAL K . 33.33 5.11 30.40
C3 GAL K . 32.74 3.86 31.03
C4 GAL K . 31.97 4.22 32.30
C5 GAL K . 30.93 5.28 31.97
C6 GAL K . 30.14 5.67 33.21
O2 GAL K . 33.90 4.79 29.13
O3 GAL K . 33.81 2.96 31.37
O4 GAL K . 32.87 4.73 33.27
O5 GAL K . 31.62 6.43 31.46
O6 GAL K . 29.28 6.77 32.91
C1 NAG K . 33.23 13.77 26.56
C2 NAG K . 34.06 15.06 26.54
C3 NAG K . 35.45 14.72 27.08
C4 NAG K . 35.35 14.06 28.45
C5 NAG K . 34.37 12.89 28.41
C6 NAG K . 34.17 12.24 29.78
C7 NAG K . 33.16 16.38 24.70
C8 NAG K . 33.38 16.87 23.30
N2 NAG K . 34.12 15.61 25.20
O3 NAG K . 36.21 15.93 27.16
O4 NAG K . 36.63 13.46 28.72
O5 NAG K . 33.11 13.32 27.91
O6 NAG K . 34.71 10.92 29.75
O7 NAG K . 32.16 16.67 25.33
C1 GAL K . 37.46 14.29 29.54
C2 GAL K . 37.76 13.54 30.84
C3 GAL K . 38.68 14.37 31.73
C4 GAL K . 39.92 14.77 30.94
C5 GAL K . 39.49 15.48 29.65
C6 GAL K . 40.71 15.90 28.84
O2 GAL K . 36.54 13.31 31.56
O3 GAL K . 39.08 13.58 32.86
O4 GAL K . 40.67 13.60 30.60
O5 GAL K . 38.69 14.58 28.89
O6 GAL K . 40.30 16.67 27.70
C1 FUC K . 24.06 6.17 18.21
C2 FUC K . 23.67 6.13 19.71
C3 FUC K . 22.67 5.01 20.00
C4 FUC K . 23.22 3.67 19.50
C5 FUC K . 23.61 3.77 18.02
C6 FUC K . 24.31 2.53 17.50
O2 FUC K . 23.18 7.39 20.16
O3 FUC K . 22.45 4.91 21.40
O4 FUC K . 24.36 3.30 20.28
O5 FUC K . 24.50 4.89 17.78
C1 NAG L . 29.64 -5.55 14.75
C2 NAG L . 28.31 -6.04 15.29
C3 NAG L . 28.36 -6.12 16.83
C4 NAG L . 29.48 -7.03 17.31
C5 NAG L . 30.79 -6.53 16.66
C6 NAG L . 31.94 -7.51 16.90
C7 NAG L . 26.42 -5.45 13.86
C8 NAG L . 26.62 -6.76 13.16
N2 NAG L . 27.24 -5.16 14.86
O3 NAG L . 27.10 -6.58 17.33
O4 NAG L . 29.55 -6.95 18.76
O5 NAG L . 30.63 -6.45 15.24
O6 NAG L . 33.04 -7.19 16.03
O7 NAG L . 25.53 -4.68 13.51
C1 NAG L . 29.65 -8.24 19.44
C2 NAG L . 29.94 -8.03 20.94
C3 NAG L . 30.09 -9.36 21.69
C4 NAG L . 28.84 -10.22 21.50
C5 NAG L . 28.57 -10.31 19.99
C6 NAG L . 27.31 -11.12 19.71
C7 NAG L . 32.36 -7.13 20.99
C8 NAG L . 32.99 -8.31 20.30
N2 NAG L . 31.04 -7.09 21.23
O3 NAG L . 30.28 -9.07 23.08
O4 NAG L . 29.13 -11.55 21.96
O5 NAG L . 28.46 -9.02 19.37
O6 NAG L . 27.43 -12.43 20.28
O7 NAG L . 33.06 -6.20 21.34
C1 BMA L . 28.74 -11.83 23.33
C2 BMA L . 27.91 -13.13 23.37
C3 BMA L . 27.49 -13.53 24.79
C4 BMA L . 28.73 -13.52 25.68
C5 BMA L . 29.47 -12.21 25.54
C6 BMA L . 30.65 -12.21 26.49
O2 BMA L . 28.66 -14.19 22.78
O3 BMA L . 27.08 -14.90 24.74
O4 BMA L . 28.35 -13.68 27.05
O5 BMA L . 29.87 -12.01 24.18
O6 BMA L . 30.37 -11.16 27.43
C1 MAN L . 25.95 -15.17 25.58
C2 MAN L . 26.25 -16.37 26.47
C3 MAN L . 26.57 -17.58 25.58
C4 MAN L . 25.44 -17.78 24.56
C5 MAN L . 25.20 -16.47 23.82
C6 MAN L . 24.14 -16.60 22.73
O2 MAN L . 25.14 -16.68 27.32
O3 MAN L . 26.71 -18.75 26.38
O4 MAN L . 25.85 -18.78 23.62
O5 MAN L . 24.82 -15.47 24.76
O6 MAN L . 24.15 -15.40 21.93
C1 NAG L . 25.64 -16.80 28.68
C2 NAG L . 24.59 -16.28 29.66
C3 NAG L . 25.17 -16.32 31.07
C4 NAG L . 25.66 -17.72 31.41
C5 NAG L . 26.57 -18.24 30.31
C6 NAG L . 26.93 -19.70 30.59
C7 NAG L . 23.13 -14.71 28.52
C8 NAG L . 22.83 -13.27 28.25
N2 NAG L . 24.17 -14.94 29.32
O3 NAG L . 24.15 -15.92 32.00
O4 NAG L . 26.52 -17.57 32.56
O5 NAG L . 25.93 -18.16 29.04
O6 NAG L . 27.90 -20.14 29.63
O7 NAG L . 22.49 -15.61 28.03
C1 GAL L . 25.89 -17.99 33.79
C2 GAL L . 26.94 -18.67 34.65
C3 GAL L . 26.35 -19.12 35.98
C4 GAL L . 25.66 -17.93 36.65
C5 GAL L . 24.65 -17.32 35.68
C6 GAL L . 23.95 -16.11 36.32
O2 GAL L . 27.50 -19.79 33.95
O3 GAL L . 27.40 -19.59 36.84
O4 GAL L . 26.63 -16.95 37.02
O5 GAL L . 25.35 -16.89 34.52
O6 GAL L . 23.02 -15.56 35.39
C1 MAN L . 31.53 -10.63 28.12
C2 MAN L . 31.05 -9.32 28.74
C3 MAN L . 30.68 -8.35 27.62
C4 MAN L . 31.90 -8.09 26.76
C5 MAN L . 32.41 -9.42 26.22
C6 MAN L . 33.68 -9.25 25.40
O2 MAN L . 32.16 -8.77 29.46
O3 MAN L . 30.15 -7.14 28.16
O4 MAN L . 31.52 -7.26 25.65
O5 MAN L . 32.68 -10.30 27.31
O6 MAN L . 34.80 -9.67 26.19
C1 NAG L . 31.71 -8.25 30.73
C2 NAG L . 32.89 -7.50 31.35
C3 NAG L . 32.47 -6.94 32.71
C4 NAG L . 31.23 -6.08 32.55
C5 NAG L . 30.13 -6.88 31.86
C6 NAG L . 28.88 -6.02 31.63
C7 NAG L . 35.07 -8.41 30.65
C8 NAG L . 35.04 -7.41 29.53
N2 NAG L . 34.02 -8.40 31.49
O3 NAG L . 33.55 -6.15 33.23
O4 NAG L . 30.77 -5.68 33.84
O5 NAG L . 30.60 -7.37 30.60
O6 NAG L . 29.16 -5.05 30.62
O7 NAG L . 36.00 -9.18 30.80
C1 GAL L . 31.03 -4.28 34.05
C2 GAL L . 29.85 -3.66 34.79
C3 GAL L . 30.08 -2.18 35.03
C4 GAL L . 31.43 -1.99 35.74
C5 GAL L . 32.52 -2.69 34.94
C6 GAL L . 33.88 -2.50 35.61
O2 GAL L . 28.66 -3.83 34.01
O3 GAL L . 29.04 -1.66 35.86
O4 GAL L . 31.37 -2.57 37.05
O5 GAL L . 32.21 -4.07 34.84
O6 GAL L . 34.91 -3.01 34.75
C1 FUC L . 33.12 -8.15 14.95
C2 FUC L . 33.40 -7.36 13.64
C3 FUC L . 34.78 -6.72 13.70
C4 FUC L . 35.83 -7.81 13.90
C5 FUC L . 35.50 -8.64 15.17
C6 FUC L . 36.38 -9.88 15.31
O2 FUC L . 32.40 -6.39 13.36
O3 FUC L . 35.07 -6.06 12.47
O4 FUC L . 35.89 -8.65 12.78
O5 FUC L . 34.13 -9.12 15.18
C1 NAG M . 15.07 -14.65 -1.90
C2 NAG M . 14.72 -15.23 -0.56
C3 NAG M . 13.31 -15.73 -0.66
C4 NAG M . 12.29 -14.68 -1.11
C5 NAG M . 12.90 -13.91 -2.29
C6 NAG M . 12.04 -12.70 -2.62
C7 NAG M . 16.09 -16.50 1.00
C8 NAG M . 17.06 -17.63 1.16
N2 NAG M . 15.67 -16.29 -0.24
O3 NAG M . 13.09 -15.90 0.72
O4 NAG M . 11.36 -15.51 -1.84
O5 NAG M . 14.26 -13.48 -2.05
O6 NAG M . 12.48 -11.62 -1.79
O7 NAG M . 15.71 -15.83 1.95
C1 NAG M . 10.04 -15.98 -1.35
C2 NAG M . 9.91 -16.29 0.15
C3 NAG M . 8.52 -16.89 0.31
C4 NAG M . 7.34 -16.11 -0.28
C5 NAG M . 7.74 -15.62 -1.68
C6 NAG M . 6.73 -14.64 -2.26
C7 NAG M . 11.10 -17.49 1.90
C8 NAG M . 12.04 -18.61 2.23
N2 NAG M . 10.81 -17.32 0.61
O3 NAG M . 8.29 -17.05 1.70
O4 NAG M . 6.42 -17.18 -0.60
O5 NAG M . 9.03 -15.00 -1.66
O6 NAG M . 7.26 -13.32 -2.17
O7 NAG M . 10.64 -16.76 2.77
C1 BMA M . 5.16 -17.43 0.12
C2 BMA M . 5.37 -17.81 1.61
C3 BMA M . 4.04 -18.25 2.24
C4 BMA M . 3.01 -17.15 1.98
C5 BMA M . 2.97 -16.75 0.51
C6 BMA M . 1.96 -15.64 0.30
O2 BMA M . 5.86 -16.70 2.36
O3 BMA M . 4.21 -18.27 3.67
O4 BMA M . 1.72 -17.64 2.37
O5 BMA M . 4.28 -16.30 0.13
O6 BMA M . 2.61 -14.55 -0.35
C1 MAN M . 4.11 -19.57 4.26
C2 MAN M . 2.88 -19.66 5.14
C3 MAN M . 2.98 -18.47 6.10
C4 MAN M . 4.27 -18.57 6.91
C5 MAN M . 5.45 -18.68 5.94
C6 MAN M . 6.75 -18.89 6.71
O2 MAN M . 3.08 -20.82 5.97
O3 MAN M . 1.85 -18.43 6.97
O4 MAN M . 4.42 -17.39 7.69
O5 MAN M . 5.23 -19.80 5.09
O6 MAN M . 7.27 -20.19 6.40
C1 NAG M . 1.88 -21.57 6.30
C2 NAG M . 2.27 -22.56 7.39
C3 NAG M . 1.09 -23.45 7.74
C4 NAG M . -0.10 -22.59 8.18
C5 NAG M . -0.38 -21.56 7.09
C6 NAG M . -1.50 -20.63 7.50
C7 NAG M . 4.64 -23.14 7.49
C8 NAG M . 4.78 -22.04 8.51
N2 NAG M . 3.42 -23.35 6.99
O3 NAG M . 1.46 -24.33 8.81
O4 NAG M . -1.24 -23.45 8.32
O5 NAG M . 0.79 -20.78 6.80
O6 NAG M . -1.08 -19.83 8.62
O7 NAG M . 5.60 -23.81 7.14
C1 GAL M . -1.60 -23.68 9.69
C2 GAL M . -3.11 -23.57 9.83
C3 GAL M . -3.55 -23.81 11.27
C4 GAL M . -2.99 -25.14 11.75
C5 GAL M . -1.48 -25.17 11.54
C6 GAL M . -0.94 -26.53 11.99
O2 GAL M . -3.56 -22.28 9.40
O3 GAL M . -4.98 -23.85 11.33
O4 GAL M . -3.61 -26.21 11.05
O5 GAL M . -1.21 -24.99 10.14
O6 GAL M . 0.36 -26.40 12.58
C1 SIA M . -0.12 -28.32 14.40
C2 SIA M . 0.69 -27.50 13.31
C3 SIA M . 2.09 -27.05 13.76
C4 SIA M . 3.06 -28.21 13.97
C5 SIA M . 3.14 -29.08 12.72
C6 SIA M . 1.75 -29.44 12.14
C7 SIA M . 1.86 -29.87 10.65
C8 SIA M . 0.47 -30.26 10.08
C9 SIA M . 0.62 -31.16 8.86
C10 SIA M . 5.15 -30.61 12.71
C11 SIA M . 5.64 -31.99 13.16
N5 SIA M . 3.85 -30.33 13.02
O1A SIA M . -0.94 -29.15 13.90
O1B SIA M . 0.09 -28.06 15.61
O4 SIA M . 4.39 -27.76 14.27
O6 SIA M . 0.86 -28.33 12.11
O7 SIA M . 2.46 -28.82 9.90
O8 SIA M . -0.32 -30.85 11.09
O9 SIA M . -0.57 -31.10 8.08
O10 SIA M . 5.89 -29.84 12.11
C1 MAN M . 2.33 -13.32 0.35
C2 MAN M . 2.72 -12.16 -0.55
C3 MAN M . 4.21 -12.28 -0.86
C4 MAN M . 4.99 -12.26 0.45
C5 MAN M . 4.48 -13.36 1.35
C6 MAN M . 5.19 -13.33 2.70
O2 MAN M . 2.53 -10.97 0.25
O3 MAN M . 4.65 -11.23 -1.73
O4 MAN M . 6.38 -12.47 0.18
O5 MAN M . 3.07 -13.18 1.56
O6 MAN M . 4.61 -14.30 3.58
C1 NAG M . 2.03 -9.86 -0.52
C2 NAG M . 1.97 -8.66 0.41
C3 NAG M . 1.48 -7.43 -0.34
C4 NAG M . 2.37 -7.20 -1.56
C5 NAG M . 2.39 -8.45 -2.43
C6 NAG M . 3.28 -8.26 -3.64
C7 NAG M . 1.55 -9.25 2.76
C8 NAG M . 3.04 -9.29 2.95
N2 NAG M . 1.10 -8.94 1.54
O3 NAG M . 1.56 -6.29 0.53
O4 NAG M . 1.86 -6.10 -2.32
O5 NAG M . 2.86 -9.56 -1.64
O6 NAG M . 4.64 -8.08 -3.22
O7 NAG M . 0.79 -9.48 3.68
C1 NAG N . -8.08 1.52 -37.86
C2 NAG N . -8.99 0.31 -37.75
C3 NAG N . -9.25 -0.32 -39.11
C4 NAG N . -9.80 0.78 -40.00
C5 NAG N . -8.85 1.97 -40.09
C6 NAG N . -9.42 3.07 -40.97
C7 NAG N . -8.82 -0.70 -35.55
C8 NAG N . -8.18 -1.76 -34.70
N2 NAG N . -8.44 -0.66 -36.83
O3 NAG N . -10.20 -1.37 -38.93
O4 NAG N . -10.34 0.43 -41.30
O5 NAG N . -8.65 2.48 -38.76
O6 NAG N . -8.48 4.16 -41.04
O7 NAG N . -9.65 0.08 -35.10
C1 NAG N . -9.75 -0.73 -41.91
C2 NAG N . -10.89 -1.67 -42.30
C3 NAG N . -10.37 -2.89 -43.03
C4 NAG N . -9.54 -2.44 -44.22
C5 NAG N . -8.42 -1.52 -43.75
C6 NAG N . -7.61 -1.04 -44.95
C7 NAG N . -12.67 -1.35 -40.65
C8 NAG N . -13.35 -1.92 -39.44
N2 NAG N . -11.66 -2.07 -41.14
O3 NAG N . -11.48 -3.68 -43.49
O4 NAG N . -8.97 -3.59 -44.87
O5 NAG N . -8.99 -0.39 -43.07
O6 NAG N . -6.26 -1.49 -44.81
O7 NAG N . -13.01 -0.29 -41.15
C1 NAG O . 9.13 16.25 -17.37
C2 NAG O . 10.12 15.61 -16.40
C3 NAG O . 10.36 16.55 -15.21
C4 NAG O . 10.85 17.90 -15.73
C5 NAG O . 9.82 18.45 -16.72
C6 NAG O . 10.22 19.79 -17.30
C7 NAG O . 10.34 13.22 -16.08
C8 NAG O . 9.75 11.96 -15.54
N2 NAG O . 9.63 14.33 -15.90
O3 NAG O . 11.32 15.94 -14.34
O4 NAG O . 11.01 18.86 -14.65
O5 NAG O . 9.64 17.51 -17.78
O6 NAG O . 11.08 19.59 -18.42
O7 NAG O . 11.42 13.24 -16.67
C1 NAG O . 12.40 18.86 -14.26
C2 NAG O . 12.92 20.29 -14.07
C3 NAG O . 14.39 20.24 -13.64
C4 NAG O . 14.59 19.35 -12.42
C5 NAG O . 13.92 18.01 -12.66
C6 NAG O . 13.97 17.17 -11.40
C7 NAG O . 13.34 20.91 -16.44
C8 NAG O . 13.03 21.96 -17.47
N2 NAG O . 12.78 21.14 -15.24
O3 NAG O . 14.80 21.57 -13.34
O4 NAG O . 15.98 19.04 -12.35
O5 NAG O . 12.55 18.17 -13.02
O6 NAG O . 13.20 15.98 -11.62
O7 NAG O . 14.03 19.94 -16.69
C1 BMA O . 16.71 19.91 -11.47
C2 BMA O . 18.02 19.22 -11.10
C3 BMA O . 18.87 20.11 -10.19
C4 BMA O . 19.02 21.49 -10.82
C5 BMA O . 17.64 22.05 -11.19
C6 BMA O . 17.80 23.39 -11.90
O2 BMA O . 18.75 18.92 -12.29
O3 BMA O . 20.17 19.50 -10.10
O4 BMA O . 19.66 22.38 -9.91
O5 BMA O . 17.02 21.15 -12.09
O6 BMA O . 18.98 23.36 -12.72
C1 MAN O . 20.60 19.44 -8.73
C2 MAN O . 22.10 19.74 -8.69
C3 MAN O . 22.89 18.66 -9.41
C4 MAN O . 22.48 17.28 -8.88
C5 MAN O . 20.97 17.13 -8.95
C6 MAN O . 20.55 15.75 -8.43
O2 MAN O . 22.57 19.88 -7.33
O3 MAN O . 24.29 18.85 -9.18
O4 MAN O . 23.11 16.26 -9.66
O5 MAN O . 20.38 18.15 -8.14
O6 MAN O . 21.27 15.47 -7.22
C1 MAN O . 22.41 21.25 -6.91
C2 MAN O . 23.23 22.18 -7.82
C3 MAN O . 24.72 21.89 -7.69
C4 MAN O . 25.12 21.95 -6.22
C5 MAN O . 24.22 21.02 -5.41
C6 MAN O . 24.59 21.06 -3.93
O2 MAN O . 22.97 23.54 -7.48
O3 MAN O . 25.46 22.87 -8.44
O4 MAN O . 26.49 21.52 -6.09
O5 MAN O . 22.86 21.44 -5.57
O6 MAN O . 25.99 20.77 -3.79
C1 MAN O . 19.05 24.57 -13.49
C2 MAN O . 20.19 24.50 -14.50
C3 MAN O . 21.55 24.41 -13.80
C4 MAN O . 21.69 25.56 -12.81
C5 MAN O . 20.48 25.56 -11.87
C6 MAN O . 20.53 26.72 -10.90
O2 MAN O . 20.17 25.67 -15.34
O3 MAN O . 22.60 24.51 -14.77
O4 MAN O . 22.89 25.39 -12.05
O5 MAN O . 19.30 25.71 -12.65
O6 MAN O . 19.82 27.80 -11.53
C1 MAN O . 18.87 28.35 -10.60
C2 MAN O . 17.54 28.54 -11.32
C3 MAN O . 17.74 29.50 -12.50
C4 MAN O . 18.43 30.77 -12.02
C5 MAN O . 19.70 30.41 -11.24
C6 MAN O . 20.46 31.64 -10.76
O2 MAN O . 16.59 29.10 -10.41
O3 MAN O . 16.48 29.82 -13.08
O4 MAN O . 18.80 31.55 -13.17
O5 MAN O . 19.33 29.60 -10.12
O6 MAN O . 20.04 31.97 -9.43
C1 NAG P . -9.40 -8.16 -33.61
C2 NAG P . -10.09 -7.83 -34.94
C3 NAG P . -11.26 -8.80 -35.14
C4 NAG P . -10.79 -10.26 -35.03
C5 NAG P . -10.02 -10.45 -33.74
C6 NAG P . -9.37 -11.82 -33.63
C7 NAG P . -10.33 -5.63 -35.95
C8 NAG P . -10.90 -4.26 -35.81
N2 NAG P . -10.57 -6.46 -34.94
O3 NAG P . -11.76 -8.50 -36.45
O4 NAG P . -11.87 -11.20 -34.86
O5 NAG P . -8.95 -9.51 -33.67
O6 NAG P . -8.03 -11.64 -33.15
O7 NAG P . -9.68 -5.97 -36.92
C1 NAG P . -12.85 -11.19 -35.90
C2 NAG P . -12.84 -12.51 -36.68
C3 NAG P . -13.87 -12.40 -37.80
C4 NAG P . -15.24 -12.07 -37.25
C5 NAG P . -15.15 -10.84 -36.35
C6 NAG P . -16.48 -10.53 -35.68
C7 NAG P . -10.82 -13.85 -36.90
C8 NAG P . -9.49 -13.99 -37.56
N2 NAG P . -11.52 -12.77 -37.24
O3 NAG P . -13.91 -13.65 -38.50
O4 NAG P . -16.00 -11.58 -38.36
O5 NAG P . -14.16 -11.02 -35.34
O6 NAG P . -16.69 -11.44 -34.59
O7 NAG P . -11.24 -14.67 -36.10
C1 BMA P . -16.83 -12.53 -39.02
C2 BMA P . -17.60 -11.69 -39.99
C3 BMA P . -18.53 -12.50 -40.89
C4 BMA P . -17.66 -13.52 -41.62
C5 BMA P . -16.98 -14.35 -40.52
C6 BMA P . -16.27 -15.61 -41.00
O2 BMA P . -16.69 -10.95 -40.80
O3 BMA P . -19.16 -11.52 -41.73
O4 BMA P . -18.32 -14.33 -42.60
O5 BMA P . -16.11 -13.54 -39.74
O6 BMA P . -14.89 -15.59 -40.62
C1 MAN P . -20.61 -11.48 -41.59
C2 MAN P . -21.09 -10.19 -42.24
C3 MAN P . -20.52 -8.99 -41.49
C4 MAN P . -21.08 -8.99 -40.06
C5 MAN P . -20.72 -10.33 -39.45
C6 MAN P . -21.35 -10.47 -38.07
O2 MAN P . -22.51 -10.21 -42.09
O3 MAN P . -20.81 -7.79 -42.21
O4 MAN P . -20.36 -8.02 -39.28
O5 MAN P . -21.16 -11.42 -40.25
O6 MAN P . -21.69 -11.85 -37.85
C1 NAG P . -23.15 -9.59 -43.21
C2 NAG P . -24.48 -10.29 -43.45
C3 NAG P . -25.20 -9.61 -44.60
C4 NAG P . -25.34 -8.11 -44.33
C5 NAG P . -23.97 -7.51 -44.04
C6 NAG P . -24.06 -6.03 -43.67
C7 NAG P . -24.38 -12.69 -42.91
C8 NAG P . -24.81 -12.34 -41.52
N2 NAG P . -24.25 -11.69 -43.78
O3 NAG P . -26.51 -10.19 -44.74
O4 NAG P . -25.86 -7.49 -45.52
O5 NAG P . -23.38 -8.20 -42.94
O6 NAG P . -24.62 -5.90 -42.35
O7 NAG P . -24.16 -13.84 -43.23
C1 GAL P . -27.15 -6.92 -45.26
C2 GAL P . -27.27 -5.62 -46.05
C3 GAL P . -28.63 -4.97 -45.79
C4 GAL P . -29.73 -5.98 -46.07
C5 GAL P . -29.47 -7.26 -45.26
C6 GAL P . -30.56 -8.29 -45.53
O2 GAL P . -26.22 -4.72 -45.65
O3 GAL P . -28.77 -3.85 -46.67
O4 GAL P . -29.72 -6.30 -47.47
O5 GAL P . -28.20 -7.79 -45.65
O6 GAL P . -29.94 -9.51 -45.98
C1 SIA P . -29.22 -10.71 -47.47
C2 SIA P . -30.13 -10.85 -46.18
C3 SIA P . -31.64 -10.95 -46.43
C4 SIA P . -32.08 -12.26 -47.06
C5 SIA P . -31.55 -13.47 -46.27
C6 SIA P . -30.05 -13.33 -45.91
C7 SIA P . -29.68 -14.28 -44.75
C8 SIA P . -28.18 -14.16 -44.37
C9 SIA P . -27.83 -15.16 -43.27
C10 SIA P . -32.78 -15.57 -46.88
C11 SIA P . -32.74 -16.77 -47.83
N5 SIA P . -31.75 -14.69 -47.04
O1A SIA P . -28.00 -10.91 -47.22
O1B SIA P . -29.77 -10.43 -48.55
O4 SIA P . -33.52 -12.39 -47.10
O6 SIA P . -29.71 -12.04 -45.41
O7 SIA P . -30.53 -14.04 -43.64
O8 SIA P . -27.35 -14.34 -45.52
O9 SIA P . -26.50 -14.92 -42.81
O10 SIA P . -33.69 -15.44 -46.06
C1 NAG P . -20.89 -6.69 -39.37
C2 NAG P . -21.11 -6.15 -37.96
C3 NAG P . -21.51 -4.68 -38.00
C4 NAG P . -20.52 -3.89 -38.83
C5 NAG P . -20.41 -4.51 -40.22
C6 NAG P . -19.44 -3.73 -41.11
C7 NAG P . -22.00 -7.64 -36.24
C8 NAG P . -23.22 -8.33 -35.71
N2 NAG P . -22.19 -6.89 -37.32
O3 NAG P . -21.52 -4.17 -36.66
O4 NAG P . -20.95 -2.52 -38.94
O5 NAG P . -19.98 -5.86 -40.09
O6 NAG P . -18.11 -3.89 -40.61
O7 NAG P . -20.90 -7.75 -35.70
C1 MAN P . -14.17 -16.33 -41.61
C2 MAN P . -12.84 -16.83 -41.13
C3 MAN P . -11.83 -15.72 -40.86
C4 MAN P . -11.69 -14.73 -42.03
C5 MAN P . -13.14 -14.30 -42.40
C6 MAN P . -13.34 -13.49 -43.68
O2 MAN P . -12.40 -18.11 -41.64
O3 MAN P . -10.56 -16.24 -40.41
O4 MAN P . -10.68 -13.77 -41.57
O5 MAN P . -13.88 -15.50 -42.71
O6 MAN P . -14.69 -13.03 -43.82
C1 NAG P . -11.89 -18.07 -42.99
C2 NAG P . -10.67 -19.00 -43.01
C3 NAG P . -10.14 -19.14 -44.42
C4 NAG P . -11.26 -19.62 -45.33
C5 NAG P . -12.45 -18.68 -45.28
C6 NAG P . -13.63 -19.38 -45.94
C7 NAG P . -9.41 -18.93 -40.91
C8 NAG P . -10.28 -20.06 -40.44
N2 NAG P . -9.62 -18.47 -42.14
O3 NAG P . -9.09 -20.13 -44.40
O4 NAG P . -10.79 -19.99 -46.64
O5 NAG P . -12.88 -18.53 -43.93
O6 NAG P . -14.52 -19.89 -44.94
O7 NAG P . -8.53 -18.46 -40.20
C1 GAL P . -10.70 -18.94 -47.63
C2 GAL P . -9.25 -18.67 -48.02
C3 GAL P . -9.14 -17.60 -49.11
C4 GAL P . -9.97 -18.04 -50.30
C5 GAL P . -11.39 -18.28 -49.81
C6 GAL P . -12.31 -18.67 -50.98
O2 GAL P . -8.51 -18.23 -46.88
O3 GAL P . -7.76 -17.46 -49.51
O4 GAL P . -9.44 -19.28 -50.81
O5 GAL P . -11.40 -19.31 -48.82
O6 GAL P . -11.85 -19.87 -51.62
C1 SIA P . -12.50 -21.77 -51.92
C2 SIA P . -12.56 -20.38 -52.68
C3 SIA P . -11.98 -20.35 -54.10
C4 SIA P . -12.74 -21.25 -55.08
C5 SIA P . -14.24 -20.94 -55.07
C6 SIA P . -14.83 -20.74 -53.64
C7 SIA P . -16.13 -19.91 -53.71
C8 SIA P . -16.94 -20.01 -52.40
C9 SIA P . -18.04 -18.97 -52.34
C10 SIA P . -15.45 -22.08 -56.97
C11 SIA P . -16.16 -23.37 -57.36
N5 SIA P . -14.97 -22.06 -55.69
O1A SIA P . -13.31 -21.84 -50.97
O1B SIA P . -11.67 -22.63 -52.34
O4 SIA P . -12.29 -21.06 -56.43
O6 SIA P . -13.97 -19.97 -52.80
O7 SIA P . -15.81 -18.55 -54.02
O8 SIA P . -17.46 -21.34 -52.25
O9 SIA P . -18.84 -19.16 -51.18
O10 SIA P . -15.33 -21.15 -57.76
C1 NAG P . -10.07 -12.89 -42.55
C2 NAG P . -9.87 -13.53 -43.92
C3 NAG P . -9.50 -12.45 -44.96
C4 NAG P . -10.52 -11.32 -44.93
C5 NAG P . -10.61 -10.75 -43.52
C6 NAG P . -11.75 -9.75 -43.37
C7 NAG P . -8.64 -15.45 -44.82
C8 NAG P . -7.51 -16.40 -44.52
N2 NAG P . -8.84 -14.54 -43.87
O3 NAG P . -9.50 -13.03 -46.28
O4 NAG P . -10.06 -10.29 -45.82
O5 NAG P . -10.97 -11.79 -42.63
O6 NAG P . -12.13 -9.61 -42.00
O7 NAG P . -9.31 -15.55 -45.83
C1 GAL P . -11.07 -9.92 -46.78
C2 GAL P . -11.07 -8.39 -46.93
C3 GAL P . -12.18 -7.97 -47.89
C4 GAL P . -12.00 -8.70 -49.21
C5 GAL P . -11.94 -10.21 -48.95
C6 GAL P . -11.73 -10.97 -50.26
O2 GAL P . -11.27 -7.75 -45.67
O3 GAL P . -12.09 -6.55 -48.12
O4 GAL P . -10.78 -8.27 -49.83
O5 GAL P . -10.84 -10.48 -48.08
O6 GAL P . -11.71 -12.37 -50.00
C1 NAG P . -18.41 -13.61 -43.86
C2 NAG P . -17.99 -14.45 -45.06
C3 NAG P . -18.11 -13.65 -46.34
C4 NAG P . -19.52 -13.14 -46.49
C5 NAG P . -19.89 -12.35 -45.24
C6 NAG P . -21.32 -11.84 -45.39
C7 NAG P . -16.13 -15.82 -45.70
C8 NAG P . -14.65 -15.98 -45.59
N2 NAG P . -16.60 -14.78 -45.04
O3 NAG P . -17.82 -14.45 -47.50
O4 NAG P . -19.60 -12.27 -47.63
O5 NAG P . -19.75 -13.17 -44.09
O6 NAG P . -21.46 -11.07 -46.58
O7 NAG P . -16.82 -16.60 -46.34
C1 FUC P . -7.56 -12.83 -32.51
C2 FUC P . -6.47 -13.45 -33.41
C3 FUC P . -5.24 -12.54 -33.46
C4 FUC P . -4.71 -12.27 -32.05
C5 FUC P . -5.83 -11.74 -31.16
C6 FUC P . -5.43 -11.70 -29.70
O2 FUC P . -6.95 -13.74 -34.72
O3 FUC P . -4.20 -13.16 -34.20
O4 FUC P . -4.19 -13.48 -31.49
O5 FUC P . -7.04 -12.55 -31.22
C1 NAG Q . 1.83 22.72 -9.60
C2 NAG Q . 0.45 23.38 -9.49
C3 NAG Q . 0.44 24.62 -10.37
C4 NAG Q . 1.57 25.57 -9.97
C5 NAG Q . 2.90 24.81 -10.00
C6 NAG Q . 4.03 25.67 -9.44
C7 NAG Q . -1.17 21.67 -8.99
C8 NAG Q . -2.25 20.77 -9.52
N2 NAG Q . -0.59 22.46 -9.89
O3 NAG Q . -0.83 25.27 -10.22
O4 NAG Q . 1.69 26.63 -10.93
O5 NAG Q . 2.81 23.66 -9.16
O6 NAG Q . 5.14 24.82 -9.09
O7 NAG Q . -0.85 21.69 -7.81
C1 NAG Q . 0.96 27.80 -10.50
C2 NAG Q . 1.72 29.06 -10.90
C3 NAG Q . 0.92 30.29 -10.51
C4 NAG Q . -0.47 30.23 -11.11
C5 NAG Q . -1.15 28.93 -10.69
C6 NAG Q . -2.52 28.81 -11.33
C7 NAG Q . 4.13 28.74 -10.88
C8 NAG Q . 5.40 28.89 -10.09
N2 NAG Q . 3.03 29.13 -10.26
O3 NAG Q . 1.59 31.47 -10.98
O4 NAG Q . -1.24 31.34 -10.67
O5 NAG Q . -0.34 27.82 -11.10
O6 NAG Q . -3.16 27.62 -10.87
O7 NAG Q . 4.13 28.32 -12.03
C1 NAG R . 17.74 20.94 4.73
C2 NAG R . 18.15 21.70 3.47
C3 NAG R . 19.26 22.66 3.92
C4 NAG R . 18.87 23.58 5.07
C5 NAG R . 18.24 22.75 6.20
C6 NAG R . 17.41 23.59 7.17
C7 NAG R . 18.40 21.09 1.14
C8 NAG R . 19.04 20.17 0.15
N2 NAG R . 18.69 20.87 2.42
O3 NAG R . 19.70 23.43 2.80
O4 NAG R . 20.15 24.06 5.52
O5 NAG R . 17.25 21.90 5.64
O6 NAG R . 16.39 24.29 6.44
O7 NAG R . 17.64 21.98 0.79
C1 NAG R . 20.07 25.31 6.24
C2 NAG R . 20.81 25.17 7.58
C3 NAG R . 20.61 26.46 8.36
C4 NAG R . 21.09 27.67 7.57
C5 NAG R . 20.42 27.65 6.19
C6 NAG R . 20.96 28.77 5.30
C7 NAG R . 20.93 22.89 8.42
C8 NAG R . 20.26 21.86 9.30
N2 NAG R . 20.31 24.06 8.36
O3 NAG R . 21.35 26.36 9.59
O4 NAG R . 20.58 28.82 8.28
O5 NAG R . 20.66 26.41 5.54
O6 NAG R . 20.73 28.43 3.93
O7 NAG R . 21.96 22.65 7.81
C1 BMA R . 21.61 29.68 8.82
C2 BMA R . 21.71 29.47 10.34
C3 BMA R . 22.74 30.42 10.94
C4 BMA R . 24.06 30.28 10.19
C5 BMA R . 23.82 30.43 8.69
C6 BMA R . 25.12 30.31 7.92
O2 BMA R . 22.10 28.13 10.64
O3 BMA R . 22.97 30.07 12.31
O4 BMA R . 24.96 31.31 10.63
O5 BMA R . 22.91 29.42 8.26
O6 BMA R . 24.81 30.21 6.52
C1 MAN R . 22.62 31.22 13.10
C2 MAN R . 23.27 31.14 14.47
C3 MAN R . 22.82 29.90 15.24
C4 MAN R . 21.30 29.91 15.30
C5 MAN R . 20.74 30.07 13.90
C6 MAN R . 19.23 30.18 13.97
O2 MAN R . 22.82 32.29 15.19
O3 MAN R . 23.35 29.94 16.56
O4 MAN R . 20.84 28.69 15.87
O5 MAN R . 21.21 31.28 13.32
O6 MAN R . 18.73 30.63 12.71
C1 NAG R . 23.60 33.39 14.70
C2 NAG R . 22.76 34.67 14.71
C3 NAG R . 23.62 35.83 14.26
C4 NAG R . 24.88 35.92 15.11
C5 NAG R . 25.62 34.59 15.08
C6 NAG R . 26.86 34.60 15.98
C7 NAG R . 20.43 34.11 14.23
C8 NAG R . 19.36 34.06 13.17
N2 NAG R . 21.61 34.55 13.82
O3 NAG R . 22.89 37.05 14.36
O4 NAG R . 25.74 36.94 14.58
O5 NAG R . 24.74 33.56 15.53
O6 NAG R . 26.50 34.06 17.25
O7 NAG R . 20.21 33.79 15.38
C1 MAN R . 25.23 31.42 5.85
C2 MAN R . 24.01 32.07 5.21
C3 MAN R . 23.40 31.12 4.20
C4 MAN R . 24.46 30.67 3.21
C5 MAN R . 25.66 30.10 3.95
C6 MAN R . 26.74 29.65 2.99
O2 MAN R . 24.44 33.25 4.51
O3 MAN R . 22.32 31.77 3.51
O4 MAN R . 23.91 29.64 2.36
O5 MAN R . 26.17 31.12 4.81
O6 MAN R . 27.19 28.34 3.34
C1 NAG R . 24.00 34.44 5.19
C2 NAG R . 24.63 35.64 4.49
C3 NAG R . 24.21 36.93 5.18
C4 NAG R . 22.69 37.00 5.17
C5 NAG R . 22.11 35.76 5.84
C6 NAG R . 20.59 35.78 5.79
C7 NAG R . 26.77 35.15 3.41
C8 NAG R . 26.00 34.87 2.17
N2 NAG R . 26.08 35.51 4.49
O3 NAG R . 24.74 38.04 4.46
O4 NAG R . 22.28 38.16 5.91
O5 NAG R . 22.58 34.59 5.16
O6 NAG R . 20.13 37.13 5.67
O7 NAG R . 27.99 35.05 3.45
C1 NAG S . -0.19 19.04 -2.53
C2 NAG S . 0.79 20.11 -2.05
C3 NAG S . 0.98 20.00 -0.54
C4 NAG S . -0.38 20.10 0.15
C5 NAG S . -1.32 19.04 -0.42
C6 NAG S . -2.71 19.14 0.20
C7 NAG S . 2.25 20.68 -3.89
C8 NAG S . 3.60 20.50 -4.52
N2 NAG S . 2.05 20.03 -2.75
O3 NAG S . 1.86 21.04 -0.09
O4 NAG S . -0.27 19.88 1.57
O5 NAG S . -1.43 19.21 -1.84
O6 NAG S . -3.31 20.38 -0.19
O7 NAG S . 1.38 21.37 -4.40
C1 NAG S . -0.23 21.15 2.23
C2 NAG S . -1.02 21.09 3.54
C3 NAG S . -0.98 22.44 4.25
C4 NAG S . 0.46 22.88 4.43
C5 NAG S . 1.22 22.83 3.11
C6 NAG S . 2.69 23.16 3.35
C7 NAG S . -3.37 21.30 2.76
C8 NAG S . -4.70 20.61 2.77
N2 NAG S . -2.40 20.64 3.40
O3 NAG S . -1.63 22.27 5.51
O4 NAG S . 0.41 24.27 4.75
O5 NAG S . 1.11 21.52 2.54
O6 NAG S . 3.34 23.45 2.11
O7 NAG S . -3.22 22.36 2.19
C1 BMA S . 0.43 24.44 6.17
C2 BMA S . 1.38 25.59 6.46
C3 BMA S . 1.42 25.84 7.95
C4 BMA S . 0.01 26.03 8.49
C5 BMA S . -0.85 24.84 8.09
C6 BMA S . -2.29 25.05 8.53
O2 BMA S . 0.91 26.76 5.79
O3 BMA S . 2.22 27.01 8.10
O4 BMA S . 0.04 26.10 9.92
O5 BMA S . -0.85 24.76 6.67
O6 BMA S . -2.66 26.34 8.05
C1 MAN S . 3.05 26.86 9.28
C2 MAN S . 3.86 28.16 9.48
C3 MAN S . 4.97 28.35 8.45
C4 MAN S . 5.82 27.08 8.37
C5 MAN S . 4.90 25.89 8.12
C6 MAN S . 5.71 24.60 7.97
O2 MAN S . 4.19 28.38 10.85
O3 MAN S . 5.81 29.44 8.85
O4 MAN S . 6.75 27.20 7.28
O5 MAN S . 3.99 25.77 9.21
O6 MAN S . 6.55 24.44 9.12
C1 MAN S . 3.61 29.65 11.25
C2 MAN S . 3.91 29.91 12.73
C3 MAN S . 3.27 28.83 13.59
C4 MAN S . 1.77 28.84 13.35
C5 MAN S . 1.50 28.69 11.86
C6 MAN S . 0.01 28.79 11.60
O2 MAN S . 3.23 31.13 13.03
O3 MAN S . 3.54 29.09 14.98
O4 MAN S . 1.19 27.70 13.98
O5 MAN S . 2.18 29.70 11.13
O6 MAN S . -0.66 27.97 12.56
C1 MAN S . 4.10 32.22 13.42
C2 MAN S . 3.19 33.35 13.88
C3 MAN S . 2.30 33.79 12.73
C4 MAN S . 3.18 34.22 11.57
C5 MAN S . 4.13 33.09 11.22
C6 MAN S . 5.09 33.51 10.10
O2 MAN S . 4.04 34.47 14.19
O3 MAN S . 1.47 34.87 13.15
O4 MAN S . 2.35 34.50 10.44
O5 MAN S . 4.91 32.74 12.36
O6 MAN S . 6.08 32.49 9.94
C1 MAN S . -4.06 26.61 8.27
C2 MAN S . -4.41 27.77 7.37
C3 MAN S . -3.53 28.94 7.80
C4 MAN S . -3.73 29.27 9.28
C5 MAN S . -3.45 27.99 10.07
C6 MAN S . -3.59 28.19 11.57
O2 MAN S . -5.79 28.12 7.54
O3 MAN S . -3.61 30.05 6.91
O4 MAN S . -2.81 30.30 9.66
O5 MAN S . -4.35 26.98 9.62
O6 MAN S . -4.72 29.03 11.82
C1 MAN S . -5.27 28.88 13.13
C2 MAN S . -5.90 27.51 13.32
C3 MAN S . -6.93 27.29 12.22
C4 MAN S . -7.87 28.47 12.13
C5 MAN S . -7.09 29.78 12.09
C6 MAN S . -8.00 30.99 12.03
O2 MAN S . -6.58 27.46 14.60
O3 MAN S . -7.68 26.11 12.53
O4 MAN S . -8.57 28.36 10.89
O5 MAN S . -6.29 29.85 13.27
O6 MAN S . -7.97 31.68 13.29
C1 MAN S . -5.63 27.33 15.66
C2 MAN S . -4.95 25.97 15.55
C3 MAN S . -5.97 24.86 15.76
C4 MAN S . -6.66 25.05 17.10
C5 MAN S . -7.26 26.44 17.14
C6 MAN S . -7.92 26.67 18.51
O2 MAN S . -3.92 25.86 16.54
O3 MAN S . -5.31 23.59 15.72
O4 MAN S . -7.68 24.06 17.27
O5 MAN S . -6.22 27.41 16.96
O6 MAN S . -6.97 26.38 19.54
C1 MAN S . -2.52 29.86 5.98
C2 MAN S . -1.88 31.21 5.64
C3 MAN S . -2.85 32.12 4.91
C4 MAN S . -3.43 31.38 3.71
C5 MAN S . -4.02 30.05 4.15
C6 MAN S . -4.61 29.29 2.98
O2 MAN S . -0.73 30.99 4.82
O3 MAN S . -2.16 33.29 4.47
O4 MAN S . -4.45 32.18 3.09
O5 MAN S . -2.98 29.27 4.74
O6 MAN S . -5.13 28.03 3.43
C1 NAG T . -25.54 8.37 -30.90
C2 NAG T . -25.14 8.71 -32.34
C3 NAG T . -25.37 10.18 -32.64
C4 NAG T . -26.81 10.58 -32.29
C5 NAG T . -27.09 10.20 -30.85
C6 NAG T . -28.52 10.56 -30.44
C7 NAG T . -23.28 7.19 -32.80
C8 NAG T . -21.79 7.11 -33.01
N2 NAG T . -23.74 8.41 -32.57
O3 NAG T . -25.12 10.43 -34.02
O4 NAG T . -26.99 12.00 -32.44
O5 NAG T . -26.89 8.80 -30.67
O6 NAG T . -29.44 9.91 -31.31
O7 NAG T . -24.00 6.21 -32.83
C1 NAG T . -27.76 12.29 -33.62
C2 NAG T . -28.66 13.50 -33.34
C3 NAG T . -29.41 13.89 -34.60
C4 NAG T . -28.44 14.10 -35.76
C5 NAG T . -27.60 12.86 -35.93
C6 NAG T . -26.60 13.00 -37.09
C7 NAG T . -29.64 13.78 -31.13
C8 NAG T . -30.74 13.35 -30.18
N2 NAG T . -29.65 13.19 -32.32
O3 NAG T . -30.14 15.10 -34.36
O4 NAG T . -29.16 14.37 -36.96
O5 NAG T . -26.90 12.57 -34.72
O6 NAG T . -25.48 13.78 -36.65
O7 NAG T . -28.81 14.61 -30.81
C1 NAG U . -8.10 -1.15 -4.25
C2 NAG U . -6.85 -1.42 -3.40
C3 NAG U . -7.18 -2.27 -2.18
C4 NAG U . -8.25 -1.52 -1.38
C5 NAG U . -9.49 -1.22 -2.23
C6 NAG U . -10.48 -0.26 -1.55
C7 NAG U . -4.84 -1.23 -4.71
C8 NAG U . -3.79 -1.95 -5.51
N2 NAG U . -5.79 -2.00 -4.19
O3 NAG U . -6.01 -2.41 -1.37
O4 NAG U . -8.27 -1.84 0.03
O5 NAG U . -9.06 -0.50 -3.40
O6 NAG U . -9.90 1.05 -1.46
O7 NAG U . -4.82 -0.02 -4.55
C1 NAG U . -9.34 -2.63 0.63
C2 NAG U . -8.78 -3.52 1.74
C3 NAG U . -9.88 -4.28 2.50
C4 NAG U . -10.91 -3.27 2.97
C5 NAG U . -11.47 -2.45 1.81
C6 NAG U . -12.36 -1.33 2.34
C7 NAG U . -6.89 -5.07 1.98
C8 NAG U . -5.95 -6.02 1.28
N2 NAG U . -7.80 -4.46 1.21
O3 NAG U . -9.29 -4.88 3.65
O4 NAG U . -11.78 -3.61 4.08
O5 NAG U . -10.36 -1.79 1.17
O6 NAG U . -13.67 -1.84 2.61
O7 NAG U . -6.80 -4.88 3.18
C1 BMA U . -12.74 -4.66 3.82
C2 BMA U . -12.35 -5.94 4.53
C3 BMA U . -13.37 -7.07 4.36
C4 BMA U . -14.74 -6.57 4.81
C5 BMA U . -15.04 -5.29 4.04
C6 BMA U . -16.41 -4.74 4.42
O2 BMA U . -12.19 -5.69 5.93
O3 BMA U . -12.95 -8.18 5.19
O4 BMA U . -15.76 -7.54 4.51
O5 BMA U . -14.04 -4.30 4.30
O6 BMA U . -16.67 -4.90 5.84
C1 MAN U . -17.61 -3.88 6.27
C2 MAN U . -17.39 -3.60 7.76
C3 MAN U . -17.70 -4.83 8.59
C4 MAN U . -19.08 -5.37 8.26
C5 MAN U . -19.22 -5.54 6.75
C6 MAN U . -20.65 -5.96 6.41
O2 MAN U . -18.24 -2.51 8.15
O3 MAN U . -17.50 -4.52 9.99
O4 MAN U . -19.24 -6.68 8.84
O5 MAN U . -18.97 -4.29 6.12
O6 MAN U . -20.86 -5.69 5.02
C1 MAN U . -18.73 -4.32 10.72
C2 MAN U . -18.73 -2.96 11.41
C3 MAN U . -17.59 -2.90 12.43
C4 MAN U . -17.66 -4.09 13.37
C5 MAN U . -17.72 -5.38 12.55
C6 MAN U . -17.76 -6.61 13.45
O2 MAN U . -19.98 -2.77 12.09
O3 MAN U . -17.71 -1.69 13.19
O4 MAN U . -16.49 -4.11 14.20
O5 MAN U . -18.88 -5.33 11.73
O6 MAN U . -16.48 -6.80 14.06
C1 MAN U . -22.11 -6.25 4.59
C2 MAN U . -22.02 -7.78 4.59
C3 MAN U . -20.94 -8.24 3.63
C4 MAN U . -21.16 -7.61 2.25
C5 MAN U . -21.32 -6.09 2.40
C6 MAN U . -21.54 -5.42 1.06
O2 MAN U . -23.28 -8.34 4.20
O3 MAN U . -20.96 -9.66 3.51
O4 MAN U . -20.04 -7.88 1.42
O5 MAN U . -22.43 -5.83 3.26
O6 MAN U . -22.75 -5.92 0.46
C1 MAN U . -13.18 -9.46 4.55
C2 MAN U . -12.69 -10.57 5.48
C3 MAN U . -11.16 -10.50 5.65
C4 MAN U . -10.50 -10.55 4.27
C5 MAN U . -11.09 -9.45 3.40
C6 MAN U . -10.48 -9.43 2.01
O2 MAN U . -13.04 -11.85 4.94
O3 MAN U . -10.71 -11.61 6.43
O4 MAN U . -9.10 -10.34 4.41
O5 MAN U . -12.50 -9.62 3.30
O6 MAN U . -11.03 -10.51 1.23
C1 NAG V . -3.87 2.89 -1.55
C2 NAG V . -3.35 2.03 -0.41
C3 NAG V . -4.45 1.19 0.23
C4 NAG V . -5.58 2.08 0.74
C5 NAG V . -6.02 2.92 -0.45
C6 NAG V . -7.21 3.82 -0.14
C7 NAG V . -1.02 1.41 -0.71
C8 NAG V . -0.06 0.41 -1.26
N2 NAG V . -2.31 1.14 -0.89
O3 NAG V . -3.87 0.46 1.30
O4 NAG V . -6.67 1.19 1.07
O5 NAG V . -4.95 3.69 -1.02
O6 NAG V . -6.73 5.07 0.40
O7 NAG V . -0.64 2.41 -0.12
C1 NAG V . -7.17 1.06 2.45
C2 NAG V . -6.06 0.91 3.52
C3 NAG V . -6.75 0.61 4.85
C4 NAG V . -7.81 1.63 5.24
C5 NAG V . -8.70 1.91 4.04
C6 NAG V . -9.64 3.08 4.35
C7 NAG V . -5.35 -1.43 3.10
C8 NAG V . -4.16 -2.30 2.81
N2 NAG V . -5.09 -0.13 3.22
O3 NAG V . -5.75 0.53 5.88
O4 NAG V . -8.67 0.88 6.10
O5 NAG V . -7.94 2.22 2.86
O6 NAG V . -10.61 3.21 3.31
O7 NAG V . -6.46 -1.92 3.21
C1 BMA V . -8.66 1.21 7.49
C2 BMA V . -10.10 1.46 7.89
C3 BMA V . -10.28 1.73 9.38
C4 BMA V . -9.58 0.61 10.16
C5 BMA V . -8.14 0.47 9.68
C6 BMA V . -7.42 -0.63 10.46
O2 BMA V . -10.90 0.33 7.52
O3 BMA V . -11.69 1.68 9.64
O4 BMA V . -9.58 0.91 11.56
O5 BMA V . -8.15 0.15 8.29
O6 BMA V . -8.18 -1.85 10.39
C1 MAN V . -12.10 2.65 10.61
C2 MAN V . -13.55 2.36 11.02
C3 MAN V . -14.49 2.56 9.84
C4 MAN V . -14.30 3.95 9.26
C5 MAN V . -12.83 4.17 8.94
C6 MAN V . -12.61 5.57 8.39
O2 MAN V . -13.94 3.22 12.09
O3 MAN V . -15.85 2.39 10.27
O4 MAN V . -15.09 4.09 8.08
O5 MAN V . -12.07 4.01 10.13
O6 MAN V . -13.11 6.53 9.32
C1 MAN V . -7.32 -2.95 10.79
C2 MAN V . -7.85 -4.25 10.19
C3 MAN V . -9.23 -4.58 10.75
C4 MAN V . -9.17 -4.58 12.28
C5 MAN V . -8.58 -3.26 12.76
C6 MAN V . -8.50 -3.21 14.28
O2 MAN V . -6.94 -5.32 10.48
O3 MAN V . -9.64 -5.88 10.29
O4 MAN V . -10.49 -4.74 12.80
O5 MAN V . -7.27 -3.11 12.21
O6 MAN V . -7.52 -4.14 14.74
C1 NAG W . -15.67 7.00 -4.47
C2 NAG W . -16.66 5.86 -4.22
C3 NAG W . -17.76 6.35 -3.29
C4 NAG W . -17.18 6.94 -2.00
C5 NAG W . -16.13 8.01 -2.33
C6 NAG W . -15.40 8.39 -1.05
C7 NAG W . -17.25 4.11 -5.77
C8 NAG W . -17.89 3.76 -7.08
N2 NAG W . -17.25 5.40 -5.45
O3 NAG W . -18.58 5.23 -2.94
O4 NAG W . -18.27 7.59 -1.35
O5 NAG W . -15.15 7.44 -3.19
O6 NAG W . -14.24 9.21 -1.27
O7 NAG W . -16.76 3.26 -5.04
C1 NAG W . -18.38 7.22 0.04
C2 NAG W . -18.94 8.43 0.77
C3 NAG W . -19.10 8.09 2.25
C4 NAG W . -19.99 6.86 2.37
C5 NAG W . -19.38 5.70 1.58
C6 NAG W . -20.24 4.44 1.64
C7 NAG W . -18.54 10.66 -0.05
C8 NAG W . -17.57 11.81 -0.16
N2 NAG W . -18.10 9.59 0.60
O3 NAG W . -19.65 9.21 2.94
O4 NAG W . -20.23 6.55 3.76
O5 NAG W . -19.25 6.09 0.22
O6 NAG W . -19.85 3.57 0.58
O7 NAG W . -19.67 10.73 -0.51
C1 BMA W . -21.64 6.58 4.17
C2 BMA W . -22.33 7.94 3.90
C3 BMA W . -23.71 7.94 4.54
C4 BMA W . -24.49 6.74 4.00
C5 BMA W . -23.69 5.45 4.17
C6 BMA W . -24.47 4.27 3.57
O2 BMA W . -22.60 8.14 2.51
O3 BMA W . -24.35 9.15 4.10
O4 BMA W . -25.72 6.65 4.71
O5 BMA W . -22.45 5.59 3.50
O6 BMA W . -23.65 3.09 3.56
C1 MAN W . -24.54 10.05 5.22
C2 MAN W . -25.57 11.10 4.80
C3 MAN W . -25.02 11.97 3.67
C4 MAN W . -23.67 12.57 4.09
C5 MAN W . -22.75 11.44 4.53
C6 MAN W . -21.40 11.99 4.97
O2 MAN W . -25.88 11.93 5.92
O3 MAN W . -25.94 13.04 3.39
O4 MAN W . -23.09 13.26 2.98
O5 MAN W . -23.35 10.74 5.61
O6 MAN W . -20.57 10.92 5.43
C1 MAN W . -24.47 1.98 3.98
C2 MAN W . -23.68 1.10 4.95
C3 MAN W . -22.48 0.47 4.25
C4 MAN W . -22.96 -0.28 3.00
C5 MAN W . -23.76 0.67 2.13
C6 MAN W . -24.25 -0.04 0.87
O2 MAN W . -24.53 0.07 5.47
O3 MAN W . -21.84 -0.46 5.13
O4 MAN W . -21.83 -0.78 2.27
O5 MAN W . -24.88 1.16 2.88
O6 MAN W . -24.90 0.90 0.01
C1 FUC W . -14.22 10.28 -0.30
C2 FUC W . -13.50 9.82 0.99
C3 FUC W . -12.07 9.39 0.64
C4 FUC W . -11.32 10.56 -0.01
C5 FUC W . -12.14 11.16 -1.18
C6 FUC W . -11.59 12.51 -1.66
O2 FUC W . -14.19 8.81 1.72
O3 FUC W . -11.37 9.04 1.84
O4 FUC W . -11.04 11.55 0.95
O5 FUC W . -13.54 11.38 -0.84
C1 NAG X . 3.81 20.40 -20.69
C2 NAG X . 3.04 21.69 -20.95
C3 NAG X . 2.89 21.96 -22.43
C4 NAG X . 4.22 21.94 -23.16
C5 NAG X . 4.91 20.62 -22.79
C6 NAG X . 6.29 20.48 -23.45
C7 NAG X . 1.41 22.13 -19.20
C8 NAG X . -0.01 21.93 -18.76
N2 NAG X . 1.72 21.59 -20.38
O3 NAG X . 2.32 23.27 -22.54
O4 NAG X . 3.85 21.80 -24.54
O5 NAG X . 5.05 20.47 -21.39
O6 NAG X . 7.28 21.05 -22.58
O7 NAG X . 2.22 22.75 -18.54
C1 NAG X . 4.27 22.82 -25.51
C2 NAG X . 3.95 24.26 -25.07
C3 NAG X . 4.21 25.13 -26.29
C4 NAG X . 5.61 24.98 -26.87
C5 NAG X . 5.99 23.50 -26.97
C6 NAG X . 7.49 23.35 -27.18
C7 NAG X . 1.47 24.19 -25.23
C8 NAG X . 0.20 24.52 -24.48
N2 NAG X . 2.59 24.47 -24.58
O3 NAG X . 3.97 26.51 -25.95
O4 NAG X . 5.28 25.36 -28.22
O5 NAG X . 5.69 22.82 -25.74
O6 NAG X . 7.87 21.97 -27.06
O7 NAG X . 1.43 23.71 -26.36
C1 BMA X . 6.25 26.12 -29.01
C2 BMA X . 5.82 27.59 -29.04
C3 BMA X . 6.73 28.35 -30.01
C4 BMA X . 8.18 28.11 -29.62
C5 BMA X . 8.46 26.62 -29.49
C6 BMA X . 9.90 26.36 -29.07
O2 BMA X . 5.94 28.16 -27.73
O3 BMA X . 6.43 29.75 -29.94
O4 BMA X . 9.02 28.67 -30.64
O5 BMA X . 7.59 26.09 -28.50
O6 BMA X . 10.23 27.32 -28.06
C1 MAN X . 11.58 27.12 -27.61
C2 MAN X . 11.77 27.90 -26.31
C3 MAN X . 11.59 29.39 -26.60
C4 MAN X . 12.53 29.83 -27.71
C5 MAN X . 12.30 28.94 -28.93
C6 MAN X . 13.19 29.32 -30.09
O2 MAN X . 13.09 27.67 -25.81
O3 MAN X . 11.81 30.16 -25.41
O4 MAN X . 12.23 31.19 -28.07
O5 MAN X . 12.55 27.58 -28.56
O6 MAN X . 14.40 28.55 -30.04
C1 MAN X . 10.54 30.64 -24.94
C2 MAN X . 10.65 32.13 -24.65
C3 MAN X . 11.67 32.37 -23.54
C4 MAN X . 11.32 31.51 -22.33
C5 MAN X . 11.17 30.06 -22.75
C6 MAN X . 10.81 29.18 -21.57
O2 MAN X . 9.37 32.63 -24.25
O3 MAN X . 11.64 33.76 -23.17
O4 MAN X . 12.37 31.62 -21.35
O5 MAN X . 10.14 29.98 -23.74
O6 MAN X . 10.68 27.82 -22.01
C1 NAG Y . -17.90 17.07 -13.79
C2 NAG Y . -18.93 16.31 -12.95
C3 NAG Y . -20.32 16.54 -13.52
C4 NAG Y . -20.60 18.03 -13.62
C5 NAG Y . -19.51 18.71 -14.43
C6 NAG Y . -19.73 20.22 -14.47
C7 NAG Y . -18.98 14.11 -11.89
C8 NAG Y . -18.61 12.66 -12.04
N2 NAG Y . -18.65 14.89 -12.92
O3 NAG Y . -21.31 15.92 -12.69
O4 NAG Y . -21.86 18.22 -14.28
O5 NAG Y . -18.25 18.45 -13.82
O6 NAG Y . -18.64 20.85 -15.14
O7 NAG Y . -19.54 14.54 -10.91
#